data_9BTX
#
_entry.id   9BTX
#
_cell.length_a   217.129
_cell.length_b   70.405
_cell.length_c   143.573
_cell.angle_alpha   90.00
_cell.angle_beta   104.61
_cell.angle_gamma   90.00
#
_symmetry.space_group_name_H-M   'C 1 2 1'
#
loop_
_entity.id
_entity.type
_entity.pdbx_description
1 polymer 'Major histocompatibility complex class I-related gene protein'
2 polymer Beta-2-microglobulin
3 polymer 'Human TCR TRAV1-2_ALPHA'
4 polymer 'Human TCR TRBV6-1_BETA'
5 non-polymer GLYCEROL
6 non-polymer 'Protocatechuic aldehyde'
7 non-polymer 'ACETATE ION'
8 non-polymer 'SODIUM ION'
9 water water
#
loop_
_entity_poly.entity_id
_entity_poly.type
_entity_poly.pdbx_seq_one_letter_code
_entity_poly.pdbx_strand_id
1 'polypeptide(L)'
;MRTHSLRYFRLGVSDPIHGVPEFISVGYVDSHPITTYDSVTRQKEPRAPWMAENLAPDHWERYTQLLRGWQQMFKVELKR
LQRHYNHSGSHTYQRMIGCELLEDGSTTGFLQYAYDGQDFLIFNKDTLSWLAVDNVAHTIKQAWEANQHELLYQKNWLEE
ECIAWLKRFLEYGKDTLQRTEPPLVRVNRKETFPGVTALFCKAHGFYPPEIYMTWMKNGEEIVQEIDYGDILPSGDGTYQ
AWASIELDPQSSNLYSCHVEHSGVHMVLQVP
;
A,C
2 'polypeptide(L)'
;MIQRTPKIQVYSRHPAENGKSNFLNCYVSGFHPSDIEVDLLKNGERIEKVEHSDLSFSKDWSFYLLYYTEFTPTEKDEYA
CRVNHVTLSQPKIVKWDRDM
;
B,F
3 'polypeptide(L)'
;MGQNIDQPTEMTATEGAIVQINCTYQTSGFNGLFWYQQHAGEAPTFLSYNVLDGLEEKGRFSSFLSRSKGYSYLLLKELQ
MKDSASYLCAVKDSNYQLIWGAGTKLIIKPDIQNPDPAVYQLRDSKSSDKSVCLFTDFDSQTNVSQSKDSDVYITDKCVL
DMRSMDFKSNSAVAWSNKSDFACANAFNNSIIPEDTFFPSPESS
;
D,G
4 'polypeptide(L)'
;MNAGVTQTPKFQVLKTGQSMTLQCAQDMNHNSMYWYRQDPGMGLRLIYYSASEGTTDKGEVPNGYNVSRLNKREFSLRLE
SAAPSQTSVYFCASSVWTGEGSGELFFGEGSRLTVLEDLKNVFPPEVAVFEPSEAEISHTQKATLVCLATGFYPDHVELS
WWVNGKEVHSGVCTDPQPLKEQPALNDSRYALSSRLRVSATFWQNPRNHFRCQVQFYGLSENDEWTQDRAKPVTQIVSAE
AWGRAD
;
E,H
#
# COMPACT_ATOMS: atom_id res chain seq x y z
N MET A 1 40.78 10.76 51.92
CA MET A 1 40.01 11.71 51.12
C MET A 1 39.03 12.48 52.01
N ARG A 2 38.95 13.79 51.82
CA ARG A 2 37.98 14.60 52.54
C ARG A 2 36.57 14.31 52.07
N THR A 3 35.59 14.88 52.78
CA THR A 3 34.20 14.77 52.37
C THR A 3 33.98 15.58 51.10
N HIS A 4 33.30 14.97 50.13
CA HIS A 4 32.97 15.62 48.87
C HIS A 4 31.50 15.44 48.57
N SER A 5 30.96 16.33 47.75
CA SER A 5 29.54 16.31 47.43
C SER A 5 29.31 16.65 45.98
N LEU A 6 28.20 16.16 45.45
CA LEU A 6 27.73 16.50 44.12
C LEU A 6 26.26 16.90 44.24
N ARG A 7 25.89 18.05 43.69
CA ARG A 7 24.52 18.55 43.77
CA ARG A 7 24.50 18.45 43.71
C ARG A 7 24.14 19.21 42.45
N TYR A 8 22.88 19.07 42.07
CA TYR A 8 22.30 19.75 40.91
C TYR A 8 21.13 20.60 41.38
N PHE A 9 21.12 21.85 40.94
CA PHE A 9 20.07 22.80 41.28
C PHE A 9 19.26 23.12 40.03
N ARG A 10 17.96 23.38 40.23
CA ARG A 10 17.11 23.90 39.18
C ARG A 10 16.34 25.10 39.71
N LEU A 11 16.17 26.12 38.86
CA LEU A 11 15.38 27.30 39.19
C LEU A 11 14.38 27.55 38.06
N GLY A 12 13.11 27.67 38.42
CA GLY A 12 12.08 28.03 37.47
C GLY A 12 11.33 29.28 37.89
N VAL A 13 11.15 30.23 36.97
CA VAL A 13 10.48 31.50 37.24
C VAL A 13 9.27 31.59 36.34
N SER A 14 8.11 31.94 36.92
CA SER A 14 6.86 31.85 36.18
C SER A 14 6.70 33.01 35.19
N ASP A 15 6.94 34.24 35.63
CA ASP A 15 6.83 35.42 34.77
C ASP A 15 8.11 36.24 34.87
N PRO A 16 9.19 35.77 34.27
CA PRO A 16 10.47 36.45 34.44
C PRO A 16 10.54 37.76 33.67
N ILE A 17 11.41 38.64 34.16
CA ILE A 17 11.72 39.88 33.45
C ILE A 17 12.27 39.54 32.07
N HIS A 18 11.95 40.39 31.10
CA HIS A 18 12.22 40.19 29.67
C HIS A 18 13.52 39.45 29.36
N GLY A 19 14.61 39.81 30.04
CA GLY A 19 15.89 39.20 29.75
C GLY A 19 16.17 37.93 30.53
N VAL A 20 15.65 37.85 31.75
CA VAL A 20 15.98 36.76 32.67
C VAL A 20 15.45 35.44 32.13
N PRO A 21 16.21 34.35 32.21
CA PRO A 21 15.68 33.06 31.78
C PRO A 21 14.60 32.55 32.72
N GLU A 22 13.69 31.75 32.17
CA GLU A 22 12.66 31.16 33.00
C GLU A 22 13.09 29.84 33.63
N PHE A 23 14.20 29.26 33.17
CA PHE A 23 14.68 27.99 33.70
C PHE A 23 16.20 28.00 33.70
N ILE A 24 16.80 27.50 34.78
CA ILE A 24 18.25 27.44 34.95
C ILE A 24 18.60 26.16 35.70
N SER A 25 19.60 25.43 35.22
CA SER A 25 20.11 24.25 35.91
C SER A 25 21.62 24.37 36.05
N VAL A 26 22.14 24.11 37.26
CA VAL A 26 23.57 24.19 37.54
C VAL A 26 23.97 23.04 38.45
N GLY A 27 25.04 22.34 38.10
CA GLY A 27 25.60 21.29 38.93
C GLY A 27 26.86 21.76 39.64
N TYR A 28 27.11 21.18 40.82
CA TYR A 28 28.28 21.53 41.63
C TYR A 28 28.95 20.27 42.13
N VAL A 29 30.28 20.28 42.16
CA VAL A 29 31.07 19.36 42.95
C VAL A 29 31.76 20.18 44.02
N ASP A 30 31.37 19.97 45.28
CA ASP A 30 31.74 20.83 46.40
C ASP A 30 31.29 22.24 46.06
N SER A 31 32.17 23.24 46.08
CA SER A 31 31.80 24.62 45.79
CA SER A 31 31.78 24.62 45.79
C SER A 31 32.04 25.01 44.34
N HIS A 32 32.50 24.08 43.50
CA HIS A 32 32.84 24.35 42.11
C HIS A 32 31.66 24.07 41.18
N PRO A 33 31.23 25.05 40.39
CA PRO A 33 30.27 24.74 39.32
C PRO A 33 30.90 23.84 38.27
N ILE A 34 30.13 22.85 37.81
CA ILE A 34 30.63 21.90 36.82
C ILE A 34 29.82 21.96 35.52
N THR A 35 28.51 22.20 35.61
CA THR A 35 27.67 22.23 34.41
C THR A 35 26.63 23.32 34.57
N THR A 36 26.07 23.75 33.43
CA THR A 36 25.03 24.77 33.43
C THR A 36 24.15 24.59 32.21
N TYR A 37 22.87 24.96 32.38
CA TYR A 37 21.89 24.95 31.31
C TYR A 37 20.86 26.02 31.62
N ASP A 38 20.37 26.71 30.58
CA ASP A 38 19.27 27.64 30.78
C ASP A 38 18.41 27.69 29.52
N SER A 39 17.21 28.26 29.68
CA SER A 39 16.23 28.31 28.61
C SER A 39 16.62 29.27 27.49
N VAL A 40 17.67 30.08 27.68
CA VAL A 40 18.12 30.98 26.63
C VAL A 40 19.10 30.28 25.69
N THR A 41 20.14 29.66 26.24
CA THR A 41 21.10 28.92 25.41
C THR A 41 20.54 27.58 24.94
N ARG A 42 19.68 26.96 25.76
CA ARG A 42 19.14 25.63 25.46
CA ARG A 42 19.14 25.62 25.47
C ARG A 42 20.25 24.61 25.20
N GLN A 43 21.40 24.80 25.84
CA GLN A 43 22.53 23.90 25.73
C GLN A 43 23.08 23.61 27.11
N LYS A 44 23.47 22.36 27.36
CA LYS A 44 24.20 22.03 28.58
C LYS A 44 25.69 22.12 28.29
N GLU A 45 26.39 22.93 29.07
CA GLU A 45 27.78 23.25 28.82
C GLU A 45 28.59 23.08 30.10
N PRO A 46 29.87 22.70 29.98
CA PRO A 46 30.72 22.60 31.16
C PRO A 46 31.02 23.97 31.75
N ARG A 47 31.20 23.99 33.08
CA ARG A 47 31.60 25.19 33.80
C ARG A 47 32.91 25.00 34.54
N ALA A 48 33.58 23.87 34.32
CA ALA A 48 34.89 23.61 34.88
C ALA A 48 35.73 22.99 33.76
N PRO A 49 36.99 23.39 33.64
CA PRO A 49 37.81 22.88 32.52
C PRO A 49 38.05 21.38 32.59
N TRP A 50 38.16 20.82 33.80
CA TRP A 50 38.36 19.37 33.89
C TRP A 50 37.10 18.59 33.57
N MET A 51 35.94 19.24 33.49
CA MET A 51 34.73 18.58 32.98
C MET A 51 34.73 18.56 31.46
N ALA A 52 35.06 19.68 30.83
CA ALA A 52 35.10 19.75 29.37
C ALA A 52 36.15 18.80 28.81
N GLU A 53 37.28 18.65 29.49
CA GLU A 53 38.38 17.86 28.96
C GLU A 53 38.14 16.36 29.05
N ASN A 54 37.20 15.92 29.89
CA ASN A 54 37.03 14.50 30.17
C ASN A 54 35.70 13.92 29.70
N LEU A 55 34.80 14.76 29.19
CA LEU A 55 33.49 14.32 28.74
C LEU A 55 33.36 14.63 27.26
N ALA A 56 33.10 13.59 26.46
CA ALA A 56 33.04 13.73 25.02
C ALA A 56 31.80 14.55 24.61
N PRO A 57 31.80 15.10 23.40
CA PRO A 57 30.65 15.89 22.95
C PRO A 57 29.33 15.14 22.98
N ASP A 58 29.34 13.81 22.82
CA ASP A 58 28.09 13.08 22.85
C ASP A 58 27.45 13.12 24.23
N HIS A 59 28.26 13.31 25.28
CA HIS A 59 27.69 13.47 26.62
C HIS A 59 26.93 14.78 26.74
N TRP A 60 27.49 15.88 26.22
CA TRP A 60 26.80 17.15 26.28
C TRP A 60 25.59 17.20 25.36
N GLU A 61 25.66 16.52 24.21
CA GLU A 61 24.51 16.47 23.32
C GLU A 61 23.34 15.74 23.98
N ARG A 62 23.63 14.61 24.65
CA ARG A 62 22.59 13.83 25.29
C ARG A 62 21.93 14.61 26.42
N TYR A 63 22.74 15.22 27.31
CA TYR A 63 22.13 15.92 28.44
C TYR A 63 21.47 17.23 28.02
N THR A 64 21.88 17.79 26.88
CA THR A 64 21.15 18.93 26.33
C THR A 64 19.71 18.54 25.99
N GLN A 65 19.52 17.37 25.38
CA GLN A 65 18.16 16.90 25.09
C GLN A 65 17.38 16.63 26.37
N LEU A 66 18.02 16.00 27.35
CA LEU A 66 17.33 15.70 28.60
C LEU A 66 16.88 16.96 29.30
N LEU A 67 17.76 17.98 29.36
CA LEU A 67 17.43 19.20 30.07
C LEU A 67 16.36 20.01 29.36
N ARG A 68 16.33 19.97 28.03
CA ARG A 68 15.20 20.57 27.33
C ARG A 68 13.88 19.92 27.75
N GLY A 69 13.89 18.60 27.96
CA GLY A 69 12.70 17.95 28.47
C GLY A 69 12.40 18.31 29.91
N TRP A 70 13.43 18.30 30.77
CA TRP A 70 13.23 18.67 32.16
C TRP A 70 12.77 20.12 32.29
N GLN A 71 13.25 21.01 31.42
CA GLN A 71 12.79 22.40 31.42
C GLN A 71 11.28 22.48 31.25
N GLN A 72 10.74 21.79 30.24
CA GLN A 72 9.29 21.79 30.05
C GLN A 72 8.58 21.20 31.25
N MET A 73 9.11 20.10 31.80
CA MET A 73 8.51 19.47 32.97
C MET A 73 8.44 20.45 34.14
N PHE A 74 9.51 21.23 34.34
CA PHE A 74 9.53 22.20 35.43
C PHE A 74 8.47 23.27 35.23
N LYS A 75 8.33 23.78 34.00
CA LYS A 75 7.31 24.78 33.71
C LYS A 75 5.91 24.26 34.02
N VAL A 76 5.63 22.99 33.66
CA VAL A 76 4.33 22.41 33.93
C VAL A 76 4.10 22.27 35.43
N GLU A 77 5.11 21.79 36.16
CA GLU A 77 4.98 21.66 37.61
C GLU A 77 4.77 23.01 38.27
N LEU A 78 5.47 24.05 37.80
CA LEU A 78 5.31 25.38 38.38
C LEU A 78 3.95 25.97 38.06
N LYS A 79 3.47 25.77 36.82
CA LYS A 79 2.12 26.21 36.49
C LYS A 79 1.10 25.57 37.42
N ARG A 80 1.27 24.29 37.74
CA ARG A 80 0.33 23.59 38.61
C ARG A 80 0.38 24.15 40.03
N LEU A 81 1.56 24.43 40.55
CA LEU A 81 1.67 24.95 41.92
C LEU A 81 1.02 26.32 42.05
N GLN A 82 1.34 27.23 41.13
CA GLN A 82 0.84 28.60 41.25
C GLN A 82 -0.66 28.66 41.06
N ARG A 83 -1.23 27.78 40.25
CA ARG A 83 -2.68 27.71 40.12
C ARG A 83 -3.32 27.20 41.41
N HIS A 84 -2.70 26.22 42.06
CA HIS A 84 -3.27 25.67 43.28
C HIS A 84 -3.00 26.57 44.49
N TYR A 85 -1.92 27.35 44.47
CA TYR A 85 -1.75 28.40 45.46
C TYR A 85 -2.67 29.59 45.21
N ASN A 86 -3.26 29.69 44.02
CA ASN A 86 -4.04 30.86 43.60
C ASN A 86 -3.20 32.12 43.69
N HIS A 87 -1.95 32.04 43.26
CA HIS A 87 -0.99 33.14 43.32
C HIS A 87 -0.89 33.84 41.97
N SER A 88 -0.85 35.17 42.01
CA SER A 88 -0.62 35.97 40.82
C SER A 88 0.82 36.49 40.80
N GLY A 89 1.23 37.02 39.65
CA GLY A 89 2.57 37.55 39.51
C GLY A 89 3.60 36.47 39.22
N SER A 90 4.85 36.81 39.48
CA SER A 90 5.98 35.92 39.22
C SER A 90 6.36 35.17 40.50
N HIS A 91 6.53 33.86 40.37
CA HIS A 91 6.91 33.01 41.49
C HIS A 91 7.99 32.05 41.06
N THR A 92 8.74 31.52 42.03
CA THR A 92 9.89 30.68 41.75
C THR A 92 9.66 29.26 42.26
N TYR A 93 10.27 28.32 41.55
CA TYR A 93 10.21 26.89 41.86
C TYR A 93 11.63 26.37 41.78
N GLN A 94 12.05 25.63 42.78
CA GLN A 94 13.44 25.19 42.86
C GLN A 94 13.51 23.72 43.24
N ARG A 95 14.55 23.07 42.75
CA ARG A 95 14.82 21.68 43.03
C ARG A 95 16.30 21.53 43.34
N MET A 96 16.62 20.68 44.30
CA MET A 96 18.00 20.36 44.61
CA MET A 96 18.01 20.36 44.62
C MET A 96 18.12 18.86 44.88
N ILE A 97 19.04 18.22 44.19
CA ILE A 97 19.30 16.80 44.38
C ILE A 97 20.81 16.62 44.48
N GLY A 98 21.23 15.63 45.26
CA GLY A 98 22.64 15.29 45.26
C GLY A 98 22.97 14.28 46.34
N CYS A 99 24.27 14.16 46.59
CA CYS A 99 24.81 13.15 47.49
C CYS A 99 26.13 13.62 48.04
N GLU A 100 26.55 12.97 49.14
CA GLU A 100 27.85 13.21 49.76
C GLU A 100 28.56 11.89 49.95
N LEU A 101 29.86 11.88 49.67
CA LEU A 101 30.74 10.77 49.97
C LEU A 101 31.60 11.19 51.16
N LEU A 102 31.24 10.71 52.34
CA LEU A 102 31.90 11.14 53.57
C LEU A 102 33.32 10.59 53.66
N GLU A 103 34.11 11.20 54.54
CA GLU A 103 35.51 10.82 54.70
C GLU A 103 35.64 9.35 55.12
N ASP A 104 34.77 8.89 56.04
CA ASP A 104 34.81 7.53 56.54
C ASP A 104 34.29 6.49 55.55
N GLY A 105 33.79 6.91 54.38
CA GLY A 105 33.28 6.00 53.38
C GLY A 105 31.77 5.88 53.33
N SER A 106 31.06 6.45 54.30
CA SER A 106 29.61 6.46 54.29
C SER A 106 29.08 7.51 53.32
N THR A 107 27.80 7.39 52.99
CA THR A 107 27.18 8.25 52.00
C THR A 107 25.88 8.84 52.54
N THR A 108 25.52 10.00 52.00
CA THR A 108 24.22 10.61 52.23
C THR A 108 23.62 10.96 50.87
N GLY A 109 22.30 11.09 50.85
CA GLY A 109 21.59 11.44 49.63
C GLY A 109 20.37 12.26 49.98
N PHE A 110 20.05 13.21 49.10
CA PHE A 110 18.98 14.14 49.40
C PHE A 110 18.33 14.62 48.11
N LEU A 111 17.06 14.98 48.22
CA LEU A 111 16.27 15.53 47.11
C LEU A 111 15.15 16.34 47.73
N GLN A 112 14.99 17.58 47.29
CA GLN A 112 13.96 18.43 47.86
C GLN A 112 13.60 19.52 46.86
N TYR A 113 12.49 20.20 47.13
CA TYR A 113 11.92 21.22 46.27
C TYR A 113 11.53 22.42 47.11
N ALA A 114 11.49 23.58 46.45
CA ALA A 114 11.11 24.81 47.12
C ALA A 114 10.18 25.62 46.24
N TYR A 115 9.26 26.32 46.88
CA TYR A 115 8.37 27.28 46.22
C TYR A 115 8.59 28.65 46.85
N ASP A 116 8.92 29.63 46.02
CA ASP A 116 9.26 30.97 46.49
C ASP A 116 10.36 30.94 47.56
N GLY A 117 11.33 30.03 47.39
CA GLY A 117 12.47 30.01 48.28
C GLY A 117 12.23 29.38 49.62
N GLN A 118 11.11 28.68 49.80
CA GLN A 118 10.78 28.02 51.05
C GLN A 118 10.57 26.54 50.78
N ASP A 119 10.98 25.71 51.75
CA ASP A 119 10.83 24.26 51.63
C ASP A 119 9.41 23.89 51.22
N PHE A 120 9.30 22.98 50.27
CA PHE A 120 8.01 22.56 49.74
C PHE A 120 7.80 21.06 49.87
N LEU A 121 8.70 20.25 49.31
CA LEU A 121 8.65 18.81 49.42
C LEU A 121 10.05 18.28 49.67
N ILE A 122 10.18 17.36 50.62
CA ILE A 122 11.48 16.81 51.01
C ILE A 122 11.40 15.29 50.98
N PHE A 123 12.30 14.66 50.26
CA PHE A 123 12.28 13.22 50.06
C PHE A 123 13.02 12.50 51.18
N ASN A 124 12.40 11.44 51.69
CA ASN A 124 13.02 10.55 52.66
C ASN A 124 13.24 9.21 51.96
N LYS A 125 14.47 8.96 51.52
CA LYS A 125 14.78 7.76 50.76
C LYS A 125 14.88 6.51 51.62
N ASP A 126 14.73 6.63 52.94
CA ASP A 126 14.71 5.46 53.80
C ASP A 126 13.29 4.96 54.04
N THR A 127 12.37 5.87 54.36
CA THR A 127 10.96 5.53 54.48
C THR A 127 10.23 5.59 53.14
N LEU A 128 10.90 6.03 52.08
CA LEU A 128 10.32 6.14 50.74
C LEU A 128 9.03 6.95 50.77
N SER A 129 9.15 8.20 51.19
CA SER A 129 8.00 9.07 51.35
C SER A 129 8.42 10.51 51.14
N TRP A 130 7.43 11.37 50.92
CA TRP A 130 7.64 12.80 50.72
C TRP A 130 7.05 13.57 51.89
N LEU A 131 7.84 14.51 52.43
CA LEU A 131 7.37 15.40 53.49
C LEU A 131 6.81 16.66 52.87
N ALA A 132 5.53 16.96 53.16
CA ALA A 132 4.84 18.11 52.62
C ALA A 132 4.69 19.19 53.68
N VAL A 133 4.92 20.45 53.28
CA VAL A 133 4.85 21.57 54.21
C VAL A 133 3.46 22.22 54.27
N ASP A 134 2.62 22.02 53.26
CA ASP A 134 1.27 22.59 53.24
C ASP A 134 0.39 21.69 52.38
N ASN A 135 -0.85 22.12 52.16
CA ASN A 135 -1.81 21.27 51.47
C ASN A 135 -1.63 21.28 49.96
N VAL A 136 -0.96 22.29 49.41
CA VAL A 136 -0.61 22.21 47.99
C VAL A 136 0.46 21.16 47.79
N ALA A 137 1.47 21.13 48.66
CA ALA A 137 2.47 20.06 48.60
C ALA A 137 1.85 18.70 48.94
N HIS A 138 0.88 18.68 49.85
CA HIS A 138 0.24 17.42 50.23
C HIS A 138 -0.48 16.79 49.04
N THR A 139 -1.08 17.61 48.19
CA THR A 139 -1.68 17.09 46.97
C THR A 139 -0.62 16.49 46.04
N ILE A 140 0.52 17.17 45.90
CA ILE A 140 1.61 16.63 45.09
C ILE A 140 2.18 15.36 45.72
N LYS A 141 2.31 15.35 47.05
CA LYS A 141 2.84 14.18 47.75
C LYS A 141 1.99 12.94 47.47
N GLN A 142 0.67 13.08 47.48
CA GLN A 142 -0.19 11.93 47.23
CA GLN A 142 -0.20 11.93 47.22
C GLN A 142 0.02 11.37 45.82
N ALA A 143 0.12 12.25 44.82
CA ALA A 143 0.30 11.78 43.45
C ALA A 143 1.67 11.17 43.25
N TRP A 144 2.71 11.71 43.89
CA TRP A 144 4.05 11.15 43.72
C TRP A 144 4.20 9.82 44.44
N GLU A 145 3.58 9.68 45.61
CA GLU A 145 3.70 8.44 46.37
C GLU A 145 2.84 7.32 45.81
N ALA A 146 1.87 7.64 44.95
CA ALA A 146 1.10 6.60 44.27
C ALA A 146 1.95 5.84 43.27
N ASN A 147 3.07 6.42 42.83
CA ASN A 147 3.97 5.78 41.87
C ASN A 147 5.16 5.22 42.65
N GLN A 148 4.95 4.04 43.24
CA GLN A 148 5.97 3.44 44.09
C GLN A 148 7.28 3.21 43.33
N HIS A 149 7.19 2.89 42.04
CA HIS A 149 8.40 2.63 41.26
C HIS A 149 9.28 3.86 41.14
N GLU A 150 8.67 5.06 41.06
CA GLU A 150 9.46 6.28 40.99
C GLU A 150 10.20 6.55 42.29
N LEU A 151 9.56 6.25 43.43
CA LEU A 151 10.25 6.38 44.71
C LEU A 151 11.46 5.46 44.77
N LEU A 152 11.29 4.20 44.34
CA LEU A 152 12.39 3.26 44.34
C LEU A 152 13.48 3.71 43.38
N TYR A 153 13.10 4.26 42.23
CA TYR A 153 14.08 4.75 41.28
C TYR A 153 14.93 5.88 41.85
N GLN A 154 14.30 6.81 42.57
CA GLN A 154 15.06 7.92 43.15
CA GLN A 154 15.06 7.92 43.15
C GLN A 154 15.97 7.46 44.27
N LYS A 155 15.54 6.46 45.05
CA LYS A 155 16.42 5.91 46.08
C LYS A 155 17.67 5.30 45.45
N ASN A 156 17.49 4.54 44.37
CA ASN A 156 18.64 3.95 43.70
C ASN A 156 19.55 5.01 43.09
N TRP A 157 18.96 6.07 42.51
CA TRP A 157 19.81 7.09 41.91
C TRP A 157 20.62 7.82 42.96
N LEU A 158 20.00 8.13 44.11
CA LEU A 158 20.69 8.84 45.17
C LEU A 158 21.79 7.99 45.79
N GLU A 159 21.52 6.71 46.04
CA GLU A 159 22.48 5.89 46.76
C GLU A 159 23.54 5.26 45.87
N GLU A 160 23.22 5.00 44.60
CA GLU A 160 24.14 4.32 43.70
C GLU A 160 24.63 5.23 42.58
N GLU A 161 23.72 5.76 41.77
CA GLU A 161 24.12 6.54 40.59
C GLU A 161 24.84 7.83 40.98
N CYS A 162 24.26 8.58 41.92
CA CYS A 162 24.86 9.85 42.32
C CYS A 162 26.27 9.67 42.86
N ILE A 163 26.48 8.64 43.68
CA ILE A 163 27.81 8.39 44.23
C ILE A 163 28.78 8.00 43.12
N ALA A 164 28.29 7.24 42.13
CA ALA A 164 29.15 6.82 41.03
C ALA A 164 29.57 8.01 40.19
N TRP A 165 28.66 8.95 39.94
CA TRP A 165 29.02 10.16 39.22
C TRP A 165 30.04 10.98 40.01
N LEU A 166 29.83 11.09 41.33
CA LEU A 166 30.72 11.90 42.15
C LEU A 166 32.15 11.37 42.11
N LYS A 167 32.32 10.05 42.25
CA LYS A 167 33.65 9.48 42.20
C LYS A 167 34.30 9.72 40.85
N ARG A 168 33.50 9.67 39.78
CA ARG A 168 34.02 9.92 38.44
C ARG A 168 34.48 11.37 38.29
N PHE A 169 33.66 12.31 38.75
CA PHE A 169 34.04 13.72 38.66
C PHE A 169 35.21 14.04 39.58
N LEU A 170 35.30 13.34 40.72
CA LEU A 170 36.40 13.58 41.65
C LEU A 170 37.74 13.24 41.02
N GLU A 171 37.80 12.15 40.25
CA GLU A 171 39.04 11.82 39.57
C GLU A 171 39.35 12.82 38.46
N TYR A 172 38.31 13.26 37.73
CA TYR A 172 38.51 14.24 36.67
C TYR A 172 39.19 15.50 37.21
N GLY A 173 38.70 16.03 38.33
CA GLY A 173 39.23 17.25 38.89
C GLY A 173 40.09 17.03 40.12
N LYS A 174 40.85 15.94 40.13
CA LYS A 174 41.66 15.59 41.30
C LYS A 174 42.64 16.71 41.64
N ASP A 175 43.27 17.30 40.62
CA ASP A 175 44.26 18.36 40.86
C ASP A 175 43.66 19.57 41.55
N THR A 176 42.36 19.83 41.31
CA THR A 176 41.70 20.97 41.93
C THR A 176 41.02 20.58 43.25
N LEU A 177 40.22 19.51 43.23
CA LEU A 177 39.35 19.19 44.35
C LEU A 177 40.08 18.54 45.52
N GLN A 178 41.17 17.83 45.27
CA GLN A 178 41.85 17.10 46.33
C GLN A 178 43.14 17.79 46.79
N ARG A 179 43.40 19.02 46.34
CA ARG A 179 44.59 19.72 46.77
C ARG A 179 44.36 20.40 48.11
N THR A 180 45.45 20.90 48.71
CA THR A 180 45.39 21.60 49.98
C THR A 180 46.27 22.83 49.91
N GLU A 181 45.69 24.00 50.13
CA GLU A 181 46.46 25.22 50.26
C GLU A 181 46.26 25.73 51.68
N PRO A 182 47.29 25.72 52.53
CA PRO A 182 47.06 26.09 53.94
C PRO A 182 46.77 27.58 54.07
N PRO A 183 46.07 27.98 55.12
CA PRO A 183 45.76 29.39 55.30
C PRO A 183 46.94 30.18 55.85
N LEU A 184 46.95 31.47 55.52
CA LEU A 184 47.83 32.45 56.14
C LEU A 184 47.01 33.22 57.17
N VAL A 185 47.42 33.15 58.44
CA VAL A 185 46.61 33.61 59.56
C VAL A 185 47.36 34.71 60.30
N ARG A 186 46.65 35.80 60.61
CA ARG A 186 47.22 36.93 61.32
C ARG A 186 46.20 37.46 62.30
N VAL A 187 46.66 38.31 63.22
CA VAL A 187 45.82 38.96 64.22
C VAL A 187 46.15 40.45 64.25
N ASN A 188 45.12 41.28 64.36
CA ASN A 188 45.32 42.71 64.56
C ASN A 188 44.17 43.25 65.40
N ARG A 189 44.30 44.51 65.81
CA ARG A 189 43.35 45.17 66.70
C ARG A 189 42.56 46.24 65.95
N LYS A 190 41.29 46.39 66.33
CA LYS A 190 40.43 47.41 65.74
C LYS A 190 39.26 47.73 66.66
N THR A 197 37.06 48.30 70.74
CA THR A 197 38.35 47.62 70.56
C THR A 197 38.18 46.11 70.64
N ALA A 198 38.56 45.42 69.57
CA ALA A 198 38.35 43.99 69.44
C ALA A 198 39.52 43.34 68.72
N LEU A 199 39.76 42.07 69.03
CA LEU A 199 40.79 41.29 68.37
C LEU A 199 40.22 40.61 67.14
N PHE A 200 40.88 40.79 66.00
CA PHE A 200 40.46 40.18 64.74
C PHE A 200 41.47 39.12 64.33
N CYS A 201 41.01 37.89 64.18
CA CYS A 201 41.81 36.81 63.60
C CYS A 201 41.40 36.65 62.14
N LYS A 202 42.39 36.71 61.24
CA LYS A 202 42.12 36.73 59.82
C LYS A 202 42.91 35.63 59.12
N ALA A 203 42.24 34.88 58.25
CA ALA A 203 42.90 33.87 57.44
C ALA A 203 42.57 34.12 55.97
N HIS A 204 43.50 33.80 55.09
CA HIS A 204 43.27 33.95 53.66
C HIS A 204 44.16 32.99 52.91
N GLY A 205 43.86 32.83 51.61
CA GLY A 205 44.66 32.02 50.73
C GLY A 205 44.53 30.52 50.89
N PHE A 206 43.45 30.04 51.51
CA PHE A 206 43.35 28.61 51.80
C PHE A 206 42.34 27.93 50.89
N TYR A 207 42.55 26.62 50.69
CA TYR A 207 41.65 25.71 50.00
C TYR A 207 41.85 24.34 50.63
N PRO A 208 40.78 23.56 50.87
CA PRO A 208 39.35 23.82 50.62
C PRO A 208 38.77 24.95 51.46
N PRO A 209 37.57 25.42 51.11
CA PRO A 209 36.96 26.52 51.89
C PRO A 209 36.58 26.12 53.30
N GLU A 210 36.38 24.84 53.58
CA GLU A 210 36.02 24.40 54.93
C GLU A 210 37.13 24.75 55.91
N ILE A 211 36.82 25.63 56.86
CA ILE A 211 37.77 26.07 57.88
C ILE A 211 37.00 26.37 59.15
N TYR A 212 37.68 26.25 60.29
CA TYR A 212 37.08 26.50 61.59
C TYR A 212 37.98 27.46 62.36
N MET A 213 37.49 28.68 62.58
CA MET A 213 38.20 29.69 63.35
C MET A 213 37.40 30.03 64.60
N THR A 214 38.10 30.18 65.73
CA THR A 214 37.43 30.51 66.97
C THR A 214 38.43 31.17 67.92
N TRP A 215 37.89 31.91 68.87
CA TRP A 215 38.70 32.58 69.89
C TRP A 215 38.56 31.83 71.22
N MET A 216 39.67 31.75 71.95
CA MET A 216 39.68 31.13 73.27
C MET A 216 40.18 32.13 74.29
N LYS A 217 39.52 32.16 75.44
CA LYS A 217 39.85 33.07 76.54
C LYS A 217 40.34 32.24 77.72
N ASN A 218 41.63 32.36 78.02
CA ASN A 218 42.24 31.61 79.12
C ASN A 218 42.05 30.11 78.95
N GLY A 219 42.12 29.65 77.71
CA GLY A 219 41.94 28.23 77.46
C GLY A 219 40.50 27.78 77.45
N GLU A 220 39.56 28.71 77.40
CA GLU A 220 38.14 28.39 77.38
C GLU A 220 37.48 29.10 76.22
N GLU A 221 36.62 28.37 75.50
CA GLU A 221 35.96 28.90 74.32
C GLU A 221 34.61 29.49 74.71
N ILE A 222 34.40 30.75 74.33
CA ILE A 222 33.15 31.43 74.62
C ILE A 222 32.46 31.84 73.32
N GLN A 224 29.44 32.46 72.54
CA GLN A 224 28.42 33.50 72.62
C GLN A 224 29.04 34.90 72.57
N GLU A 225 30.34 34.96 72.85
CA GLU A 225 31.08 36.23 72.83
C GLU A 225 31.90 36.41 71.56
N ILE A 226 31.82 35.48 70.60
CA ILE A 226 32.62 35.51 69.38
C ILE A 226 31.72 35.89 68.21
N ASP A 227 32.23 36.74 67.33
CA ASP A 227 31.56 37.09 66.09
C ASP A 227 32.27 36.42 64.93
N TYR A 228 31.57 35.53 64.24
CA TYR A 228 32.16 34.72 63.18
C TYR A 228 31.85 35.36 61.83
N GLY A 229 32.92 35.61 61.04
CA GLY A 229 32.74 36.05 59.69
C GLY A 229 32.40 34.91 58.74
N ASP A 230 31.95 35.28 57.55
CA ASP A 230 31.63 34.31 56.53
C ASP A 230 32.89 33.91 55.76
N ILE A 231 32.90 32.67 55.29
CA ILE A 231 33.98 32.20 54.42
C ILE A 231 33.72 32.74 53.02
N LEU A 232 34.62 33.60 52.54
CA LEU A 232 34.36 34.34 51.31
C LEU A 232 35.32 33.96 50.21
N PRO A 233 34.85 33.87 48.95
CA PRO A 233 35.76 33.59 47.83
C PRO A 233 36.65 34.80 47.55
N SER A 234 37.94 34.53 47.40
CA SER A 234 38.88 35.60 47.09
C SER A 234 38.92 35.94 45.60
N GLY A 235 38.39 35.07 44.75
CA GLY A 235 38.38 35.28 43.32
C GLY A 235 39.44 34.53 42.56
N ASP A 236 40.45 33.97 43.24
CA ASP A 236 41.53 33.24 42.59
C ASP A 236 41.47 31.74 42.85
N GLY A 237 40.35 31.24 43.38
CA GLY A 237 40.23 29.85 43.75
C GLY A 237 40.45 29.56 45.22
N THR A 238 40.97 30.53 45.97
CA THR A 238 41.16 30.39 47.41
C THR A 238 40.13 31.22 48.16
N TYR A 239 40.12 31.07 49.47
CA TYR A 239 39.09 31.67 50.31
C TYR A 239 39.73 32.40 51.48
N GLN A 240 38.94 33.27 52.11
CA GLN A 240 39.36 34.02 53.28
C GLN A 240 38.22 34.07 54.29
N ALA A 241 38.57 34.18 55.56
CA ALA A 241 37.60 34.22 56.64
C ALA A 241 38.20 34.99 57.81
N TRP A 242 37.36 35.28 58.80
CA TRP A 242 37.81 36.01 59.99
C TRP A 242 36.89 35.69 61.15
N ALA A 243 37.30 36.13 62.34
CA ALA A 243 36.52 35.98 63.56
C ALA A 243 37.03 37.00 64.56
N SER A 244 36.12 37.70 65.22
CA SER A 244 36.47 38.77 66.15
C SER A 244 35.93 38.48 67.55
N ILE A 245 36.48 39.19 68.53
CA ILE A 245 36.04 39.08 69.91
C ILE A 245 36.40 40.38 70.63
N GLU A 246 35.51 40.80 71.53
CA GLU A 246 35.69 42.07 72.22
C GLU A 246 36.64 41.92 73.41
N LEU A 247 37.48 42.94 73.62
CA LEU A 247 38.46 42.93 74.69
C LEU A 247 37.86 43.45 75.99
N ASP A 248 38.27 42.84 77.11
CA ASP A 248 37.82 43.27 78.42
C ASP A 248 38.85 44.25 78.99
N PRO A 249 38.52 45.54 79.12
CA PRO A 249 39.51 46.51 79.63
C PRO A 249 39.70 46.47 81.14
N GLN A 250 38.85 45.76 81.88
CA GLN A 250 38.93 45.75 83.34
C GLN A 250 39.77 44.61 83.89
N SER A 251 40.16 43.65 83.06
CA SER A 251 40.94 42.51 83.52
C SER A 251 41.79 41.98 82.37
N SER A 252 42.97 41.47 82.72
CA SER A 252 43.88 40.89 81.74
CA SER A 252 43.88 40.88 81.74
C SER A 252 43.52 39.42 81.51
N ASN A 253 43.47 39.03 80.24
CA ASN A 253 43.15 37.66 79.88
C ASN A 253 44.03 37.21 78.73
N LEU A 254 44.30 35.90 78.69
CA LEU A 254 45.03 35.30 77.58
C LEU A 254 44.05 34.99 76.46
N TYR A 255 44.18 35.68 75.34
CA TYR A 255 43.36 35.44 74.16
C TYR A 255 44.20 34.72 73.10
N SER A 256 43.63 33.69 72.50
CA SER A 256 44.33 32.92 71.48
C SER A 256 43.34 32.55 70.37
N CYS A 257 43.77 32.73 69.12
CA CYS A 257 42.98 32.33 67.98
C CYS A 257 43.32 30.89 67.61
N HIS A 258 42.28 30.09 67.36
CA HIS A 258 42.41 28.70 66.99
C HIS A 258 41.82 28.50 65.59
N VAL A 259 42.61 27.90 64.70
CA VAL A 259 42.22 27.68 63.32
C VAL A 259 42.47 26.21 62.99
N GLU A 260 41.44 25.52 62.55
CA GLU A 260 41.56 24.15 62.07
C GLU A 260 41.23 24.12 60.58
N HIS A 261 42.11 23.49 59.80
CA HIS A 261 41.90 23.44 58.36
C HIS A 261 42.59 22.20 57.83
N SER A 262 41.81 21.32 57.19
CA SER A 262 42.33 20.16 56.46
C SER A 262 43.26 19.30 57.33
N GLY A 263 42.85 19.05 58.57
CA GLY A 263 43.60 18.16 59.44
C GLY A 263 44.80 18.79 60.12
N VAL A 264 44.89 20.12 60.16
CA VAL A 264 45.99 20.82 60.83
C VAL A 264 45.39 21.88 61.73
N HIS A 265 45.88 21.94 62.98
N HIS A 265 45.88 21.94 62.98
CA HIS A 265 45.41 22.90 63.96
CA HIS A 265 45.41 22.90 63.95
C HIS A 265 46.47 23.99 64.15
C HIS A 265 46.46 23.99 64.14
N MET A 266 46.01 25.23 64.29
CA MET A 266 46.89 26.37 64.43
C MET A 266 46.44 27.24 65.60
N VAL A 267 47.40 27.71 66.40
CA VAL A 267 47.13 28.53 67.57
C VAL A 267 47.99 29.79 67.51
N LEU A 268 47.35 30.95 67.60
CA LEU A 268 48.05 32.24 67.64
C LEU A 268 47.75 32.90 68.98
N GLN A 269 48.77 32.97 69.84
CA GLN A 269 48.65 33.66 71.12
C GLN A 269 48.78 35.16 70.92
N VAL A 270 47.89 35.92 71.54
CA VAL A 270 47.93 37.38 71.49
C VAL A 270 48.76 37.85 72.69
N PRO A 271 49.94 38.46 72.47
CA PRO A 271 50.83 38.87 73.56
C PRO A 271 50.24 40.01 74.40
N MET B 1 4.71 35.51 51.09
CA MET B 1 5.92 35.45 50.29
C MET B 1 7.11 36.05 51.05
N ILE B 2 8.05 35.19 51.43
CA ILE B 2 9.21 35.62 52.20
C ILE B 2 10.34 35.96 51.22
N GLN B 3 10.60 37.25 51.06
CA GLN B 3 11.71 37.73 50.27
C GLN B 3 12.86 38.08 51.20
N ARG B 4 14.07 37.63 50.86
CA ARG B 4 15.26 37.83 51.69
C ARG B 4 16.16 38.87 51.05
N THR B 5 16.60 39.85 51.86
CA THR B 5 17.44 40.93 51.38
C THR B 5 18.89 40.46 51.24
N PRO B 6 19.63 41.01 50.27
CA PRO B 6 21.00 40.54 50.07
C PRO B 6 21.95 41.03 51.16
N LYS B 7 22.88 40.16 51.54
CA LYS B 7 23.99 40.53 52.40
C LYS B 7 25.17 40.93 51.52
N ILE B 8 25.76 42.08 51.81
CA ILE B 8 26.76 42.71 50.96
C ILE B 8 28.08 42.79 51.74
N GLN B 9 29.15 42.31 51.13
CA GLN B 9 30.47 42.34 51.76
C GLN B 9 31.50 42.75 50.73
N VAL B 10 32.25 43.82 51.02
CA VAL B 10 33.24 44.37 50.11
C VAL B 10 34.62 44.16 50.73
N TYR B 11 35.53 43.59 49.95
CA TYR B 11 36.83 43.19 50.47
C TYR B 11 37.79 43.03 49.30
N SER B 12 39.08 43.04 49.61
CA SER B 12 40.13 42.85 48.62
C SER B 12 40.56 41.38 48.60
N ARG B 13 41.03 40.94 47.43
CA ARG B 13 41.49 39.56 47.28
C ARG B 13 42.65 39.27 48.23
N HIS B 14 43.65 40.14 48.27
CA HIS B 14 44.78 40.02 49.17
C HIS B 14 44.72 41.12 50.21
N PRO B 15 45.45 40.98 51.32
CA PRO B 15 45.66 42.14 52.21
C PRO B 15 46.19 43.31 51.41
N ALA B 16 45.47 44.43 51.44
CA ALA B 16 45.77 45.54 50.56
C ALA B 16 47.02 46.28 51.00
N GLU B 17 47.75 46.80 50.02
CA GLU B 17 48.92 47.63 50.26
C GLU B 17 48.97 48.69 49.16
N ASN B 18 49.13 49.95 49.57
CA ASN B 18 49.07 51.05 48.61
C ASN B 18 50.12 50.88 47.51
N GLY B 19 49.69 51.10 46.28
CA GLY B 19 50.57 50.97 45.14
C GLY B 19 50.73 49.56 44.61
N LYS B 20 50.14 48.57 45.27
CA LYS B 20 50.24 47.18 44.85
C LYS B 20 48.93 46.75 44.19
N SER B 21 49.04 46.17 43.00
CA SER B 21 47.85 45.74 42.28
C SER B 21 47.09 44.69 43.08
N ASN B 22 45.77 44.76 43.03
CA ASN B 22 44.92 43.89 43.82
C ASN B 22 43.59 43.72 43.10
N PHE B 23 42.64 43.06 43.76
CA PHE B 23 41.30 42.85 43.23
C PHE B 23 40.29 43.25 44.29
N LEU B 24 39.34 44.10 43.92
CA LEU B 24 38.26 44.48 44.82
C LEU B 24 37.06 43.56 44.59
N ASN B 25 36.62 42.90 45.64
CA ASN B 25 35.52 41.94 45.57
C ASN B 25 34.27 42.49 46.25
N CYS B 26 33.11 42.24 45.65
CA CYS B 26 31.82 42.49 46.28
C CYS B 26 31.02 41.20 46.24
N TYR B 27 30.90 40.55 47.40
CA TYR B 27 30.22 39.27 47.51
C TYR B 27 28.80 39.52 48.01
N VAL B 28 27.82 39.19 47.17
CA VAL B 28 26.41 39.42 47.47
C VAL B 28 25.75 38.05 47.60
N SER B 29 25.12 37.78 48.73
CA SER B 29 24.63 36.45 49.04
C SER B 29 23.34 36.52 49.84
N GLY B 30 22.69 35.36 49.98
CA GLY B 30 21.54 35.19 50.84
C GLY B 30 20.25 35.82 50.37
N PHE B 31 20.18 36.29 49.14
CA PHE B 31 18.99 37.00 48.69
C PHE B 31 18.05 36.06 47.92
N HIS B 32 16.80 36.50 47.82
CA HIS B 32 15.75 35.81 47.09
C HIS B 32 14.61 36.78 46.85
N PRO B 33 14.08 36.88 45.61
CA PRO B 33 14.42 36.12 44.40
C PRO B 33 15.74 36.55 43.75
N SER B 34 15.96 36.11 42.50
CA SER B 34 17.29 36.12 41.92
C SER B 34 17.65 37.40 41.16
N ASP B 35 16.69 38.24 40.80
CA ASP B 35 17.02 39.47 40.09
C ASP B 35 17.78 40.42 41.01
N ILE B 36 18.88 40.98 40.51
CA ILE B 36 19.72 41.85 41.33
C ILE B 36 20.62 42.65 40.41
N GLU B 37 20.94 43.87 40.82
CA GLU B 37 21.84 44.76 40.10
C GLU B 37 22.97 45.17 41.02
N VAL B 38 24.21 45.00 40.56
CA VAL B 38 25.40 45.29 41.35
C VAL B 38 26.34 46.17 40.54
N ASP B 39 26.84 47.23 41.16
CA ASP B 39 27.85 48.11 40.56
C ASP B 39 28.95 48.38 41.57
N LEU B 40 30.19 48.30 41.10
CA LEU B 40 31.34 48.69 41.92
C LEU B 40 31.62 50.17 41.70
N LEU B 41 31.89 50.87 42.80
CA LEU B 41 32.03 52.32 42.80
C LEU B 41 33.47 52.72 43.09
N LYS B 42 33.95 53.72 42.34
CA LYS B 42 35.26 54.33 42.58
C LYS B 42 35.04 55.83 42.74
N ASN B 43 35.11 56.29 44.00
CA ASN B 43 34.87 57.70 44.33
C ASN B 43 33.48 58.14 43.89
N GLY B 44 32.50 57.27 44.11
CA GLY B 44 31.13 57.55 43.73
C GLY B 44 30.82 57.32 42.28
N GLU B 45 31.81 56.99 41.45
CA GLU B 45 31.60 56.70 40.04
C GLU B 45 31.63 55.20 39.80
N ARG B 46 30.80 54.74 38.87
CA ARG B 46 30.71 53.33 38.55
C ARG B 46 31.92 52.89 37.72
N ILE B 47 32.52 51.76 38.10
CA ILE B 47 33.63 51.19 37.34
C ILE B 47 33.07 50.41 36.16
N GLU B 48 33.66 50.62 34.98
CA GLU B 48 33.14 50.00 33.76
C GLU B 48 33.59 48.55 33.63
N LYS B 49 34.91 48.33 33.61
CA LYS B 49 35.46 46.99 33.46
C LYS B 49 35.34 46.25 34.79
N VAL B 50 34.17 45.62 34.99
CA VAL B 50 33.89 44.87 36.21
C VAL B 50 33.32 43.52 35.82
N GLU B 51 33.88 42.46 36.39
CA GLU B 51 33.48 41.09 36.10
C GLU B 51 32.60 40.54 37.22
N HIS B 52 31.91 39.45 36.91
CA HIS B 52 31.07 38.80 37.91
C HIS B 52 30.93 37.32 37.57
N SER B 53 30.80 36.50 38.61
CA SER B 53 30.56 35.09 38.45
C SER B 53 29.11 34.84 38.03
N ASP B 54 28.84 33.63 37.57
CA ASP B 54 27.48 33.24 37.26
C ASP B 54 26.64 33.16 38.53
N LEU B 55 25.33 33.30 38.37
CA LEU B 55 24.41 33.15 39.49
C LEU B 55 24.62 31.78 40.13
N SER B 56 24.65 31.76 41.46
CA SER B 56 24.97 30.56 42.21
C SER B 56 23.86 30.25 43.21
N PHE B 57 23.77 28.98 43.60
CA PHE B 57 22.67 28.46 44.40
C PHE B 57 23.17 27.91 45.72
N SER B 58 22.52 28.28 46.81
CA SER B 58 22.83 27.76 48.13
C SER B 58 21.79 26.75 48.58
N LYS B 59 22.16 25.96 49.59
CA LYS B 59 21.30 24.88 50.08
C LYS B 59 19.99 25.42 50.63
N ASP B 60 20.00 26.61 51.23
CA ASP B 60 18.78 27.17 51.82
C ASP B 60 17.91 27.90 50.79
N TRP B 61 18.19 27.68 49.50
CA TRP B 61 17.45 28.15 48.32
C TRP B 61 17.76 29.60 47.96
N SER B 62 18.61 30.29 48.71
CA SER B 62 19.02 31.64 48.34
C SER B 62 20.13 31.58 47.29
N PHE B 63 20.47 32.75 46.77
CA PHE B 63 21.43 32.88 45.69
C PHE B 63 22.60 33.76 46.12
N TYR B 64 23.73 33.60 45.44
CA TYR B 64 24.89 34.45 45.69
C TYR B 64 25.64 34.72 44.41
N LEU B 65 26.42 35.81 44.44
CA LEU B 65 27.18 36.30 43.30
C LEU B 65 28.45 36.95 43.81
N LEU B 66 29.50 36.93 42.99
CA LEU B 66 30.76 37.59 43.28
C LEU B 66 31.06 38.58 42.16
N TYR B 67 31.03 39.87 42.47
CA TYR B 67 31.43 40.92 41.55
C TYR B 67 32.83 41.41 41.92
N TYR B 68 33.67 41.61 40.92
CA TYR B 68 35.07 41.92 41.18
C TYR B 68 35.64 42.73 40.03
N THR B 69 36.69 43.49 40.34
CA THR B 69 37.45 44.22 39.35
C THR B 69 38.86 44.45 39.88
N GLU B 70 39.82 44.47 38.96
CA GLU B 70 41.21 44.70 39.34
C GLU B 70 41.45 46.18 39.60
N PHE B 71 42.27 46.47 40.60
CA PHE B 71 42.53 47.85 40.99
C PHE B 71 43.85 47.93 41.76
N THR B 72 44.38 49.15 41.83
CA THR B 72 45.53 49.46 42.66
C THR B 72 45.08 50.44 43.74
N PRO B 73 44.98 50.02 44.99
CA PRO B 73 44.48 50.92 46.03
C PRO B 73 45.48 52.02 46.36
N THR B 74 44.96 53.24 46.48
CA THR B 74 45.72 54.39 46.97
C THR B 74 45.03 54.95 48.20
N GLU B 75 45.77 55.75 48.97
CA GLU B 75 45.23 56.32 50.19
C GLU B 75 44.05 57.27 49.93
N LYS B 76 43.97 57.84 48.73
CA LYS B 76 42.97 58.86 48.44
C LYS B 76 41.68 58.30 47.89
N ASP B 77 41.76 57.27 47.05
CA ASP B 77 40.58 56.76 46.35
C ASP B 77 39.75 55.86 47.25
N GLU B 78 38.45 56.13 47.32
CA GLU B 78 37.51 55.36 48.11
C GLU B 78 36.68 54.47 47.19
N TYR B 79 36.41 53.25 47.64
CA TYR B 79 35.69 52.26 46.84
C TYR B 79 34.46 51.77 47.57
N ALA B 80 33.46 51.33 46.81
CA ALA B 80 32.20 50.90 47.39
C ALA B 80 31.50 49.96 46.43
N CYS B 81 30.39 49.38 46.89
CA CYS B 81 29.57 48.48 46.10
C CYS B 81 28.11 48.88 46.25
N ARG B 82 27.41 49.04 45.13
CA ARG B 82 26.02 49.49 45.12
C ARG B 82 25.15 48.35 44.62
N VAL B 83 24.16 47.97 45.43
CA VAL B 83 23.30 46.82 45.14
C VAL B 83 21.84 47.27 45.17
N ASN B 84 21.06 46.79 44.20
CA ASN B 84 19.63 47.03 44.18
C ASN B 84 18.89 45.70 44.05
N HIS B 85 17.74 45.63 44.70
CA HIS B 85 16.98 44.39 44.82
C HIS B 85 15.53 44.75 45.10
N VAL B 86 14.63 43.79 44.87
CA VAL B 86 13.22 44.01 45.14
CA VAL B 86 13.22 44.03 45.14
C VAL B 86 12.99 44.35 46.61
N THR B 87 13.82 43.79 47.49
CA THR B 87 13.70 44.02 48.92
C THR B 87 14.26 45.36 49.38
N LEU B 88 14.80 46.17 48.47
CA LEU B 88 15.43 47.43 48.81
C LEU B 88 14.65 48.59 48.19
N SER B 89 14.25 49.55 49.03
CA SER B 89 13.53 50.72 48.54
C SER B 89 14.39 51.58 47.62
N GLN B 90 15.69 51.60 47.86
CA GLN B 90 16.64 52.34 47.05
C GLN B 90 17.97 51.61 47.11
N PRO B 91 18.85 51.85 46.14
CA PRO B 91 20.16 51.15 46.15
C PRO B 91 20.87 51.32 47.48
N LYS B 92 21.53 50.25 47.92
CA LYS B 92 22.26 50.22 49.18
CA LYS B 92 22.27 50.23 49.18
C LYS B 92 23.76 50.20 48.89
N ILE B 93 24.48 51.18 49.40
CA ILE B 93 25.92 51.32 49.17
C ILE B 93 26.68 50.86 50.39
N VAL B 94 27.63 49.94 50.19
CA VAL B 94 28.52 49.47 51.23
C VAL B 94 29.94 49.86 50.83
N LYS B 95 30.59 50.65 51.67
CA LYS B 95 31.93 51.12 51.36
C LYS B 95 32.98 50.09 51.75
N TRP B 96 34.06 50.03 50.97
CA TRP B 96 35.18 49.16 51.28
C TRP B 96 35.96 49.72 52.46
N ASP B 97 35.87 49.07 53.61
CA ASP B 97 36.59 49.49 54.80
C ASP B 97 37.83 48.60 54.94
N ARG B 98 39.00 49.19 54.75
CA ARG B 98 40.26 48.46 54.75
C ARG B 98 40.89 48.38 56.14
N ARG C 2 -26.35 -7.39 1.08
CA ARG C 2 -26.09 -8.82 1.05
C ARG C 2 -25.23 -9.20 -0.15
N THR C 3 -24.91 -10.49 -0.25
CA THR C 3 -24.08 -10.98 -1.35
CA THR C 3 -24.09 -10.97 -1.35
C THR C 3 -24.93 -11.15 -2.61
N HIS C 4 -24.44 -10.62 -3.73
CA HIS C 4 -25.10 -10.73 -5.02
C HIS C 4 -24.13 -11.30 -6.05
N SER C 5 -24.67 -11.86 -7.12
CA SER C 5 -23.83 -12.50 -8.12
C SER C 5 -24.44 -12.33 -9.50
N LEU C 6 -23.55 -12.30 -10.51
CA LEU C 6 -23.93 -12.28 -11.90
C LEU C 6 -23.21 -13.44 -12.58
N ARG C 7 -23.97 -14.26 -13.31
CA ARG C 7 -23.43 -15.46 -13.93
C ARG C 7 -24.02 -15.63 -15.32
N TYR C 8 -23.21 -16.09 -16.26
CA TYR C 8 -23.66 -16.43 -17.61
C TYR C 8 -23.26 -17.87 -17.92
N PHE C 9 -24.22 -18.66 -18.39
CA PHE C 9 -24.00 -20.04 -18.77
C PHE C 9 -24.16 -20.20 -20.28
N ARG C 10 -23.35 -21.08 -20.85
CA ARG C 10 -23.49 -21.49 -22.24
C ARG C 10 -23.54 -23.01 -22.30
N LEU C 11 -24.45 -23.53 -23.12
CA LEU C 11 -24.57 -24.96 -23.32
C LEU C 11 -24.48 -25.26 -24.82
N GLY C 12 -23.52 -26.08 -25.20
CA GLY C 12 -23.40 -26.52 -26.58
C GLY C 12 -23.69 -28.00 -26.71
N VAL C 13 -24.54 -28.39 -27.66
CA VAL C 13 -24.90 -29.78 -27.85
C VAL C 13 -24.62 -30.16 -29.30
N SER C 14 -23.82 -31.20 -29.51
CA SER C 14 -23.54 -31.67 -30.87
C SER C 14 -24.58 -32.71 -31.25
N ASP C 15 -25.05 -32.64 -32.49
CA ASP C 15 -26.08 -33.53 -33.01
C ASP C 15 -27.29 -33.60 -32.07
N PRO C 16 -27.98 -32.49 -31.84
CA PRO C 16 -29.16 -32.53 -30.98
C PRO C 16 -30.35 -33.16 -31.70
N ILE C 17 -31.30 -33.64 -30.91
CA ILE C 17 -32.51 -34.23 -31.47
C ILE C 17 -33.46 -33.12 -31.89
N HIS C 18 -34.73 -33.46 -32.13
CA HIS C 18 -35.67 -32.50 -32.69
C HIS C 18 -35.96 -31.33 -31.76
N GLY C 19 -35.97 -31.56 -30.45
CA GLY C 19 -36.44 -30.54 -29.53
C GLY C 19 -35.41 -29.69 -28.83
N VAL C 20 -34.16 -30.12 -28.79
CA VAL C 20 -33.11 -29.45 -28.03
C VAL C 20 -32.29 -28.58 -28.99
N PRO C 21 -32.15 -27.28 -28.72
CA PRO C 21 -31.32 -26.45 -29.58
C PRO C 21 -29.84 -26.80 -29.45
N GLU C 22 -29.09 -26.40 -30.48
CA GLU C 22 -27.66 -26.70 -30.53
C GLU C 22 -26.88 -25.86 -29.55
N PHE C 23 -27.37 -24.65 -29.23
CA PHE C 23 -26.65 -23.72 -28.38
C PHE C 23 -27.65 -22.94 -27.55
N ILE C 24 -27.35 -22.79 -26.25
CA ILE C 24 -28.17 -22.02 -25.32
C ILE C 24 -27.26 -21.14 -24.47
N SER C 25 -27.69 -19.91 -24.22
CA SER C 25 -26.98 -19.01 -23.31
C SER C 25 -28.00 -18.31 -22.43
N VAL C 26 -27.76 -18.33 -21.12
CA VAL C 26 -28.66 -17.73 -20.14
C VAL C 26 -27.85 -16.99 -19.10
N GLY C 27 -28.30 -15.80 -18.73
CA GLY C 27 -27.69 -15.02 -17.68
C GLY C 27 -28.58 -14.95 -16.44
N TYR C 28 -27.95 -14.87 -15.27
CA TYR C 28 -28.64 -14.83 -13.99
C TYR C 28 -28.06 -13.73 -13.12
N VAL C 29 -28.95 -13.03 -12.40
CA VAL C 29 -28.58 -12.24 -11.24
C VAL C 29 -29.18 -12.93 -10.03
N ASP C 30 -28.31 -13.39 -9.12
CA ASP C 30 -28.72 -14.25 -8.00
C ASP C 30 -29.48 -15.44 -8.59
N SER C 31 -30.69 -15.72 -8.15
CA SER C 31 -31.47 -16.85 -8.66
C SER C 31 -32.39 -16.47 -9.81
N HIS C 32 -32.37 -15.21 -10.26
CA HIS C 32 -33.30 -14.73 -11.27
C HIS C 32 -32.65 -14.74 -12.63
N PRO C 33 -33.27 -15.37 -13.63
CA PRO C 33 -32.76 -15.24 -15.00
C PRO C 33 -33.01 -13.83 -15.53
N ILE C 34 -32.07 -13.33 -16.33
CA ILE C 34 -32.17 -11.96 -16.83
C ILE C 34 -32.14 -11.91 -18.34
N THR C 35 -31.41 -12.83 -18.97
CA THR C 35 -31.25 -12.84 -20.42
C THR C 35 -31.27 -14.27 -20.94
N THR C 36 -31.55 -14.41 -22.23
CA THR C 36 -31.56 -15.72 -22.86
C THR C 36 -31.28 -15.59 -24.35
N TYR C 37 -30.72 -16.65 -24.91
CA TYR C 37 -30.43 -16.74 -26.34
C TYR C 37 -30.30 -18.21 -26.67
N ASP C 38 -30.80 -18.61 -27.84
CA ASP C 38 -30.56 -19.97 -28.29
C ASP C 38 -30.47 -19.97 -29.81
N SER C 39 -29.91 -21.06 -30.34
CA SER C 39 -29.68 -21.20 -31.77
C SER C 39 -30.96 -21.35 -32.58
N VAL C 40 -32.13 -21.43 -31.95
CA VAL C 40 -33.39 -21.49 -32.68
C VAL C 40 -33.96 -20.10 -32.93
N THR C 41 -34.06 -19.28 -31.87
CA THR C 41 -34.53 -17.92 -32.03
C THR C 41 -33.46 -17.00 -32.60
N ARG C 42 -32.19 -17.28 -32.30
CA ARG C 42 -31.06 -16.45 -32.72
C ARG C 42 -31.24 -15.00 -32.28
N GLN C 43 -31.91 -14.79 -31.15
CA GLN C 43 -32.16 -13.47 -30.60
C GLN C 43 -31.87 -13.48 -29.12
N LYS C 44 -31.18 -12.44 -28.64
CA LYS C 44 -31.01 -12.25 -27.20
C LYS C 44 -32.21 -11.48 -26.67
N GLU C 45 -32.85 -12.04 -25.64
CA GLU C 45 -34.08 -11.50 -25.10
C GLU C 45 -33.97 -11.33 -23.60
N PRO C 46 -34.68 -10.37 -23.02
CA PRO C 46 -34.74 -10.27 -21.56
C PRO C 46 -35.59 -11.38 -20.96
N ARG C 47 -35.25 -11.75 -19.72
CA ARG C 47 -36.03 -12.73 -18.98
C ARG C 47 -36.52 -12.21 -17.64
N ALA C 48 -36.39 -10.90 -17.41
CA ALA C 48 -36.95 -10.25 -16.23
C ALA C 48 -37.52 -8.93 -16.69
N PRO C 49 -38.68 -8.52 -16.13
CA PRO C 49 -39.28 -7.26 -16.58
C PRO C 49 -38.37 -6.05 -16.38
N TRP C 50 -37.67 -5.98 -15.24
CA TRP C 50 -36.80 -4.84 -14.99
C TRP C 50 -35.57 -4.81 -15.89
N MET C 51 -35.30 -5.88 -16.64
CA MET C 51 -34.23 -5.84 -17.63
C MET C 51 -34.71 -5.23 -18.94
N ALA C 52 -35.95 -5.55 -19.33
CA ALA C 52 -36.51 -5.00 -20.56
C ALA C 52 -36.79 -3.51 -20.44
N GLU C 53 -37.20 -3.04 -19.25
CA GLU C 53 -37.56 -1.65 -19.06
C GLU C 53 -36.35 -0.72 -19.02
N ASN C 54 -35.17 -1.23 -18.70
CA ASN C 54 -34.00 -0.39 -18.46
C ASN C 54 -32.90 -0.52 -19.52
N LEU C 55 -33.08 -1.37 -20.53
CA LEU C 55 -32.09 -1.54 -21.57
C LEU C 55 -32.73 -1.30 -22.94
N ALA C 56 -32.15 -0.38 -23.70
CA ALA C 56 -32.70 0.01 -24.99
C ALA C 56 -32.58 -1.12 -26.01
N PRO C 57 -33.36 -1.07 -27.09
CA PRO C 57 -33.21 -2.10 -28.14
C PRO C 57 -31.82 -2.17 -28.75
N ASP C 58 -31.07 -1.07 -28.72
CA ASP C 58 -29.69 -1.10 -29.18
C ASP C 58 -28.89 -2.16 -28.44
N HIS C 59 -29.17 -2.36 -27.15
CA HIS C 59 -28.43 -3.34 -26.37
C HIS C 59 -28.73 -4.76 -26.86
N TRP C 60 -30.01 -5.11 -26.99
CA TRP C 60 -30.35 -6.46 -27.43
C TRP C 60 -29.89 -6.72 -28.86
N GLU C 61 -29.92 -5.70 -29.72
CA GLU C 61 -29.44 -5.87 -31.09
C GLU C 61 -27.94 -6.17 -31.12
N ARG C 62 -27.15 -5.45 -30.33
CA ARG C 62 -25.71 -5.64 -30.35
C ARG C 62 -25.33 -7.01 -29.81
N TYR C 63 -25.93 -7.44 -28.71
CA TYR C 63 -25.57 -8.73 -28.14
C TYR C 63 -26.18 -9.90 -28.89
N THR C 64 -27.25 -9.69 -29.65
CA THR C 64 -27.69 -10.73 -30.58
C THR C 64 -26.57 -11.10 -31.54
N GLN C 65 -25.90 -10.09 -32.10
CA GLN C 65 -24.79 -10.34 -33.02
C GLN C 65 -23.64 -11.05 -32.31
N LEU C 66 -23.29 -10.61 -31.11
CA LEU C 66 -22.18 -11.24 -30.38
C LEU C 66 -22.48 -12.70 -30.09
N LEU C 67 -23.70 -13.00 -29.61
CA LEU C 67 -24.04 -14.38 -29.30
C LEU C 67 -24.08 -15.26 -30.54
N ARG C 68 -24.45 -14.69 -31.70
CA ARG C 68 -24.38 -15.46 -32.93
C ARG C 68 -22.94 -15.85 -33.26
N GLY C 69 -21.99 -14.95 -32.99
CA GLY C 69 -20.59 -15.32 -33.15
C GLY C 69 -20.12 -16.30 -32.08
N TRP C 70 -20.55 -16.08 -30.83
CA TRP C 70 -20.18 -17.01 -29.77
C TRP C 70 -20.80 -18.38 -29.98
N GLN C 71 -22.01 -18.43 -30.54
CA GLN C 71 -22.59 -19.72 -30.90
C GLN C 71 -21.67 -20.48 -31.85
N GLN C 72 -21.14 -19.78 -32.86
CA GLN C 72 -20.27 -20.43 -33.83
C GLN C 72 -18.96 -20.88 -33.19
N MET C 73 -18.40 -20.06 -32.30
CA MET C 73 -17.19 -20.45 -31.59
C MET C 73 -17.42 -21.71 -30.79
N PHE C 74 -18.53 -21.78 -30.05
CA PHE C 74 -18.84 -22.95 -29.25
C PHE C 74 -18.96 -24.20 -30.12
N LYS C 75 -19.54 -24.06 -31.32
CA LYS C 75 -19.73 -25.21 -32.20
C LYS C 75 -18.39 -25.78 -32.66
N VAL C 76 -17.45 -24.91 -33.02
CA VAL C 76 -16.15 -25.37 -33.51
C VAL C 76 -15.33 -25.96 -32.36
N GLU C 77 -15.36 -25.33 -31.18
CA GLU C 77 -14.60 -25.86 -30.06
C GLU C 77 -15.08 -27.25 -29.66
N LEU C 78 -16.40 -27.46 -29.68
CA LEU C 78 -16.91 -28.79 -29.36
C LEU C 78 -16.47 -29.81 -30.40
N LYS C 79 -16.40 -29.42 -31.67
CA LYS C 79 -15.91 -30.34 -32.70
C LYS C 79 -14.45 -30.72 -32.44
N ARG C 80 -13.62 -29.74 -32.06
CA ARG C 80 -12.22 -30.05 -31.78
C ARG C 80 -12.06 -30.90 -30.54
N LEU C 81 -12.90 -30.68 -29.52
CA LEU C 81 -12.83 -31.51 -28.32
C LEU C 81 -13.14 -32.97 -28.65
N GLN C 82 -14.21 -33.20 -29.40
CA GLN C 82 -14.55 -34.57 -29.78
C GLN C 82 -13.44 -35.22 -30.58
N ARG C 83 -12.78 -34.44 -31.45
CA ARG C 83 -11.64 -34.97 -32.20
C ARG C 83 -10.50 -35.35 -31.28
N HIS C 84 -10.22 -34.52 -30.27
CA HIS C 84 -9.18 -34.86 -29.30
C HIS C 84 -9.48 -36.16 -28.59
N TYR C 85 -10.74 -36.36 -28.20
CA TYR C 85 -11.14 -37.55 -27.46
C TYR C 85 -11.50 -38.72 -28.36
N ASN C 86 -11.55 -38.51 -29.67
CA ASN C 86 -12.06 -39.53 -30.61
C ASN C 86 -13.46 -39.97 -30.21
N HIS C 87 -14.34 -38.99 -30.05
CA HIS C 87 -15.72 -39.23 -29.63
C HIS C 87 -16.67 -38.99 -30.80
N SER C 88 -17.52 -39.96 -31.07
CA SER C 88 -18.63 -39.80 -31.98
C SER C 88 -19.92 -39.62 -31.18
N GLY C 89 -20.99 -39.33 -31.90
CA GLY C 89 -22.28 -39.16 -31.26
C GLY C 89 -22.45 -37.78 -30.64
N SER C 90 -23.41 -37.68 -29.74
CA SER C 90 -23.81 -36.41 -29.16
C SER C 90 -23.07 -36.17 -27.85
N HIS C 91 -22.46 -35.00 -27.73
CA HIS C 91 -21.73 -34.62 -26.52
C HIS C 91 -22.04 -33.17 -26.21
N THR C 92 -21.76 -32.77 -24.96
CA THR C 92 -22.12 -31.46 -24.47
C THR C 92 -20.88 -30.66 -24.09
N TYR C 93 -20.99 -29.34 -24.24
CA TYR C 93 -19.93 -28.40 -23.93
C TYR C 93 -20.56 -27.25 -23.17
N GLN C 94 -19.97 -26.89 -22.03
CA GLN C 94 -20.57 -25.91 -21.14
C GLN C 94 -19.53 -24.91 -20.66
N ARG C 95 -19.99 -23.67 -20.48
CA ARG C 95 -19.17 -22.58 -19.97
C ARG C 95 -19.95 -21.85 -18.89
N MET C 96 -19.25 -21.46 -17.84
CA MET C 96 -19.82 -20.63 -16.79
C MET C 96 -18.82 -19.53 -16.46
N ILE C 97 -19.28 -18.28 -16.55
CA ILE C 97 -18.45 -17.14 -16.18
C ILE C 97 -19.29 -16.23 -15.28
N GLY C 98 -18.63 -15.55 -14.34
CA GLY C 98 -19.35 -14.59 -13.53
C GLY C 98 -18.52 -14.09 -12.36
N CYS C 99 -19.21 -13.36 -11.49
CA CYS C 99 -18.57 -12.66 -10.40
C CYS C 99 -19.57 -12.52 -9.26
N GLU C 100 -19.02 -12.22 -8.08
CA GLU C 100 -19.83 -12.02 -6.89
C GLU C 100 -19.36 -10.75 -6.18
N LEU C 101 -20.30 -10.01 -5.62
CA LEU C 101 -20.02 -8.83 -4.80
C LEU C 101 -20.40 -9.18 -3.38
N LEU C 102 -19.39 -9.43 -2.53
CA LEU C 102 -19.66 -9.85 -1.17
C LEU C 102 -20.18 -8.70 -0.33
N GLU C 103 -20.69 -9.05 0.86
CA GLU C 103 -21.27 -8.05 1.76
C GLU C 103 -20.21 -7.08 2.26
N ASP C 104 -19.00 -7.56 2.53
CA ASP C 104 -17.94 -6.69 3.03
C ASP C 104 -17.34 -5.79 1.96
N GLY C 105 -17.72 -5.96 0.70
CA GLY C 105 -17.22 -5.14 -0.38
C GLY C 105 -16.20 -5.82 -1.28
N SER C 106 -15.67 -6.97 -0.87
CA SER C 106 -14.73 -7.70 -1.69
C SER C 106 -15.48 -8.42 -2.82
N THR C 107 -14.71 -8.91 -3.80
CA THR C 107 -15.27 -9.51 -4.99
C THR C 107 -14.59 -10.85 -5.28
N THR C 108 -15.31 -11.70 -6.00
CA THR C 108 -14.77 -12.92 -6.57
C THR C 108 -15.14 -12.99 -8.05
N GLY C 109 -14.40 -13.81 -8.78
CA GLY C 109 -14.67 -14.03 -10.18
C GLY C 109 -14.31 -15.44 -10.56
N PHE C 110 -15.04 -15.99 -11.53
CA PHE C 110 -14.80 -17.36 -11.93
C PHE C 110 -15.11 -17.52 -13.41
N LEU C 111 -14.40 -18.45 -14.04
CA LEU C 111 -14.61 -18.82 -15.44
C LEU C 111 -14.19 -20.27 -15.56
N GLN C 112 -15.12 -21.11 -16.00
CA GLN C 112 -14.95 -22.56 -16.00
C GLN C 112 -15.62 -23.14 -17.23
N TYR C 113 -15.05 -24.25 -17.73
CA TYR C 113 -15.62 -25.00 -18.84
C TYR C 113 -15.84 -26.45 -18.41
N ALA C 114 -16.83 -27.09 -19.02
CA ALA C 114 -17.12 -28.49 -18.75
C ALA C 114 -17.43 -29.21 -20.06
N TYR C 115 -17.01 -30.48 -20.12
CA TYR C 115 -17.27 -31.34 -21.26
C TYR C 115 -18.02 -32.57 -20.76
N ASP C 116 -19.20 -32.82 -21.34
CA ASP C 116 -20.08 -33.91 -20.92
C ASP C 116 -20.42 -33.82 -19.44
N GLY C 117 -20.63 -32.59 -18.95
CA GLY C 117 -21.05 -32.37 -17.58
C GLY C 117 -19.97 -32.50 -16.53
N GLN C 118 -18.71 -32.68 -16.92
CA GLN C 118 -17.62 -32.85 -15.98
C GLN C 118 -16.62 -31.71 -16.13
N ASP C 119 -15.95 -31.36 -15.02
CA ASP C 119 -14.97 -30.27 -15.06
C ASP C 119 -13.94 -30.51 -16.15
N PHE C 120 -13.62 -29.45 -16.90
CA PHE C 120 -12.66 -29.53 -17.98
C PHE C 120 -11.53 -28.52 -17.80
N LEU C 121 -11.83 -27.23 -17.73
CA LEU C 121 -10.82 -26.19 -17.55
C LEU C 121 -11.34 -25.16 -16.54
N ILE C 122 -10.47 -24.80 -15.60
CA ILE C 122 -10.79 -23.84 -14.55
C ILE C 122 -9.80 -22.70 -14.63
N PHE C 123 -10.29 -21.48 -14.83
CA PHE C 123 -9.42 -20.32 -14.95
C PHE C 123 -9.07 -19.80 -13.56
N ASN C 124 -7.80 -19.51 -13.34
CA ASN C 124 -7.34 -18.88 -12.11
C ASN C 124 -6.83 -17.49 -12.48
N LYS C 125 -7.63 -16.47 -12.17
CA LYS C 125 -7.29 -15.11 -12.58
C LYS C 125 -6.17 -14.52 -11.74
N ASP C 126 -5.88 -15.12 -10.58
CA ASP C 126 -4.81 -14.62 -9.72
C ASP C 126 -3.42 -15.01 -10.23
N THR C 127 -3.30 -16.14 -10.92
CA THR C 127 -2.05 -16.50 -11.57
C THR C 127 -2.15 -16.40 -13.09
N LEU C 128 -3.30 -15.98 -13.61
CA LEU C 128 -3.55 -15.92 -15.05
C LEU C 128 -3.22 -17.26 -15.72
N SER C 129 -3.75 -18.35 -15.18
CA SER C 129 -3.49 -19.67 -15.74
C SER C 129 -4.76 -20.50 -15.74
N TRP C 130 -4.72 -21.59 -16.48
CA TRP C 130 -5.84 -22.52 -16.61
C TRP C 130 -5.48 -23.86 -15.97
N LEU C 131 -6.35 -24.38 -15.13
CA LEU C 131 -6.15 -25.70 -14.55
C LEU C 131 -6.88 -26.72 -15.42
N ALA C 132 -6.15 -27.73 -15.88
CA ALA C 132 -6.67 -28.76 -16.79
C ALA C 132 -6.86 -30.08 -16.05
N VAL C 133 -7.89 -30.83 -16.45
CA VAL C 133 -8.21 -32.08 -15.76
C VAL C 133 -7.53 -33.30 -16.40
N ASP C 134 -7.23 -33.26 -17.70
CA ASP C 134 -6.63 -34.41 -18.37
C ASP C 134 -5.73 -33.90 -19.49
N ASN C 135 -5.17 -34.83 -20.26
CA ASN C 135 -4.23 -34.48 -21.32
C ASN C 135 -4.90 -33.66 -22.42
N VAL C 136 -6.18 -33.91 -22.71
CA VAL C 136 -6.88 -33.13 -23.71
C VAL C 136 -7.03 -31.69 -23.24
N ALA C 137 -7.53 -31.50 -22.02
CA ALA C 137 -7.63 -30.15 -21.48
C ALA C 137 -6.27 -29.46 -21.39
N HIS C 138 -5.20 -30.23 -21.20
CA HIS C 138 -3.86 -29.65 -21.16
C HIS C 138 -3.48 -29.08 -22.52
N THR C 139 -3.89 -29.76 -23.60
CA THR C 139 -3.63 -29.24 -24.94
C THR C 139 -4.32 -27.90 -25.16
N ILE C 140 -5.57 -27.79 -24.71
CA ILE C 140 -6.27 -26.51 -24.82
C ILE C 140 -5.65 -25.48 -23.90
N LYS C 141 -5.18 -25.91 -22.72
CA LYS C 141 -4.53 -24.99 -21.79
C LYS C 141 -3.34 -24.30 -22.43
N GLN C 142 -2.46 -25.07 -23.08
CA GLN C 142 -1.26 -24.50 -23.67
C GLN C 142 -1.60 -23.43 -24.70
N ALA C 143 -2.60 -23.69 -25.55
CA ALA C 143 -2.95 -22.71 -26.57
C ALA C 143 -3.51 -21.44 -25.96
N TRP C 144 -4.36 -21.57 -24.94
CA TRP C 144 -4.98 -20.38 -24.35
C TRP C 144 -3.99 -19.55 -23.56
N GLU C 145 -3.02 -20.21 -22.91
CA GLU C 145 -2.02 -19.51 -22.11
C GLU C 145 -0.95 -18.85 -22.95
N ALA C 146 -0.84 -19.20 -24.24
CA ALA C 146 0.14 -18.57 -25.11
C ALA C 146 -0.25 -17.13 -25.45
N ASN C 147 -1.53 -16.77 -25.28
CA ASN C 147 -2.02 -15.42 -25.57
C ASN C 147 -2.09 -14.66 -24.25
N GLN C 148 -0.99 -13.97 -23.91
CA GLN C 148 -0.90 -13.28 -22.63
C GLN C 148 -1.94 -12.16 -22.53
N HIS C 149 -2.18 -11.43 -23.63
CA HIS C 149 -3.13 -10.32 -23.60
C HIS C 149 -4.55 -10.80 -23.35
N GLU C 150 -4.93 -11.94 -23.91
CA GLU C 150 -6.29 -12.44 -23.66
C GLU C 150 -6.47 -12.84 -22.21
N LEU C 151 -5.43 -13.37 -21.56
CA LEU C 151 -5.51 -13.64 -20.13
C LEU C 151 -5.71 -12.36 -19.33
N LEU C 152 -4.97 -11.31 -19.68
CA LEU C 152 -5.16 -10.02 -19.01
C LEU C 152 -6.56 -9.47 -19.24
N TYR C 153 -7.05 -9.56 -20.48
CA TYR C 153 -8.42 -9.12 -20.77
C TYR C 153 -9.42 -9.88 -19.92
N GLN C 154 -9.23 -11.20 -19.79
CA GLN C 154 -10.14 -12.01 -19.00
C GLN C 154 -10.14 -11.57 -17.53
N LYS C 155 -8.95 -11.36 -16.96
CA LYS C 155 -8.87 -10.91 -15.58
C LYS C 155 -9.62 -9.59 -15.40
N ASN C 156 -9.39 -8.63 -16.30
CA ASN C 156 -10.06 -7.34 -16.20
C ASN C 156 -11.58 -7.48 -16.28
N TRP C 157 -12.07 -8.35 -17.17
CA TRP C 157 -13.52 -8.47 -17.31
C TRP C 157 -14.15 -9.03 -16.03
N LEU C 158 -13.55 -10.07 -15.46
CA LEU C 158 -14.07 -10.65 -14.22
C LEU C 158 -14.03 -9.66 -13.07
N GLU C 159 -12.94 -8.87 -12.96
CA GLU C 159 -12.73 -8.05 -11.78
C GLU C 159 -13.35 -6.65 -11.90
N GLU C 160 -13.48 -6.12 -13.11
CA GLU C 160 -14.02 -4.78 -13.32
C GLU C 160 -15.33 -4.79 -14.08
N GLU C 161 -15.35 -5.31 -15.31
CA GLU C 161 -16.56 -5.25 -16.13
C GLU C 161 -17.71 -6.02 -15.50
N CYS C 162 -17.45 -7.26 -15.08
CA CYS C 162 -18.52 -8.09 -14.53
C CYS C 162 -19.15 -7.44 -13.30
N ILE C 163 -18.32 -6.89 -12.41
CA ILE C 163 -18.84 -6.23 -11.21
C ILE C 163 -19.65 -5.00 -11.58
N ALA C 164 -19.15 -4.21 -12.53
CA ALA C 164 -19.90 -3.02 -12.96
C ALA C 164 -21.23 -3.41 -13.59
N TRP C 165 -21.27 -4.49 -14.37
CA TRP C 165 -22.54 -4.97 -14.90
C TRP C 165 -23.48 -5.37 -13.77
N LEU C 166 -22.94 -6.04 -12.75
CA LEU C 166 -23.76 -6.51 -11.65
C LEU C 166 -24.36 -5.36 -10.84
N LYS C 167 -23.55 -4.34 -10.54
CA LYS C 167 -24.08 -3.16 -9.84
C LYS C 167 -25.17 -2.48 -10.64
N ARG C 168 -25.03 -2.47 -11.96
CA ARG C 168 -26.04 -1.84 -12.81
C ARG C 168 -27.35 -2.61 -12.75
N PHE C 169 -27.30 -3.94 -12.89
CA PHE C 169 -28.52 -4.73 -12.85
C PHE C 169 -29.14 -4.73 -11.45
N LEU C 170 -28.31 -4.67 -10.41
CA LEU C 170 -28.85 -4.61 -9.05
CA LEU C 170 -28.84 -4.60 -9.05
C LEU C 170 -29.70 -3.37 -8.84
N GLU C 171 -29.35 -2.26 -9.48
CA GLU C 171 -30.16 -1.05 -9.37
C GLU C 171 -31.41 -1.12 -10.24
N TYR C 172 -31.33 -1.76 -11.41
CA TYR C 172 -32.51 -1.92 -12.26
C TYR C 172 -33.61 -2.65 -11.52
N GLY C 173 -33.30 -3.80 -10.92
CA GLY C 173 -34.32 -4.59 -10.26
C GLY C 173 -34.19 -4.59 -8.75
N LYS C 174 -33.93 -3.42 -8.16
CA LYS C 174 -33.76 -3.34 -6.72
C LYS C 174 -35.03 -3.70 -5.97
N ASP C 175 -36.21 -3.38 -6.53
CA ASP C 175 -37.46 -3.72 -5.87
C ASP C 175 -37.64 -5.22 -5.73
N THR C 176 -36.98 -6.02 -6.57
CA THR C 176 -37.04 -7.47 -6.48
C THR C 176 -35.83 -8.05 -5.73
N LEU C 177 -34.62 -7.63 -6.11
CA LEU C 177 -33.40 -8.28 -5.65
C LEU C 177 -33.03 -7.88 -4.23
N GLN C 178 -33.37 -6.68 -3.80
CA GLN C 178 -32.97 -6.18 -2.50
C GLN C 178 -34.10 -6.19 -1.48
N ARG C 179 -35.23 -6.79 -1.82
CA ARG C 179 -36.33 -6.88 -0.88
C ARG C 179 -36.08 -7.99 0.13
N THR C 180 -36.92 -8.02 1.17
CA THR C 180 -36.86 -9.05 2.19
C THR C 180 -38.27 -9.48 2.52
N GLU C 181 -38.55 -10.78 2.37
CA GLU C 181 -39.80 -11.34 2.86
C GLU C 181 -39.48 -12.33 3.97
N PRO C 182 -39.86 -12.06 5.22
CA PRO C 182 -39.44 -12.93 6.31
C PRO C 182 -40.14 -14.28 6.22
N PRO C 183 -39.53 -15.33 6.75
CA PRO C 183 -40.13 -16.67 6.63
C PRO C 183 -41.20 -16.94 7.66
N LEU C 184 -42.20 -17.71 7.23
CA LEU C 184 -43.18 -18.28 8.14
CA LEU C 184 -43.18 -18.28 8.14
C LEU C 184 -42.65 -19.62 8.62
N VAL C 185 -42.43 -19.76 9.92
CA VAL C 185 -41.78 -20.93 10.48
C VAL C 185 -42.71 -21.59 11.50
N ARG C 186 -42.79 -22.91 11.42
CA ARG C 186 -43.60 -23.70 12.33
C ARG C 186 -42.85 -24.97 12.69
N VAL C 187 -43.22 -25.55 13.81
CA VAL C 187 -42.64 -26.80 14.29
C VAL C 187 -43.76 -27.83 14.41
N ASN C 188 -43.54 -29.01 13.84
CA ASN C 188 -44.49 -30.10 13.93
C ASN C 188 -43.88 -31.26 14.71
N ARG C 189 -44.66 -31.84 15.60
CA ARG C 189 -44.27 -32.99 16.40
C ARG C 189 -45.20 -34.15 16.06
N LYS C 190 -44.63 -35.35 15.93
CA LYS C 190 -45.42 -36.53 15.63
C LYS C 190 -44.63 -37.78 16.00
N GLU C 191 -45.31 -38.74 16.64
CA GLU C 191 -44.74 -40.06 16.83
C GLU C 191 -44.86 -40.85 15.54
N THR C 192 -43.73 -41.37 15.05
CA THR C 192 -43.72 -42.10 13.78
C THR C 192 -43.69 -43.60 14.05
N PHE C 193 -42.53 -44.22 13.84
CA PHE C 193 -42.34 -45.59 14.28
C PHE C 193 -42.55 -45.67 15.79
N PRO C 194 -43.14 -46.76 16.30
CA PRO C 194 -43.37 -46.87 17.75
C PRO C 194 -42.15 -46.54 18.58
N GLY C 195 -42.25 -45.49 19.40
CA GLY C 195 -41.15 -45.03 20.22
C GLY C 195 -40.28 -43.95 19.58
N VAL C 196 -40.53 -43.59 18.33
CA VAL C 196 -39.72 -42.63 17.59
C VAL C 196 -40.57 -41.39 17.35
N THR C 197 -40.19 -40.27 17.96
CA THR C 197 -40.86 -39.00 17.76
C THR C 197 -40.01 -38.12 16.85
N ALA C 198 -40.62 -37.59 15.80
CA ALA C 198 -39.92 -36.78 14.81
C ALA C 198 -40.36 -35.33 14.92
N LEU C 199 -39.37 -34.43 14.99
CA LEU C 199 -39.63 -33.00 15.00
C LEU C 199 -39.28 -32.42 13.62
N PHE C 200 -40.22 -31.66 13.05
CA PHE C 200 -40.03 -31.02 11.76
C PHE C 200 -40.12 -29.51 11.95
N CYS C 201 -39.09 -28.80 11.50
CA CYS C 201 -39.08 -27.33 11.50
C CYS C 201 -39.16 -26.90 10.05
N LYS C 202 -40.28 -26.29 9.67
CA LYS C 202 -40.56 -25.98 8.27
C LYS C 202 -40.74 -24.48 8.09
N ALA C 203 -40.10 -23.94 7.06
CA ALA C 203 -40.16 -22.52 6.74
C ALA C 203 -40.57 -22.34 5.30
N HIS C 204 -41.39 -21.32 5.05
CA HIS C 204 -41.83 -21.03 3.69
C HIS C 204 -42.15 -19.54 3.60
N GLY C 205 -42.22 -19.06 2.36
CA GLY C 205 -42.60 -17.69 2.10
C GLY C 205 -41.49 -16.67 2.23
N PHE C 206 -40.23 -17.08 2.16
CA PHE C 206 -39.12 -16.18 2.42
C PHE C 206 -38.36 -15.87 1.13
N TYR C 207 -37.72 -14.69 1.12
CA TYR C 207 -36.82 -14.24 0.09
C TYR C 207 -35.86 -13.28 0.76
N PRO C 208 -34.55 -13.34 0.46
CA PRO C 208 -33.84 -14.22 -0.48
C PRO C 208 -33.86 -15.69 -0.05
N PRO C 209 -33.45 -16.60 -0.96
CA PRO C 209 -33.49 -18.04 -0.61
C PRO C 209 -32.50 -18.44 0.47
N GLU C 210 -31.46 -17.65 0.72
CA GLU C 210 -30.48 -18.04 1.72
C GLU C 210 -31.11 -17.97 3.11
N ILE C 211 -31.02 -19.08 3.85
CA ILE C 211 -31.62 -19.19 5.17
C ILE C 211 -30.83 -20.21 5.96
N TYR C 212 -30.74 -20.00 7.28
CA TYR C 212 -30.05 -20.92 8.17
C TYR C 212 -31.08 -21.56 9.10
N MET C 213 -31.10 -22.89 9.12
CA MET C 213 -32.00 -23.64 9.97
C MET C 213 -31.20 -24.72 10.69
N THR C 214 -31.42 -24.85 12.00
CA THR C 214 -30.70 -25.86 12.76
C THR C 214 -31.52 -26.22 13.99
N TRP C 215 -31.25 -27.42 14.51
CA TRP C 215 -31.85 -27.88 15.73
C TRP C 215 -30.81 -27.89 16.84
N MET C 216 -31.21 -27.43 18.02
CA MET C 216 -30.32 -27.38 19.17
C MET C 216 -31.04 -27.98 20.38
N LYS C 217 -30.25 -28.60 21.26
CA LYS C 217 -30.75 -29.23 22.48
C LYS C 217 -30.15 -28.50 23.67
N ASN C 218 -31.01 -28.01 24.56
CA ASN C 218 -30.59 -27.32 25.79
C ASN C 218 -29.71 -26.11 25.48
N GLY C 219 -29.96 -25.44 24.36
CA GLY C 219 -29.19 -24.29 23.97
C GLY C 219 -27.83 -24.57 23.37
N GLU C 220 -27.46 -25.83 23.22
CA GLU C 220 -26.19 -26.22 22.62
C GLU C 220 -26.44 -27.01 21.34
N GLU C 221 -25.43 -27.04 20.47
CA GLU C 221 -25.57 -27.67 19.17
C GLU C 221 -25.89 -29.15 19.32
N ILE C 222 -26.69 -29.67 18.38
CA ILE C 222 -27.00 -31.10 18.39
C ILE C 222 -25.81 -31.87 17.83
N VAL C 223 -25.72 -33.13 18.23
CA VAL C 223 -24.74 -34.04 17.65
C VAL C 223 -25.40 -35.24 16.98
N GLN C 224 -26.71 -35.41 17.16
CA GLN C 224 -27.45 -36.45 16.46
C GLN C 224 -27.59 -36.09 14.97
N GLU C 225 -28.34 -36.93 14.25
CA GLU C 225 -28.47 -36.79 12.80
C GLU C 225 -29.61 -35.84 12.48
N ILE C 226 -29.29 -34.78 11.74
CA ILE C 226 -30.28 -33.83 11.25
C ILE C 226 -30.52 -34.10 9.77
N ASP C 227 -31.79 -34.16 9.38
CA ASP C 227 -32.17 -34.27 7.97
C ASP C 227 -32.53 -32.87 7.48
N TYR C 228 -32.01 -32.50 6.32
CA TYR C 228 -32.23 -31.18 5.73
C TYR C 228 -32.98 -31.33 4.41
N GLY C 229 -34.02 -30.52 4.24
CA GLY C 229 -34.70 -30.43 2.97
C GLY C 229 -34.12 -29.31 2.11
N ASP C 230 -34.22 -29.48 0.80
CA ASP C 230 -33.69 -28.49 -0.11
C ASP C 230 -34.46 -27.17 0.00
N ILE C 231 -33.79 -26.08 -0.34
CA ILE C 231 -34.45 -24.79 -0.48
C ILE C 231 -35.15 -24.80 -1.84
N LEU C 232 -36.47 -24.87 -1.83
CA LEU C 232 -37.24 -25.08 -3.06
C LEU C 232 -38.02 -23.82 -3.43
N PRO C 233 -38.12 -23.51 -4.72
CA PRO C 233 -38.94 -22.37 -5.13
C PRO C 233 -40.42 -22.72 -5.06
N SER C 234 -41.20 -21.83 -4.48
CA SER C 234 -42.63 -22.07 -4.33
C SER C 234 -43.43 -21.64 -5.56
N GLY C 235 -42.79 -21.01 -6.55
CA GLY C 235 -43.46 -20.58 -7.75
C GLY C 235 -43.95 -19.14 -7.74
N ASP C 236 -43.90 -18.47 -6.59
CA ASP C 236 -44.37 -17.10 -6.45
C ASP C 236 -43.24 -16.11 -6.16
N GLY C 237 -41.99 -16.52 -6.37
CA GLY C 237 -40.85 -15.70 -6.03
C GLY C 237 -40.28 -15.91 -4.65
N THR C 238 -40.95 -16.68 -3.80
CA THR C 238 -40.46 -17.03 -2.47
C THR C 238 -40.05 -18.49 -2.42
N TYR C 239 -39.47 -18.88 -1.29
CA TYR C 239 -38.86 -20.20 -1.16
C TYR C 239 -39.33 -20.87 0.13
N GLN C 240 -38.99 -22.16 0.24
CA GLN C 240 -39.40 -22.96 1.38
C GLN C 240 -38.32 -24.00 1.65
N ALA C 241 -38.20 -24.39 2.91
CA ALA C 241 -37.19 -25.34 3.35
C ALA C 241 -37.60 -25.90 4.70
N TRP C 242 -36.86 -26.92 5.15
CA TRP C 242 -37.16 -27.52 6.44
C TRP C 242 -35.93 -28.27 6.95
N ALA C 243 -35.96 -28.59 8.25
CA ALA C 243 -34.97 -29.44 8.89
C ALA C 243 -35.68 -30.28 9.94
N SER C 244 -35.22 -31.51 10.12
CA SER C 244 -35.90 -32.44 11.01
C SER C 244 -34.90 -33.26 11.80
N ILE C 245 -35.31 -33.63 13.02
CA ILE C 245 -34.56 -34.50 13.90
C ILE C 245 -35.53 -35.47 14.56
N GLU C 246 -34.99 -36.38 15.37
CA GLU C 246 -35.81 -37.26 16.18
C GLU C 246 -35.23 -37.31 17.59
N LEU C 247 -36.10 -37.44 18.58
CA LEU C 247 -35.67 -37.44 19.97
C LEU C 247 -35.92 -38.79 20.62
N ASN C 253 -34.43 -33.47 28.11
CA ASN C 253 -34.03 -32.96 26.80
C ASN C 253 -35.02 -31.92 26.27
N LEU C 254 -34.53 -30.71 26.00
CA LEU C 254 -35.34 -29.60 25.53
C LEU C 254 -34.83 -29.15 24.16
N TYR C 255 -35.69 -29.22 23.16
CA TYR C 255 -35.31 -28.95 21.77
C TYR C 255 -35.88 -27.63 21.30
N SER C 256 -35.14 -26.96 20.42
CA SER C 256 -35.54 -25.70 19.85
C SER C 256 -34.99 -25.59 18.44
N CYS C 257 -35.80 -25.03 17.54
CA CYS C 257 -35.40 -24.79 16.16
C CYS C 257 -34.92 -23.35 16.03
N HIS C 258 -33.76 -23.18 15.42
CA HIS C 258 -33.17 -21.86 15.22
C HIS C 258 -33.16 -21.54 13.74
N VAL C 259 -33.65 -20.35 13.40
CA VAL C 259 -33.74 -19.91 12.01
C VAL C 259 -33.17 -18.50 11.94
N GLU C 260 -32.25 -18.29 11.00
CA GLU C 260 -31.70 -16.97 10.73
C GLU C 260 -31.94 -16.61 9.28
N HIS C 261 -32.46 -15.42 9.04
CA HIS C 261 -32.76 -14.98 7.68
C HIS C 261 -32.59 -13.47 7.61
N SER C 262 -31.68 -13.04 6.74
CA SER C 262 -31.41 -11.63 6.46
CA SER C 262 -31.41 -11.63 6.46
C SER C 262 -31.36 -10.79 7.73
N GLY C 263 -30.44 -11.18 8.62
CA GLY C 263 -30.16 -10.44 9.84
C GLY C 263 -31.19 -10.55 10.94
N VAL C 264 -32.18 -11.43 10.81
CA VAL C 264 -33.16 -11.65 11.86
C VAL C 264 -33.03 -13.10 12.33
N HIS C 265 -32.95 -13.27 13.64
CA HIS C 265 -32.85 -14.60 14.24
C HIS C 265 -34.16 -14.93 14.93
N MET C 266 -34.60 -16.17 14.80
CA MET C 266 -35.86 -16.64 15.37
CA MET C 266 -35.82 -16.59 15.48
C MET C 266 -35.64 -18.00 16.04
N VAL C 267 -36.28 -18.21 17.19
CA VAL C 267 -36.19 -19.46 17.93
C VAL C 267 -37.60 -19.99 18.15
N LEU C 268 -37.78 -21.29 17.95
CA LEU C 268 -39.05 -21.98 18.17
C LEU C 268 -38.81 -23.10 19.17
N GLN C 269 -39.24 -22.89 20.42
CA GLN C 269 -39.06 -23.88 21.46
CA GLN C 269 -39.06 -23.88 21.46
C GLN C 269 -40.12 -24.96 21.36
N VAL C 270 -39.72 -26.21 21.48
CA VAL C 270 -40.64 -27.34 21.44
C VAL C 270 -41.21 -27.55 22.84
N PRO C 271 -42.54 -27.44 23.03
CA PRO C 271 -43.16 -27.61 24.34
C PRO C 271 -43.26 -29.08 24.77
N GLY D 2 -22.21 9.38 -26.00
CA GLY D 2 -21.48 10.15 -25.01
C GLY D 2 -20.10 9.61 -24.72
N GLN D 3 -19.57 8.80 -25.63
CA GLN D 3 -18.24 8.22 -25.51
C GLN D 3 -17.27 9.07 -26.31
N ASN D 4 -16.12 9.38 -25.72
CA ASN D 4 -15.17 10.31 -26.32
CA ASN D 4 -15.17 10.33 -26.29
C ASN D 4 -13.75 9.78 -26.20
N ILE D 5 -12.96 10.03 -27.24
CA ILE D 5 -11.55 9.68 -27.30
C ILE D 5 -10.80 10.92 -27.75
N ASP D 6 -9.81 11.35 -26.98
CA ASP D 6 -9.09 12.59 -27.24
C ASP D 6 -7.60 12.30 -27.35
N GLN D 7 -7.03 12.59 -28.52
CA GLN D 7 -5.60 12.56 -28.74
C GLN D 7 -5.23 13.79 -29.56
N PRO D 8 -4.02 14.32 -29.39
CA PRO D 8 -3.66 15.55 -30.12
C PRO D 8 -3.71 15.35 -31.62
N THR D 9 -4.04 16.45 -32.33
CA THR D 9 -4.14 16.40 -33.78
C THR D 9 -2.77 16.17 -34.43
N GLU D 10 -1.74 16.85 -33.94
CA GLU D 10 -0.42 16.75 -34.54
C GLU D 10 0.63 16.94 -33.46
N MET D 11 1.78 16.29 -33.66
CA MET D 11 2.93 16.47 -32.79
C MET D 11 4.18 16.51 -33.66
N THR D 12 5.17 17.28 -33.21
CA THR D 12 6.42 17.45 -33.93
C THR D 12 7.57 17.31 -32.95
N ALA D 13 8.52 16.43 -33.27
CA ALA D 13 9.69 16.22 -32.45
C ALA D 13 10.90 16.06 -33.35
N THR D 14 12.09 16.10 -32.76
CA THR D 14 13.33 16.03 -33.49
C THR D 14 13.81 14.60 -33.61
N GLU D 15 14.39 14.27 -34.77
CA GLU D 15 14.98 12.97 -35.01
C GLU D 15 15.99 12.61 -33.92
N GLY D 16 15.87 11.41 -33.38
CA GLY D 16 16.75 10.93 -32.35
C GLY D 16 16.31 11.25 -30.93
N ALA D 17 15.24 12.04 -30.77
CA ALA D 17 14.73 12.38 -29.44
C ALA D 17 13.63 11.40 -29.06
N ILE D 18 12.75 11.81 -28.15
CA ILE D 18 11.68 10.97 -27.63
C ILE D 18 10.38 11.76 -27.70
N VAL D 19 9.30 11.08 -28.09
CA VAL D 19 7.97 11.71 -28.14
C VAL D 19 6.97 10.80 -27.44
N GLN D 20 5.99 11.43 -26.78
CA GLN D 20 4.95 10.73 -26.04
C GLN D 20 3.60 11.20 -26.55
N ILE D 21 2.81 10.28 -27.11
CA ILE D 21 1.50 10.59 -27.68
C ILE D 21 0.45 10.15 -26.67
N ASN D 22 -0.31 11.12 -26.15
CA ASN D 22 -1.32 10.84 -25.15
C ASN D 22 -2.65 10.49 -25.80
N CYS D 23 -3.47 9.75 -25.04
CA CYS D 23 -4.82 9.39 -25.46
C CYS D 23 -5.67 9.29 -24.21
N THR D 24 -6.62 10.21 -24.04
CA THR D 24 -7.58 10.13 -22.95
C THR D 24 -8.92 9.61 -23.47
N TYR D 25 -9.64 8.89 -22.62
CA TYR D 25 -10.89 8.28 -23.04
C TYR D 25 -11.93 8.37 -21.93
N GLN D 26 -13.19 8.60 -22.33
CA GLN D 26 -14.34 8.57 -21.43
C GLN D 26 -15.37 7.66 -22.10
N THR D 27 -15.46 6.42 -21.62
CA THR D 27 -16.31 5.41 -22.24
C THR D 27 -17.17 4.74 -21.18
N SER D 28 -18.28 4.17 -21.63
CA SER D 28 -19.12 3.32 -20.78
C SER D 28 -18.53 1.92 -20.81
N GLY D 29 -17.67 1.63 -19.83
CA GLY D 29 -16.98 0.37 -19.77
C GLY D 29 -15.66 0.40 -20.52
N PHE D 30 -14.83 -0.61 -20.23
CA PHE D 30 -13.49 -0.66 -20.80
C PHE D 30 -13.08 -2.11 -20.96
N ASN D 31 -12.63 -2.47 -22.17
CA ASN D 31 -12.18 -3.84 -22.45
C ASN D 31 -10.84 -3.84 -23.18
N GLY D 32 -10.12 -2.73 -23.13
CA GLY D 32 -8.79 -2.66 -23.73
C GLY D 32 -8.59 -1.40 -24.55
N LEU D 33 -7.33 -1.03 -24.74
CA LEU D 33 -6.96 0.12 -25.53
C LEU D 33 -5.92 -0.31 -26.55
N PHE D 34 -6.13 0.07 -27.81
CA PHE D 34 -5.27 -0.29 -28.92
C PHE D 34 -4.58 0.95 -29.48
N TRP D 35 -3.34 0.76 -29.93
CA TRP D 35 -2.64 1.76 -30.72
C TRP D 35 -2.36 1.19 -32.10
N TYR D 36 -2.61 1.99 -33.14
CA TYR D 36 -2.35 1.63 -34.52
C TYR D 36 -1.44 2.66 -35.14
N GLN D 37 -0.55 2.22 -36.03
CA GLN D 37 0.27 3.10 -36.86
C GLN D 37 -0.29 3.08 -38.28
N GLN D 38 -0.46 4.27 -38.87
CA GLN D 38 -0.94 4.39 -40.24
C GLN D 38 -0.07 5.39 -40.99
N HIS D 39 0.84 4.89 -41.81
CA HIS D 39 1.61 5.76 -42.68
C HIS D 39 0.69 6.41 -43.73
N ALA D 40 1.17 7.50 -44.30
CA ALA D 40 0.38 8.26 -45.26
C ALA D 40 0.05 7.40 -46.48
N GLY D 41 -1.24 7.27 -46.78
CA GLY D 41 -1.67 6.50 -47.92
C GLY D 41 -1.68 5.00 -47.74
N GLU D 42 -1.46 4.52 -46.53
CA GLU D 42 -1.43 3.08 -46.26
C GLU D 42 -2.51 2.73 -45.23
N ALA D 43 -2.57 1.45 -44.89
CA ALA D 43 -3.53 0.91 -43.94
C ALA D 43 -2.99 0.99 -42.52
N PRO D 44 -3.88 1.11 -41.53
CA PRO D 44 -3.43 1.03 -40.12
C PRO D 44 -2.93 -0.37 -39.80
N THR D 45 -1.88 -0.44 -38.99
CA THR D 45 -1.32 -1.70 -38.52
C THR D 45 -1.22 -1.69 -37.00
N PHE D 46 -1.56 -2.83 -36.40
CA PHE D 46 -1.60 -2.94 -34.94
C PHE D 46 -0.22 -2.70 -34.34
N LEU D 47 -0.17 -1.85 -33.31
CA LEU D 47 1.05 -1.61 -32.54
C LEU D 47 1.03 -2.26 -31.17
N SER D 48 -0.02 -2.03 -30.38
CA SER D 48 0.00 -2.48 -28.99
C SER D 48 -1.41 -2.57 -28.45
N TYR D 49 -1.53 -3.27 -27.33
CA TYR D 49 -2.79 -3.45 -26.61
C TYR D 49 -2.53 -3.41 -25.12
N ASN D 50 -3.31 -2.61 -24.40
CA ASN D 50 -3.24 -2.56 -22.94
C ASN D 50 -4.65 -2.65 -22.36
N VAL D 51 -4.79 -3.41 -21.29
CA VAL D 51 -6.08 -3.52 -20.60
C VAL D 51 -5.90 -3.34 -19.10
N LEU D 52 -4.73 -3.71 -18.57
CA LEU D 52 -4.41 -3.50 -17.17
C LEU D 52 -3.34 -2.43 -17.04
N ASP D 53 -3.18 -1.93 -15.80
CA ASP D 53 -2.21 -0.88 -15.55
C ASP D 53 -0.79 -1.38 -15.76
N GLY D 54 0.01 -0.62 -16.48
CA GLY D 54 1.40 -0.96 -16.66
C GLY D 54 1.94 -0.39 -17.96
N LEU D 55 3.19 -0.74 -18.23
CA LEU D 55 3.92 -0.28 -19.41
C LEU D 55 4.50 -1.48 -20.13
N GLU D 56 4.19 -1.63 -21.42
CA GLU D 56 4.72 -2.72 -22.23
C GLU D 56 5.58 -2.15 -23.34
N GLU D 57 6.76 -2.73 -23.51
CA GLU D 57 7.75 -2.25 -24.48
C GLU D 57 7.88 -3.25 -25.63
N LYS D 58 7.95 -2.72 -26.85
CA LYS D 58 8.14 -3.51 -28.07
C LYS D 58 9.15 -2.75 -28.93
N GLY D 59 10.42 -3.13 -28.82
CA GLY D 59 11.46 -2.43 -29.56
C GLY D 59 11.63 -1.02 -29.03
N ARG D 60 11.56 -0.04 -29.92
CA ARG D 60 11.63 1.35 -29.55
C ARG D 60 10.29 1.94 -29.14
N PHE D 61 9.21 1.15 -29.23
CA PHE D 61 7.87 1.60 -28.90
C PHE D 61 7.44 1.04 -27.55
N SER D 62 6.77 1.88 -26.77
CA SER D 62 6.25 1.47 -25.47
C SER D 62 4.86 2.05 -25.30
N SER D 63 3.96 1.28 -24.68
CA SER D 63 2.58 1.69 -24.47
CA SER D 63 2.59 1.70 -24.48
C SER D 63 2.24 1.59 -23.00
N PHE D 64 1.66 2.64 -22.46
CA PHE D 64 1.31 2.75 -21.04
C PHE D 64 -0.20 2.94 -20.90
N LEU D 65 -0.74 2.43 -19.80
CA LEU D 65 -2.16 2.56 -19.51
C LEU D 65 -2.37 2.82 -18.03
N SER D 66 -3.22 3.80 -17.72
CA SER D 66 -3.67 4.07 -16.35
C SER D 66 -5.19 4.05 -16.34
N ARG D 67 -5.76 3.03 -15.69
CA ARG D 67 -7.22 2.89 -15.65
CA ARG D 67 -7.21 2.90 -15.66
C ARG D 67 -7.87 3.95 -14.77
N SER D 68 -7.26 4.25 -13.61
CA SER D 68 -7.84 5.23 -12.71
C SER D 68 -7.88 6.62 -13.34
N LYS D 69 -6.81 6.99 -14.07
CA LYS D 69 -6.79 8.28 -14.75
C LYS D 69 -7.47 8.25 -16.11
N GLY D 70 -7.77 7.06 -16.63
CA GLY D 70 -8.44 6.94 -17.91
C GLY D 70 -7.64 7.57 -19.04
N TYR D 71 -6.37 7.22 -19.13
CA TYR D 71 -5.54 7.73 -20.21
C TYR D 71 -4.43 6.73 -20.51
N SER D 72 -3.88 6.84 -21.71
CA SER D 72 -2.79 6.00 -22.18
C SER D 72 -1.82 6.87 -22.96
N TYR D 73 -0.58 6.42 -23.07
CA TYR D 73 0.33 7.10 -23.97
C TYR D 73 1.14 6.07 -24.76
N LEU D 74 1.53 6.48 -25.97
CA LEU D 74 2.44 5.73 -26.81
C LEU D 74 3.77 6.46 -26.83
N LEU D 75 4.84 5.78 -26.43
CA LEU D 75 6.16 6.38 -26.27
C LEU D 75 7.09 5.85 -27.35
N LEU D 76 7.67 6.75 -28.13
CA LEU D 76 8.63 6.40 -29.16
C LEU D 76 10.00 6.94 -28.76
N LYS D 77 10.99 6.05 -28.64
CA LYS D 77 12.35 6.43 -28.31
C LYS D 77 13.23 6.40 -29.56
N GLU D 78 14.30 7.20 -29.52
CA GLU D 78 15.29 7.25 -30.60
C GLU D 78 14.61 7.44 -31.95
N LEU D 79 13.91 8.56 -32.07
CA LEU D 79 13.04 8.80 -33.22
C LEU D 79 13.81 8.73 -34.53
N GLN D 80 13.22 8.06 -35.51
CA GLN D 80 13.73 8.01 -36.88
C GLN D 80 12.76 8.69 -37.81
N MET D 81 13.25 9.02 -39.01
CA MET D 81 12.38 9.64 -40.01
C MET D 81 11.23 8.71 -40.41
N LYS D 82 11.46 7.40 -40.35
CA LYS D 82 10.43 6.44 -40.72
C LYS D 82 9.25 6.42 -39.74
N ASP D 83 9.41 7.02 -38.57
CA ASP D 83 8.32 7.06 -37.60
C ASP D 83 7.28 8.13 -37.94
N SER D 84 7.53 8.96 -38.95
CA SER D 84 6.54 9.92 -39.44
C SER D 84 5.33 9.17 -39.98
N ALA D 85 4.20 9.31 -39.30
CA ALA D 85 2.97 8.61 -39.64
C ALA D 85 1.86 9.17 -38.74
N SER D 86 0.65 8.68 -38.95
CA SER D 86 -0.44 8.91 -38.01
C SER D 86 -0.53 7.75 -37.03
N TYR D 87 -0.89 8.07 -35.79
CA TYR D 87 -1.00 7.08 -34.73
C TYR D 87 -2.41 7.18 -34.15
N LEU D 88 -3.15 6.08 -34.25
CA LEU D 88 -4.56 6.02 -33.88
C LEU D 88 -4.70 5.25 -32.58
N CYS D 89 -5.55 5.77 -31.70
N CYS D 89 -5.47 5.79 -31.65
CA CYS D 89 -5.86 5.16 -30.41
CA CYS D 89 -5.82 5.08 -30.43
C CYS D 89 -7.33 4.77 -30.40
C CYS D 89 -7.30 4.77 -30.42
N ALA D 90 -7.64 3.55 -29.98
CA ALA D 90 -9.01 3.07 -29.96
C ALA D 90 -9.28 2.25 -28.72
N VAL D 91 -10.47 2.40 -28.15
CA VAL D 91 -10.87 1.73 -26.91
C VAL D 91 -12.11 0.90 -27.19
N LYS D 92 -12.11 -0.33 -26.66
CA LYS D 92 -13.28 -1.20 -26.71
C LYS D 92 -14.17 -0.93 -25.51
N ASP D 93 -15.44 -0.61 -25.75
CA ASP D 93 -16.35 -0.28 -24.65
C ASP D 93 -16.95 -1.56 -24.07
N SER D 94 -17.92 -1.40 -23.16
CA SER D 94 -18.52 -2.55 -22.49
CA SER D 94 -18.52 -2.55 -22.49
C SER D 94 -19.14 -3.52 -23.49
N ASN D 95 -19.65 -3.02 -24.61
CA ASN D 95 -20.27 -3.84 -25.63
C ASN D 95 -19.29 -4.24 -26.73
N TYR D 96 -17.99 -4.14 -26.48
CA TYR D 96 -16.93 -4.56 -27.39
C TYR D 96 -16.91 -3.77 -28.69
N GLN D 97 -17.54 -2.60 -28.71
CA GLN D 97 -17.47 -1.72 -29.87
C GLN D 97 -16.20 -0.88 -29.80
N LEU D 98 -15.57 -0.67 -30.96
CA LEU D 98 -14.36 0.15 -31.00
C LEU D 98 -14.72 1.63 -31.13
N ILE D 99 -14.15 2.46 -30.25
CA ILE D 99 -14.28 3.90 -30.32
C ILE D 99 -12.92 4.45 -30.74
N TRP D 100 -12.87 5.05 -31.93
CA TRP D 100 -11.61 5.45 -32.54
C TRP D 100 -11.31 6.92 -32.26
N GLY D 101 -10.08 7.20 -31.81
CA GLY D 101 -9.63 8.57 -31.76
C GLY D 101 -9.30 9.12 -33.14
N ALA D 102 -9.31 10.45 -33.26
CA ALA D 102 -9.12 11.09 -34.55
C ALA D 102 -7.71 10.93 -35.10
N GLY D 103 -6.78 10.40 -34.32
CA GLY D 103 -5.43 10.17 -34.81
C GLY D 103 -4.52 11.35 -34.59
N THR D 104 -3.23 11.04 -34.34
CA THR D 104 -2.19 12.04 -34.17
C THR D 104 -1.18 11.89 -35.29
N LYS D 105 -1.02 12.95 -36.09
CA LYS D 105 0.03 12.99 -37.11
C LYS D 105 1.34 13.38 -36.44
N LEU D 106 2.35 12.51 -36.55
CA LEU D 106 3.67 12.76 -35.96
C LEU D 106 4.64 13.20 -37.05
N ILE D 107 5.24 14.37 -36.88
CA ILE D 107 6.21 14.92 -37.81
C ILE D 107 7.58 14.89 -37.15
N ILE D 108 8.55 14.32 -37.86
CA ILE D 108 9.92 14.18 -37.35
C ILE D 108 10.81 15.17 -38.11
N LYS D 109 11.42 16.09 -37.37
CA LYS D 109 12.32 17.05 -37.96
C LYS D 109 13.73 16.48 -38.01
N PRO D 110 14.37 16.42 -39.18
CA PRO D 110 15.72 15.85 -39.25
C PRO D 110 16.74 16.74 -38.55
N ASP D 111 17.82 16.12 -38.11
CA ASP D 111 18.92 16.82 -37.44
C ASP D 111 19.91 17.25 -38.52
N ILE D 112 19.72 18.48 -39.02
CA ILE D 112 20.58 19.02 -40.08
C ILE D 112 21.90 19.45 -39.45
N GLN D 113 22.98 18.75 -39.80
CA GLN D 113 24.26 19.05 -39.19
C GLN D 113 24.84 20.36 -39.73
N ASN D 114 24.93 20.49 -41.06
CA ASN D 114 25.52 21.66 -41.72
C ASN D 114 24.50 22.30 -42.63
N PRO D 115 23.68 23.22 -42.12
CA PRO D 115 22.71 23.91 -42.99
C PRO D 115 23.41 24.79 -44.01
N ASP D 116 22.83 24.85 -45.22
CA ASP D 116 23.41 25.61 -46.33
C ASP D 116 22.28 26.19 -47.17
N PRO D 117 21.50 27.11 -46.60
CA PRO D 117 20.28 27.57 -47.27
C PRO D 117 20.58 28.26 -48.60
N ALA D 118 19.77 27.92 -49.61
CA ALA D 118 19.95 28.46 -50.95
C ALA D 118 18.66 28.30 -51.73
N VAL D 119 18.52 29.12 -52.77
CA VAL D 119 17.38 29.08 -53.67
C VAL D 119 17.93 28.96 -55.09
N TYR D 120 17.66 27.84 -55.74
CA TYR D 120 18.13 27.58 -57.09
C TYR D 120 16.98 27.64 -58.08
N GLN D 121 17.34 27.68 -59.37
CA GLN D 121 16.38 27.68 -60.45
C GLN D 121 16.71 26.55 -61.41
N LEU D 122 15.71 25.72 -61.70
CA LEU D 122 15.91 24.58 -62.60
C LEU D 122 15.35 24.90 -63.98
N ARG D 123 16.02 24.36 -65.01
CA ARG D 123 15.63 24.58 -66.39
C ARG D 123 14.65 23.50 -66.84
N ASP D 124 13.67 23.91 -67.65
CA ASP D 124 12.63 23.01 -68.13
C ASP D 124 13.18 21.96 -69.10
N VAL D 132 10.74 26.86 -62.32
CA VAL D 132 10.70 26.18 -61.03
C VAL D 132 11.86 26.60 -60.14
N CYS D 133 11.53 27.06 -58.94
CA CYS D 133 12.52 27.51 -57.95
C CYS D 133 12.56 26.53 -56.79
N LEU D 134 13.78 26.17 -56.38
CA LEU D 134 14.01 25.18 -55.32
C LEU D 134 14.67 25.85 -54.13
N PHE D 135 13.93 25.99 -53.04
CA PHE D 135 14.49 26.38 -51.75
C PHE D 135 14.91 25.12 -51.02
N THR D 136 16.20 25.00 -50.70
CA THR D 136 16.71 23.75 -50.17
C THR D 136 17.82 24.02 -49.15
N ASP D 137 18.17 22.95 -48.43
CA ASP D 137 19.31 22.90 -47.51
C ASP D 137 19.20 23.90 -46.36
N PHE D 138 17.99 24.30 -46.00
CA PHE D 138 17.79 25.12 -44.82
C PHE D 138 17.57 24.23 -43.61
N ASP D 139 17.80 24.81 -42.42
CA ASP D 139 17.65 24.04 -41.20
C ASP D 139 16.18 23.82 -40.87
N SER D 140 15.92 22.80 -40.05
CA SER D 140 14.56 22.36 -39.76
C SER D 140 13.77 23.38 -38.95
N GLN D 141 14.40 24.43 -38.46
CA GLN D 141 13.69 25.43 -37.68
C GLN D 141 12.88 26.40 -38.54
N THR D 142 13.18 26.49 -39.83
CA THR D 142 12.49 27.43 -40.70
C THR D 142 11.17 26.82 -41.19
N ASN D 143 10.15 27.68 -41.32
CA ASN D 143 8.84 27.29 -41.80
C ASN D 143 8.51 28.00 -43.10
N VAL D 144 7.92 27.27 -44.04
CA VAL D 144 7.56 27.79 -45.35
C VAL D 144 6.10 28.20 -45.33
N SER D 145 5.83 29.43 -45.75
CA SER D 145 4.48 29.94 -45.80
C SER D 145 3.85 29.67 -47.17
N GLN D 146 2.52 29.58 -47.18
CA GLN D 146 1.81 29.41 -48.43
C GLN D 146 1.83 30.71 -49.23
N SER D 147 1.58 30.59 -50.52
CA SER D 147 1.69 31.70 -51.47
C SER D 147 0.42 32.56 -51.43
N LYS D 148 0.62 33.87 -51.53
CA LYS D 148 -0.50 34.80 -51.57
C LYS D 148 -1.13 34.85 -52.97
N ASP D 149 -0.31 34.81 -54.01
CA ASP D 149 -0.82 34.82 -55.38
C ASP D 149 -1.37 33.44 -55.74
N SER D 150 -2.49 33.44 -56.48
CA SER D 150 -3.12 32.19 -56.88
C SER D 150 -2.51 31.59 -58.14
N ASP D 151 -1.79 32.37 -58.92
CA ASP D 151 -1.10 31.86 -60.09
C ASP D 151 0.33 31.44 -59.78
N VAL D 152 0.78 31.58 -58.54
CA VAL D 152 2.07 31.05 -58.10
C VAL D 152 1.79 29.95 -57.08
N TYR D 153 2.58 28.88 -57.15
CA TYR D 153 2.31 27.67 -56.36
C TYR D 153 3.54 27.34 -55.52
N ILE D 154 3.35 27.22 -54.22
CA ILE D 154 4.42 26.90 -53.28
C ILE D 154 4.03 25.66 -52.51
N THR D 155 4.93 24.68 -52.44
CA THR D 155 4.66 23.42 -51.79
C THR D 155 5.11 23.46 -50.33
N ASP D 156 4.75 22.40 -49.60
CA ASP D 156 5.13 22.28 -48.20
C ASP D 156 6.56 21.78 -48.08
N LYS D 157 7.07 21.80 -46.85
CA LYS D 157 8.44 21.37 -46.59
C LYS D 157 8.58 19.86 -46.83
N CYS D 158 9.71 19.45 -47.40
CA CYS D 158 9.93 18.06 -47.76
C CYS D 158 11.34 17.65 -47.33
N VAL D 159 11.44 16.49 -46.68
CA VAL D 159 12.71 15.97 -46.16
C VAL D 159 13.10 14.76 -47.00
N LEU D 160 14.23 14.86 -47.69
CA LEU D 160 14.80 13.72 -48.38
C LEU D 160 16.03 13.24 -47.61
N ASP D 161 16.32 11.94 -47.74
CA ASP D 161 17.44 11.32 -47.04
C ASP D 161 18.19 10.42 -48.01
N MET D 162 19.43 10.77 -48.30
CA MET D 162 20.31 9.93 -49.11
C MET D 162 21.09 9.03 -48.14
N ARG D 163 20.65 7.78 -48.01
CA ARG D 163 21.21 6.90 -46.98
C ARG D 163 22.66 6.53 -47.27
N SER D 164 23.06 6.47 -48.54
CA SER D 164 24.42 6.06 -48.87
C SER D 164 25.44 7.10 -48.44
N MET D 165 25.08 8.38 -48.46
CA MET D 165 25.97 9.45 -48.05
C MET D 165 25.67 9.97 -46.64
N ASP D 166 24.65 9.43 -45.97
CA ASP D 166 24.28 9.83 -44.62
C ASP D 166 24.03 11.34 -44.54
N PHE D 167 23.17 11.84 -45.42
CA PHE D 167 22.88 13.26 -45.52
C PHE D 167 21.38 13.46 -45.70
N LYS D 168 20.82 14.41 -44.94
CA LYS D 168 19.42 14.78 -45.04
C LYS D 168 19.32 16.27 -45.34
N SER D 169 18.26 16.65 -46.05
CA SER D 169 18.06 18.03 -46.44
C SER D 169 16.57 18.33 -46.59
N ASN D 170 16.18 19.52 -46.15
CA ASN D 170 14.83 20.01 -46.41
C ASN D 170 14.77 20.68 -47.78
N SER D 171 13.55 20.81 -48.30
CA SER D 171 13.39 21.47 -49.59
C SER D 171 11.95 21.95 -49.75
N ALA D 172 11.78 22.98 -50.57
CA ALA D 172 10.46 23.48 -50.96
C ALA D 172 10.56 23.97 -52.40
N VAL D 173 9.45 23.88 -53.12
CA VAL D 173 9.41 24.16 -54.55
C VAL D 173 8.36 25.22 -54.83
N ALA D 174 8.70 26.17 -55.70
CA ALA D 174 7.77 27.20 -56.17
C ALA D 174 7.89 27.32 -57.68
N TRP D 175 6.75 27.60 -58.32
CA TRP D 175 6.71 27.74 -59.77
C TRP D 175 5.47 28.52 -60.17
N SER D 176 5.47 29.02 -61.40
CA SER D 176 4.36 29.82 -61.90
C SER D 176 4.46 29.99 -63.40
N ASN D 177 3.33 30.36 -64.01
CA ASN D 177 3.31 30.81 -65.40
C ASN D 177 3.72 32.27 -65.51
N LYS D 178 3.26 33.11 -64.58
CA LYS D 178 3.56 34.54 -64.59
C LYS D 178 5.06 34.79 -64.44
N PHE D 181 7.75 37.12 -62.36
CA PHE D 181 8.08 36.16 -61.31
C PHE D 181 9.44 35.53 -61.53
N ALA D 182 10.30 35.62 -60.51
CA ALA D 182 11.62 34.99 -60.54
C ALA D 182 11.89 34.40 -59.16
N CYS D 183 12.97 33.61 -59.09
CA CYS D 183 13.31 32.92 -57.84
C CYS D 183 13.80 33.86 -56.75
N ALA D 184 14.13 35.10 -57.08
CA ALA D 184 14.61 36.04 -56.06
C ALA D 184 13.50 36.40 -55.09
N ASN D 185 12.27 36.55 -55.58
CA ASN D 185 11.13 36.92 -54.76
C ASN D 185 10.15 35.76 -54.55
N ALA D 186 10.56 34.53 -54.88
CA ALA D 186 9.63 33.41 -54.86
C ALA D 186 9.13 33.12 -53.45
N PHE D 187 10.02 33.17 -52.45
CA PHE D 187 9.68 32.79 -51.08
C PHE D 187 9.62 34.00 -50.16
N ASN D 188 9.21 35.16 -50.68
CA ASN D 188 9.12 36.35 -49.85
C ASN D 188 8.04 36.23 -48.78
N ASN D 189 6.98 35.47 -49.06
CA ASN D 189 5.92 35.30 -48.08
C ASN D 189 6.40 34.55 -46.84
N SER D 190 7.37 33.67 -47.00
CA SER D 190 7.93 32.93 -45.88
C SER D 190 9.05 33.74 -45.22
N ILE D 191 9.40 33.32 -44.01
CA ILE D 191 10.46 33.95 -43.24
C ILE D 191 11.69 33.06 -43.37
N ILE D 192 12.62 33.45 -44.24
CA ILE D 192 13.75 32.60 -44.61
C ILE D 192 15.02 33.10 -43.91
N PRO D 193 16.04 32.27 -43.77
CA PRO D 193 17.27 32.71 -43.09
C PRO D 193 17.96 33.84 -43.84
N GLU D 194 18.85 34.54 -43.11
CA GLU D 194 19.48 35.74 -43.64
C GLU D 194 20.62 35.41 -44.61
N ASP D 195 21.37 34.34 -44.35
CA ASP D 195 22.52 33.98 -45.16
C ASP D 195 22.13 33.11 -46.36
N THR D 196 20.89 33.18 -46.81
CA THR D 196 20.44 32.35 -47.93
C THR D 196 21.15 32.74 -49.21
N PHE D 197 21.60 31.73 -49.96
CA PHE D 197 22.38 31.93 -51.18
C PHE D 197 21.46 32.14 -52.37
N PHE D 198 21.70 33.20 -53.13
CA PHE D 198 20.92 33.54 -54.32
C PHE D 198 21.85 33.71 -55.51
N PRO D 199 22.04 32.68 -56.35
CA PRO D 199 22.87 32.76 -57.55
C PRO D 199 22.35 33.78 -58.56
N GLY E 4 -2.77 -10.50 -46.05
CA GLY E 4 -3.81 -10.98 -45.17
C GLY E 4 -5.22 -10.65 -45.67
N VAL E 5 -5.52 -9.37 -45.73
CA VAL E 5 -6.81 -8.88 -46.19
C VAL E 5 -6.62 -8.24 -47.56
N THR E 6 -7.39 -8.71 -48.54
CA THR E 6 -7.32 -8.23 -49.91
C THR E 6 -8.63 -7.53 -50.26
N GLN E 7 -8.56 -6.24 -50.57
CA GLN E 7 -9.73 -5.48 -51.00
C GLN E 7 -9.45 -4.78 -52.31
N THR E 8 -10.49 -4.68 -53.13
CA THR E 8 -10.43 -4.09 -54.46
C THR E 8 -11.69 -3.27 -54.69
N PRO E 9 -11.61 -2.20 -55.50
CA PRO E 9 -10.42 -1.70 -56.19
C PRO E 9 -9.62 -0.72 -55.35
N LYS E 10 -8.41 -0.39 -55.80
CA LYS E 10 -7.60 0.61 -55.09
C LYS E 10 -8.16 2.01 -55.30
N PHE E 11 -8.57 2.34 -56.52
CA PHE E 11 -9.16 3.63 -56.85
C PHE E 11 -10.37 3.41 -57.74
N GLN E 12 -11.29 4.38 -57.71
CA GLN E 12 -12.50 4.31 -58.51
C GLN E 12 -13.14 5.69 -58.57
N VAL E 13 -13.52 6.11 -59.77
CA VAL E 13 -14.27 7.34 -60.00
C VAL E 13 -15.71 6.96 -60.32
N LEU E 14 -16.66 7.69 -59.73
CA LEU E 14 -18.08 7.40 -59.90
C LEU E 14 -18.86 8.68 -60.14
N LYS E 15 -19.84 8.58 -61.03
CA LYS E 15 -20.83 9.64 -61.19
C LYS E 15 -21.94 9.47 -60.17
N THR E 16 -22.55 10.58 -59.77
CA THR E 16 -23.67 10.52 -58.84
C THR E 16 -24.77 9.61 -59.39
N GLY E 17 -25.35 8.80 -58.50
CA GLY E 17 -26.36 7.84 -58.87
C GLY E 17 -25.84 6.49 -59.31
N GLN E 18 -24.54 6.38 -59.60
CA GLN E 18 -23.95 5.13 -60.00
C GLN E 18 -23.94 4.13 -58.85
N SER E 19 -23.84 2.85 -59.20
CA SER E 19 -23.73 1.78 -58.23
C SER E 19 -22.31 1.22 -58.24
N MET E 20 -21.94 0.60 -57.12
CA MET E 20 -20.55 0.18 -56.91
C MET E 20 -20.53 -0.90 -55.85
N THR E 21 -19.71 -1.93 -56.06
CA THR E 21 -19.47 -2.97 -55.08
C THR E 21 -17.98 -3.07 -54.81
N LEU E 22 -17.60 -2.98 -53.53
CA LEU E 22 -16.22 -3.15 -53.11
C LEU E 22 -16.02 -4.58 -52.62
N GLN E 23 -14.97 -5.23 -53.10
CA GLN E 23 -14.67 -6.61 -52.73
C GLN E 23 -13.69 -6.63 -51.57
N CYS E 24 -13.83 -7.65 -50.71
CA CYS E 24 -12.89 -7.88 -49.63
C CYS E 24 -12.85 -9.37 -49.32
N ALA E 25 -11.65 -9.91 -49.21
CA ALA E 25 -11.45 -11.31 -48.88
C ALA E 25 -10.26 -11.45 -47.93
N GLN E 26 -10.37 -12.35 -46.96
CA GLN E 26 -9.30 -12.65 -46.04
C GLN E 26 -9.07 -14.15 -45.99
N ASP E 27 -7.79 -14.55 -45.98
CA ASP E 27 -7.41 -15.95 -45.97
C ASP E 27 -6.89 -16.41 -44.61
N MET E 28 -7.29 -15.73 -43.54
CA MET E 28 -6.77 -16.00 -42.21
C MET E 28 -7.75 -16.75 -41.32
N ASN E 29 -8.81 -17.30 -41.91
CA ASN E 29 -9.85 -18.04 -41.17
C ASN E 29 -10.45 -17.18 -40.05
N HIS E 30 -10.55 -15.88 -40.29
CA HIS E 30 -11.17 -14.98 -39.33
C HIS E 30 -12.69 -15.05 -39.45
N ASN E 31 -13.37 -14.85 -38.31
CA ASN E 31 -14.81 -14.90 -38.30
C ASN E 31 -15.45 -13.53 -38.45
N SER E 32 -14.79 -12.47 -37.99
CA SER E 32 -15.35 -11.14 -37.98
C SER E 32 -14.75 -10.30 -39.10
N MET E 33 -15.60 -9.53 -39.78
CA MET E 33 -15.16 -8.66 -40.86
C MET E 33 -15.89 -7.33 -40.74
N TYR E 34 -15.24 -6.27 -41.22
CA TYR E 34 -15.66 -4.90 -40.95
C TYR E 34 -15.44 -4.04 -42.19
N TRP E 35 -16.28 -3.02 -42.34
CA TRP E 35 -16.12 -2.02 -43.38
C TRP E 35 -16.10 -0.64 -42.72
N TYR E 36 -14.99 0.07 -42.86
CA TYR E 36 -14.80 1.41 -42.33
C TYR E 36 -14.64 2.41 -43.45
N ARG E 37 -14.98 3.67 -43.16
CA ARG E 37 -14.59 4.80 -44.00
C ARG E 37 -13.75 5.76 -43.18
N GLN E 38 -12.71 6.30 -43.80
CA GLN E 38 -11.81 7.25 -43.14
C GLN E 38 -11.93 8.60 -43.82
N ASP E 39 -12.32 9.60 -43.03
CA ASP E 39 -12.48 10.98 -43.47
C ASP E 39 -11.60 11.89 -42.64
N PRO E 40 -11.08 12.97 -43.22
CA PRO E 40 -10.17 13.86 -42.48
C PRO E 40 -10.86 14.50 -41.28
N GLY E 41 -10.14 14.56 -40.16
CA GLY E 41 -10.60 15.24 -38.98
C GLY E 41 -11.41 14.40 -38.01
N MET E 42 -11.60 13.12 -38.29
CA MET E 42 -12.41 12.29 -37.40
C MET E 42 -11.87 10.87 -37.43
N GLY E 43 -12.21 10.11 -36.41
CA GLY E 43 -11.78 8.73 -36.32
C GLY E 43 -12.57 7.84 -37.27
N LEU E 44 -12.03 6.64 -37.48
CA LEU E 44 -12.68 5.67 -38.35
C LEU E 44 -14.13 5.46 -37.91
N ARG E 45 -15.02 5.42 -38.89
CA ARG E 45 -16.43 5.20 -38.64
C ARG E 45 -16.87 3.89 -39.29
N LEU E 46 -17.49 3.03 -38.50
CA LEU E 46 -17.92 1.72 -38.96
C LEU E 46 -19.21 1.85 -39.77
N ILE E 47 -19.20 1.29 -40.98
CA ILE E 47 -20.36 1.32 -41.85
C ILE E 47 -21.24 0.11 -41.53
N TYR E 48 -20.71 -1.08 -41.79
CA TYR E 48 -21.35 -2.34 -41.43
C TYR E 48 -20.30 -3.29 -40.91
N TYR E 49 -20.75 -4.34 -40.23
CA TYR E 49 -19.84 -5.39 -39.77
C TYR E 49 -20.56 -6.72 -39.77
N SER E 50 -19.76 -7.79 -39.70
CA SER E 50 -20.27 -9.16 -39.70
C SER E 50 -19.52 -9.93 -38.61
N ALA E 51 -20.19 -10.13 -37.47
CA ALA E 51 -19.55 -10.76 -36.33
C ALA E 51 -19.08 -12.17 -36.66
N SER E 52 -19.82 -12.86 -37.52
CA SER E 52 -19.42 -14.19 -37.97
CA SER E 52 -19.44 -14.20 -37.96
C SER E 52 -20.18 -14.49 -39.26
N GLU E 53 -19.78 -15.60 -39.89
CA GLU E 53 -20.44 -16.01 -41.13
C GLU E 53 -21.91 -16.27 -40.86
N GLY E 54 -22.77 -15.66 -41.68
CA GLY E 54 -24.20 -15.83 -41.55
C GLY E 54 -24.91 -14.72 -40.81
N THR E 55 -24.21 -13.67 -40.41
CA THR E 55 -24.88 -12.55 -39.76
C THR E 55 -24.15 -11.26 -40.09
N THR E 56 -24.91 -10.19 -40.24
CA THR E 56 -24.38 -8.84 -40.44
C THR E 56 -25.26 -7.87 -39.66
N ASP E 57 -24.73 -6.68 -39.41
CA ASP E 57 -25.50 -5.66 -38.72
C ASP E 57 -24.92 -4.29 -39.03
N LYS E 58 -25.75 -3.28 -38.87
CA LYS E 58 -25.35 -1.91 -39.18
C LYS E 58 -24.26 -1.44 -38.23
N GLY E 59 -23.41 -0.56 -38.74
CA GLY E 59 -22.46 0.15 -37.90
C GLY E 59 -23.03 1.49 -37.49
N GLU E 60 -22.22 2.53 -37.52
CA GLU E 60 -22.69 3.86 -37.12
C GLU E 60 -23.10 4.73 -38.30
N VAL E 61 -22.62 4.44 -39.51
CA VAL E 61 -23.02 5.20 -40.69
C VAL E 61 -23.51 4.25 -41.78
N PRO E 62 -24.64 3.57 -41.59
CA PRO E 62 -25.06 2.56 -42.57
C PRO E 62 -25.88 3.13 -43.73
N ASN E 63 -26.39 4.35 -43.59
CA ASN E 63 -27.30 4.90 -44.59
C ASN E 63 -26.59 5.10 -45.92
N GLY E 64 -27.21 4.62 -47.00
CA GLY E 64 -26.61 4.68 -48.31
C GLY E 64 -25.73 3.51 -48.65
N TYR E 65 -25.59 2.54 -47.75
CA TYR E 65 -24.74 1.39 -47.96
C TYR E 65 -25.50 0.11 -47.62
N ASN E 66 -24.93 -1.01 -48.08
CA ASN E 66 -25.37 -2.32 -47.65
CA ASN E 66 -25.41 -2.34 -47.73
C ASN E 66 -24.23 -3.30 -47.89
N VAL E 67 -24.32 -4.44 -47.21
CA VAL E 67 -23.25 -5.44 -47.25
C VAL E 67 -23.84 -6.82 -47.41
N SER E 68 -22.99 -7.74 -47.88
CA SER E 68 -23.32 -9.15 -47.94
C SER E 68 -22.11 -9.93 -47.46
N ARG E 69 -22.31 -10.78 -46.45
CA ARG E 69 -21.29 -11.71 -46.00
C ARG E 69 -21.47 -12.97 -46.84
N LEU E 70 -20.79 -13.01 -47.99
CA LEU E 70 -21.01 -14.07 -48.97
C LEU E 70 -20.61 -15.43 -48.42
N ASN E 71 -19.53 -15.48 -47.66
CA ASN E 71 -19.03 -16.70 -47.03
C ASN E 71 -18.10 -16.28 -45.91
N LYS E 72 -17.37 -17.23 -45.33
CA LYS E 72 -16.49 -16.91 -44.23
C LYS E 72 -15.34 -16.01 -44.67
N ARG E 73 -14.96 -16.07 -45.94
CA ARG E 73 -13.82 -15.33 -46.45
C ARG E 73 -14.15 -13.92 -46.93
N GLU E 74 -15.35 -13.69 -47.47
CA GLU E 74 -15.60 -12.49 -48.24
C GLU E 74 -16.73 -11.66 -47.65
N PHE E 75 -16.59 -10.34 -47.76
CA PHE E 75 -17.51 -9.39 -47.15
C PHE E 75 -17.56 -8.18 -48.08
N SER E 76 -18.57 -8.14 -48.95
CA SER E 76 -18.66 -7.09 -49.95
CA SER E 76 -18.67 -7.09 -49.96
C SER E 76 -19.45 -5.89 -49.42
N LEU E 77 -19.07 -4.71 -49.87
CA LEU E 77 -19.73 -3.45 -49.52
C LEU E 77 -20.34 -2.86 -50.78
N ARG E 78 -21.59 -2.42 -50.69
CA ARG E 78 -22.35 -1.95 -51.84
C ARG E 78 -22.79 -0.52 -51.61
N LEU E 79 -22.59 0.33 -52.62
CA LEU E 79 -23.16 1.67 -52.66
C LEU E 79 -24.33 1.65 -53.62
N GLU E 80 -25.54 1.87 -53.09
CA GLU E 80 -26.75 1.76 -53.89
C GLU E 80 -26.79 2.84 -54.97
N SER E 81 -26.84 4.10 -54.55
CA SER E 81 -26.84 5.25 -55.46
C SER E 81 -25.77 6.21 -54.95
N ALA E 82 -24.63 6.25 -55.64
CA ALA E 82 -23.48 7.01 -55.16
C ALA E 82 -23.81 8.49 -55.03
N ALA E 83 -23.49 9.06 -53.87
CA ALA E 83 -23.65 10.47 -53.56
C ALA E 83 -22.29 11.08 -53.24
N PRO E 84 -22.11 12.38 -53.51
CA PRO E 84 -20.81 13.00 -53.22
C PRO E 84 -20.40 12.94 -51.76
N SER E 85 -21.34 12.75 -50.84
CA SER E 85 -20.99 12.58 -49.43
C SER E 85 -20.26 11.28 -49.17
N GLN E 86 -20.27 10.35 -50.12
CA GLN E 86 -19.59 9.06 -49.97
C GLN E 86 -18.17 9.07 -50.52
N THR E 87 -17.67 10.22 -50.96
CA THR E 87 -16.27 10.37 -51.34
C THR E 87 -15.41 10.20 -50.11
N SER E 88 -14.66 9.10 -50.04
CA SER E 88 -13.91 8.77 -48.84
C SER E 88 -12.90 7.68 -49.18
N VAL E 89 -12.12 7.28 -48.19
CA VAL E 89 -11.24 6.13 -48.25
C VAL E 89 -11.88 5.02 -47.42
N TYR E 90 -12.13 3.88 -48.05
CA TYR E 90 -12.81 2.77 -47.41
C TYR E 90 -11.81 1.69 -47.04
N PHE E 91 -11.91 1.17 -45.82
CA PHE E 91 -11.03 0.12 -45.33
C PHE E 91 -11.85 -1.09 -44.92
N CYS E 92 -11.49 -2.25 -45.45
CA CYS E 92 -11.99 -3.52 -44.95
C CYS E 92 -11.04 -4.04 -43.88
N ALA E 93 -11.61 -4.64 -42.84
CA ALA E 93 -10.83 -5.19 -41.75
C ALA E 93 -11.46 -6.50 -41.29
N SER E 94 -10.64 -7.33 -40.64
CA SER E 94 -11.09 -8.59 -40.09
C SER E 94 -10.35 -8.87 -38.79
N SER E 95 -10.98 -9.69 -37.95
CA SER E 95 -10.39 -10.14 -36.71
C SER E 95 -10.85 -11.56 -36.46
N VAL E 96 -10.11 -12.26 -35.59
CA VAL E 96 -10.37 -13.68 -35.33
C VAL E 96 -11.81 -13.87 -34.84
N TRP E 97 -12.22 -13.06 -33.86
CA TRP E 97 -13.57 -13.10 -33.32
C TRP E 97 -14.01 -11.69 -32.99
N THR E 98 -15.28 -11.55 -32.64
CA THR E 98 -15.81 -10.35 -32.01
C THR E 98 -16.23 -10.73 -30.59
N GLY E 99 -15.83 -9.92 -29.62
CA GLY E 99 -16.13 -10.24 -28.24
C GLY E 99 -14.98 -10.83 -27.47
N GLU E 100 -13.79 -10.93 -28.07
CA GLU E 100 -12.56 -11.16 -27.33
C GLU E 100 -11.79 -9.85 -27.28
N GLY E 101 -11.43 -9.42 -26.09
CA GLY E 101 -10.98 -8.05 -25.90
C GLY E 101 -9.66 -7.73 -26.55
N SER E 102 -8.76 -8.71 -26.64
CA SER E 102 -7.39 -8.43 -27.07
C SER E 102 -7.19 -8.60 -28.57
N GLY E 103 -8.13 -9.21 -29.28
CA GLY E 103 -7.96 -9.41 -30.71
C GLY E 103 -7.89 -8.11 -31.47
N GLU E 104 -6.86 -7.94 -32.29
CA GLU E 104 -6.69 -6.71 -33.05
C GLU E 104 -7.27 -6.85 -34.44
N LEU E 105 -7.38 -5.72 -35.13
CA LEU E 105 -7.87 -5.68 -36.49
C LEU E 105 -6.74 -5.79 -37.49
N PHE E 106 -6.99 -6.52 -38.57
CA PHE E 106 -6.10 -6.60 -39.72
C PHE E 106 -6.77 -5.87 -40.88
N PHE E 107 -6.11 -4.85 -41.41
CA PHE E 107 -6.73 -3.95 -42.38
C PHE E 107 -6.32 -4.30 -43.80
N GLY E 108 -7.27 -4.10 -44.73
CA GLY E 108 -6.95 -4.10 -46.15
C GLY E 108 -6.26 -2.82 -46.58
N GLU E 109 -5.75 -2.84 -47.81
CA GLU E 109 -4.96 -1.72 -48.32
C GLU E 109 -5.76 -0.44 -48.54
N GLY E 110 -7.08 -0.51 -48.51
CA GLY E 110 -7.90 0.68 -48.66
C GLY E 110 -8.40 0.87 -50.07
N SER E 111 -9.46 1.68 -50.19
CA SER E 111 -10.10 1.96 -51.48
C SER E 111 -10.51 3.43 -51.49
N ARG E 112 -9.95 4.19 -52.43
CA ARG E 112 -10.29 5.60 -52.59
C ARG E 112 -11.44 5.73 -53.58
N LEU E 113 -12.57 6.25 -53.12
CA LEU E 113 -13.73 6.52 -53.97
C LEU E 113 -13.96 8.02 -54.06
N THR E 114 -14.16 8.51 -55.28
CA THR E 114 -14.49 9.92 -55.51
C THR E 114 -15.77 9.98 -56.33
N VAL E 115 -16.84 10.48 -55.73
CA VAL E 115 -18.14 10.61 -56.39
C VAL E 115 -18.27 12.03 -56.91
N LEU E 116 -18.48 12.16 -58.22
CA LEU E 116 -18.61 13.44 -58.90
C LEU E 116 -19.98 13.57 -59.54
N GLU E 117 -20.45 14.82 -59.66
CA GLU E 117 -21.71 15.05 -60.33
C GLU E 117 -21.62 14.69 -61.81
N ASP E 118 -20.48 14.97 -62.43
CA ASP E 118 -20.20 14.56 -63.80
C ASP E 118 -18.71 14.26 -63.92
N LEU E 119 -18.33 13.68 -65.04
CA LEU E 119 -16.93 13.30 -65.28
C LEU E 119 -16.20 14.27 -66.19
N LYS E 120 -16.78 15.45 -66.45
CA LYS E 120 -16.21 16.35 -67.43
C LYS E 120 -14.93 17.03 -66.94
N ASN E 121 -14.72 17.10 -65.63
CA ASN E 121 -13.54 17.73 -65.06
C ASN E 121 -12.40 16.75 -64.80
N VAL E 122 -12.55 15.48 -65.18
CA VAL E 122 -11.50 14.49 -64.95
C VAL E 122 -10.40 14.69 -65.97
N PHE E 123 -9.16 14.83 -65.47
CA PHE E 123 -7.99 15.09 -66.30
C PHE E 123 -6.79 14.29 -65.81
N PRO E 124 -5.98 13.75 -66.71
CA PRO E 124 -4.71 13.15 -66.31
C PRO E 124 -3.69 14.24 -66.03
N PRO E 125 -2.57 13.90 -65.39
CA PRO E 125 -1.55 14.91 -65.11
C PRO E 125 -0.60 15.11 -66.29
N GLU E 126 -0.09 16.34 -66.39
CA GLU E 126 1.06 16.63 -67.24
C GLU E 126 2.32 16.53 -66.38
N VAL E 127 3.26 15.70 -66.81
CA VAL E 127 4.46 15.38 -66.03
C VAL E 127 5.67 16.00 -66.71
N ALA E 128 6.49 16.70 -65.93
CA ALA E 128 7.70 17.34 -66.45
C ALA E 128 8.84 17.14 -65.46
N VAL E 129 10.06 17.01 -65.98
CA VAL E 129 11.26 16.85 -65.18
C VAL E 129 12.14 18.07 -65.39
N PHE E 130 12.67 18.60 -64.30
CA PHE E 130 13.50 19.79 -64.32
C PHE E 130 14.91 19.43 -63.90
N GLU E 131 15.89 19.83 -64.72
CA GLU E 131 17.29 19.46 -64.54
C GLU E 131 17.93 20.24 -63.38
N PRO E 132 18.90 19.64 -62.70
CA PRO E 132 19.55 20.32 -61.57
C PRO E 132 20.27 21.58 -62.02
N SER E 133 20.31 22.56 -61.12
CA SER E 133 20.97 23.83 -61.39
C SER E 133 22.48 23.68 -61.31
N GLU E 134 23.19 24.32 -62.25
CA GLU E 134 24.64 24.31 -62.21
C GLU E 134 25.17 25.00 -60.95
N ALA E 135 24.42 25.98 -60.43
CA ALA E 135 24.82 26.64 -59.19
C ALA E 135 24.75 25.67 -58.02
N GLU E 136 23.77 24.79 -58.00
CA GLU E 136 23.67 23.79 -56.93
C GLU E 136 24.84 22.80 -57.00
N ILE E 137 25.21 22.38 -58.21
CA ILE E 137 26.27 21.39 -58.36
C ILE E 137 27.59 21.97 -57.89
N SER E 138 27.88 23.22 -58.26
CA SER E 138 29.15 23.83 -57.85
C SER E 138 29.16 24.17 -56.36
N HIS E 139 28.01 24.55 -55.80
CA HIS E 139 27.98 25.00 -54.42
C HIS E 139 27.98 23.82 -53.45
N THR E 140 27.24 22.76 -53.76
CA THR E 140 27.04 21.66 -52.82
C THR E 140 27.57 20.32 -53.29
N GLN E 141 28.04 20.21 -54.53
CA GLN E 141 28.43 18.93 -55.13
C GLN E 141 27.28 17.93 -55.10
N LYS E 142 26.05 18.44 -55.13
CA LYS E 142 24.84 17.63 -55.19
C LYS E 142 23.94 18.17 -56.28
N ALA E 143 23.10 17.29 -56.84
CA ALA E 143 22.21 17.63 -57.94
C ALA E 143 20.81 17.16 -57.61
N THR E 144 19.86 18.10 -57.61
CA THR E 144 18.47 17.82 -57.28
C THR E 144 17.62 17.90 -58.54
N LEU E 145 16.92 16.82 -58.85
CA LEU E 145 15.94 16.79 -59.93
C LEU E 145 14.55 17.00 -59.35
N VAL E 146 13.73 17.78 -60.04
CA VAL E 146 12.39 18.11 -59.59
C VAL E 146 11.39 17.63 -60.62
N CYS E 147 10.37 16.90 -60.17
CA CYS E 147 9.29 16.43 -61.02
C CYS E 147 8.00 17.14 -60.65
N LEU E 148 7.20 17.48 -61.66
CA LEU E 148 5.96 18.21 -61.47
C LEU E 148 4.84 17.54 -62.26
N ALA E 149 3.81 17.09 -61.55
CA ALA E 149 2.58 16.60 -62.15
C ALA E 149 1.49 17.62 -61.85
N THR E 150 0.90 18.19 -62.90
CA THR E 150 0.00 19.32 -62.75
C THR E 150 -1.30 19.08 -63.51
N GLY E 151 -2.37 19.70 -63.02
CA GLY E 151 -3.63 19.75 -63.72
C GLY E 151 -4.48 18.50 -63.65
N PHE E 152 -4.15 17.53 -62.80
CA PHE E 152 -4.91 16.30 -62.77
C PHE E 152 -6.11 16.42 -61.83
N TYR E 153 -7.10 15.56 -62.07
CA TYR E 153 -8.33 15.53 -61.29
C TYR E 153 -9.05 14.22 -61.56
N PRO E 154 -9.52 13.50 -60.53
CA PRO E 154 -9.38 13.86 -59.11
C PRO E 154 -8.00 13.53 -58.55
N ASP E 155 -7.85 13.60 -57.22
CA ASP E 155 -6.58 13.35 -56.55
C ASP E 155 -6.36 11.84 -56.42
N HIS E 156 -6.07 11.22 -57.57
CA HIS E 156 -5.85 9.76 -57.67
C HIS E 156 -4.52 9.53 -58.38
N VAL E 157 -3.41 9.85 -57.71
CA VAL E 157 -2.09 9.75 -58.34
C VAL E 157 -1.10 9.08 -57.39
N GLU E 158 -0.14 8.38 -57.99
CA GLU E 158 1.00 7.82 -57.26
C GLU E 158 2.25 8.11 -58.06
N LEU E 159 3.16 8.89 -57.49
CA LEU E 159 4.38 9.29 -58.18
C LEU E 159 5.53 8.38 -57.76
N SER E 160 6.38 8.04 -58.73
CA SER E 160 7.56 7.22 -58.49
C SER E 160 8.71 7.73 -59.34
N TRP E 161 9.93 7.30 -58.97
CA TRP E 161 11.15 7.72 -59.62
C TRP E 161 11.87 6.51 -60.22
N TRP E 162 12.48 6.73 -61.39
CA TRP E 162 13.19 5.67 -62.10
C TRP E 162 14.43 6.23 -62.75
N VAL E 163 15.57 5.59 -62.49
CA VAL E 163 16.84 5.95 -63.10
C VAL E 163 17.46 4.69 -63.70
N ASN E 164 17.85 4.77 -64.96
CA ASN E 164 18.47 3.66 -65.70
C ASN E 164 17.57 2.45 -65.80
N GLY E 165 17.29 1.81 -64.66
CA GLY E 165 16.43 0.65 -64.70
C GLY E 165 15.54 0.47 -63.49
N LYS E 166 16.13 0.23 -62.33
CA LYS E 166 15.36 0.02 -61.12
C LYS E 166 14.86 1.35 -60.57
N GLU E 167 13.81 1.26 -59.75
CA GLU E 167 13.32 2.42 -59.03
C GLU E 167 14.22 2.74 -57.84
N VAL E 168 14.10 3.97 -57.33
CA VAL E 168 14.88 4.45 -56.20
C VAL E 168 13.92 4.92 -55.10
N HIS E 169 14.35 4.76 -53.85
CA HIS E 169 13.61 5.25 -52.70
C HIS E 169 14.42 6.22 -51.85
N SER E 170 15.73 6.30 -52.05
CA SER E 170 16.60 7.18 -51.27
C SER E 170 16.90 8.45 -52.06
N GLY E 171 17.01 9.55 -51.34
CA GLY E 171 17.17 10.84 -51.99
C GLY E 171 15.91 11.33 -52.67
N VAL E 172 14.76 10.78 -52.29
CA VAL E 172 13.47 11.10 -52.91
C VAL E 172 12.56 11.70 -51.85
N CYS E 173 11.85 12.76 -52.21
CA CYS E 173 10.82 13.33 -51.34
C CYS E 173 9.66 13.78 -52.22
N THR E 174 8.50 13.18 -52.00
CA THR E 174 7.27 13.52 -52.70
C THR E 174 6.32 14.21 -51.72
N ASP E 175 5.62 15.23 -52.21
CA ASP E 175 4.68 15.95 -51.35
C ASP E 175 3.63 15.00 -50.80
N PRO E 176 3.27 15.12 -49.51
CA PRO E 176 2.19 14.28 -48.98
C PRO E 176 0.86 14.60 -49.61
N GLN E 177 0.38 15.83 -49.43
CA GLN E 177 -0.88 16.25 -50.01
C GLN E 177 -0.64 17.17 -51.21
N PRO E 178 -1.37 16.96 -52.30
CA PRO E 178 -1.28 17.88 -53.43
C PRO E 178 -1.91 19.22 -53.10
N LEU E 179 -1.51 20.24 -53.82
CA LEU E 179 -2.11 21.57 -53.66
C LEU E 179 -3.15 21.81 -54.75
N LYS E 180 -4.09 22.69 -54.44
CA LYS E 180 -5.18 23.03 -55.34
C LYS E 180 -4.75 24.18 -56.25
N GLU E 181 -4.73 23.93 -57.56
CA GLU E 181 -4.35 24.97 -58.50
C GLU E 181 -5.35 26.12 -58.55
N GLN E 182 -6.59 25.88 -58.16
CA GLN E 182 -7.62 26.92 -58.09
C GLN E 182 -8.29 26.81 -56.72
N PRO E 183 -7.65 27.34 -55.67
CA PRO E 183 -8.15 27.09 -54.30
C PRO E 183 -9.57 27.54 -54.04
N ALA E 184 -10.08 28.51 -54.80
CA ALA E 184 -11.43 29.03 -54.56
C ALA E 184 -12.51 28.22 -55.26
N LEU E 185 -12.14 27.22 -56.07
CA LEU E 185 -13.10 26.41 -56.79
C LEU E 185 -13.37 25.10 -56.06
N ASN E 186 -14.63 24.66 -56.06
CA ASN E 186 -14.97 23.40 -55.41
C ASN E 186 -14.43 22.19 -56.18
N ASP E 187 -14.20 22.33 -57.49
CA ASP E 187 -13.67 21.26 -58.31
C ASP E 187 -12.28 21.59 -58.82
N SER E 188 -11.46 22.21 -57.96
CA SER E 188 -10.10 22.57 -58.34
C SER E 188 -9.30 21.35 -58.77
N ARG E 189 -8.43 21.55 -59.75
CA ARG E 189 -7.48 20.52 -60.13
C ARG E 189 -6.25 20.61 -59.24
N TYR E 190 -5.38 19.60 -59.34
CA TYR E 190 -4.29 19.43 -58.39
C TYR E 190 -2.93 19.42 -59.09
N ALA E 191 -1.90 19.70 -58.29
CA ALA E 191 -0.51 19.62 -58.72
C ALA E 191 0.31 18.96 -57.63
N LEU E 192 1.27 18.13 -58.04
CA LEU E 192 2.11 17.38 -57.12
C LEU E 192 3.57 17.49 -57.56
N SER E 193 4.45 17.69 -56.58
CA SER E 193 5.88 17.85 -56.84
C SER E 193 6.66 16.80 -56.07
N SER E 194 7.85 16.50 -56.58
CA SER E 194 8.75 15.55 -55.94
C SER E 194 10.18 15.86 -56.36
N ARG E 195 11.13 15.56 -55.49
CA ARG E 195 12.54 15.81 -55.73
C ARG E 195 13.32 14.51 -55.70
N LEU E 196 14.41 14.48 -56.47
CA LEU E 196 15.36 13.38 -56.48
C LEU E 196 16.75 13.98 -56.45
N ARG E 197 17.44 13.87 -55.32
CA ARG E 197 18.78 14.44 -55.16
C ARG E 197 19.82 13.34 -55.32
N VAL E 198 20.83 13.62 -56.15
CA VAL E 198 21.90 12.68 -56.45
C VAL E 198 23.22 13.43 -56.38
N SER E 199 24.32 12.66 -56.32
CA SER E 199 25.64 13.25 -56.33
C SER E 199 25.91 13.92 -57.67
N ALA E 200 26.65 15.03 -57.63
CA ALA E 200 26.92 15.80 -58.86
C ALA E 200 27.72 14.98 -59.86
N THR E 201 28.62 14.11 -59.37
CA THR E 201 29.39 13.27 -60.28
C THR E 201 28.48 12.29 -61.03
N PHE E 202 27.47 11.75 -60.35
CA PHE E 202 26.54 10.83 -60.99
C PHE E 202 25.72 11.55 -62.05
N TRP E 203 25.21 12.74 -61.74
CA TRP E 203 24.40 13.48 -62.70
C TRP E 203 25.20 13.88 -63.93
N GLN E 204 26.44 14.32 -63.73
CA GLN E 204 27.25 14.79 -64.85
C GLN E 204 27.61 13.66 -65.81
N ASN E 205 27.58 12.42 -65.35
CA ASN E 205 27.75 11.28 -66.23
C ASN E 205 26.51 11.11 -67.09
N PRO E 206 26.61 11.32 -68.41
CA PRO E 206 25.43 11.21 -69.28
C PRO E 206 24.99 9.79 -69.59
N ARG E 207 25.64 8.78 -69.00
CA ARG E 207 25.23 7.39 -69.22
C ARG E 207 24.07 6.97 -68.34
N ASN E 208 23.50 7.89 -67.56
CA ASN E 208 22.41 7.62 -66.64
C ASN E 208 21.22 8.48 -67.02
N HIS E 209 20.10 7.83 -67.35
CA HIS E 209 18.87 8.51 -67.72
C HIS E 209 17.89 8.47 -66.56
N PHE E 210 17.18 9.57 -66.35
CA PHE E 210 16.27 9.74 -65.23
C PHE E 210 14.84 9.88 -65.75
N ARG E 211 13.90 9.19 -65.10
CA ARG E 211 12.51 9.21 -65.53
C ARG E 211 11.60 9.34 -64.32
N CYS E 212 10.75 10.35 -64.33
CA CYS E 212 9.69 10.49 -63.34
C CYS E 212 8.41 9.87 -63.86
N GLN E 213 7.79 9.03 -63.06
CA GLN E 213 6.60 8.28 -63.47
C GLN E 213 5.44 8.60 -62.54
N VAL E 214 4.28 8.88 -63.11
CA VAL E 214 3.08 9.18 -62.35
C VAL E 214 1.96 8.28 -62.84
N GLN E 215 1.55 7.33 -62.01
CA GLN E 215 0.37 6.52 -62.30
C GLN E 215 -0.88 7.30 -61.94
N PHE E 216 -1.79 7.44 -62.91
CA PHE E 216 -3.04 8.16 -62.72
C PHE E 216 -4.20 7.17 -62.76
N TYR E 217 -5.20 7.42 -61.91
CA TYR E 217 -6.38 6.56 -61.81
C TYR E 217 -7.61 7.39 -62.14
N GLY E 218 -8.18 7.14 -63.33
CA GLY E 218 -9.34 7.89 -63.77
C GLY E 218 -10.47 7.01 -64.25
N LEU E 219 -10.86 7.17 -65.51
CA LEU E 219 -12.00 6.45 -66.07
C LEU E 219 -11.58 5.07 -66.58
N SER E 220 -12.57 4.19 -66.69
CA SER E 220 -12.37 2.85 -67.21
C SER E 220 -13.10 2.73 -68.56
N GLU E 221 -12.97 1.55 -69.17
CA GLU E 221 -13.57 1.33 -70.48
C GLU E 221 -15.10 1.39 -70.40
N ASN E 222 -15.68 0.99 -69.27
CA ASN E 222 -17.13 1.00 -69.14
C ASN E 222 -17.71 2.41 -69.10
N ASP E 223 -16.90 3.41 -68.78
CA ASP E 223 -17.39 4.78 -68.69
C ASP E 223 -17.67 5.34 -70.08
N GLU E 224 -18.80 6.05 -70.20
CA GLU E 224 -19.13 6.71 -71.45
C GLU E 224 -18.38 8.04 -71.54
N TRP E 225 -17.95 8.37 -72.76
CA TRP E 225 -17.17 9.59 -72.99
C TRP E 225 -17.59 10.20 -74.32
N THR E 226 -18.08 11.44 -74.27
CA THR E 226 -18.59 12.12 -75.45
C THR E 226 -17.85 13.40 -75.80
N GLN E 227 -16.94 13.87 -74.93
CA GLN E 227 -16.28 15.15 -75.15
C GLN E 227 -15.24 15.05 -76.26
N ASP E 228 -14.77 16.23 -76.71
CA ASP E 228 -13.84 16.29 -77.82
C ASP E 228 -12.46 15.79 -77.43
N ARG E 229 -12.00 16.12 -76.23
CA ARG E 229 -10.68 15.71 -75.79
C ARG E 229 -10.63 14.21 -75.52
N ALA E 230 -9.42 13.67 -75.49
CA ALA E 230 -9.24 12.23 -75.31
C ALA E 230 -9.75 11.79 -73.94
N LYS E 231 -10.16 10.53 -73.86
CA LYS E 231 -10.78 10.02 -72.64
C LYS E 231 -9.75 9.98 -71.51
N PRO E 232 -10.06 10.54 -70.34
CA PRO E 232 -9.10 10.55 -69.21
C PRO E 232 -9.10 9.22 -68.46
N VAL E 233 -8.57 8.20 -69.12
CA VAL E 233 -8.56 6.84 -68.57
C VAL E 233 -7.39 6.67 -67.60
N THR E 234 -7.45 5.62 -66.79
CA THR E 234 -6.30 5.26 -65.96
C THR E 234 -5.08 5.00 -66.85
N GLN E 235 -3.99 5.69 -66.54
CA GLN E 235 -2.83 5.68 -67.42
C GLN E 235 -1.59 6.03 -66.60
N ILE E 236 -0.44 6.00 -67.28
CA ILE E 236 0.84 6.39 -66.71
C ILE E 236 1.41 7.51 -67.57
N VAL E 237 1.78 8.62 -66.94
CA VAL E 237 2.41 9.76 -67.60
C VAL E 237 3.82 9.89 -67.05
N SER E 238 4.79 9.99 -67.95
CA SER E 238 6.20 10.00 -67.55
C SER E 238 6.94 11.13 -68.25
N ALA E 239 8.13 11.43 -67.72
CA ALA E 239 9.01 12.43 -68.30
C ALA E 239 10.45 12.01 -68.03
N GLU E 240 11.33 12.21 -69.01
CA GLU E 240 12.68 11.70 -68.98
C GLU E 240 13.70 12.83 -68.86
N ALA E 241 14.94 12.43 -68.57
CA ALA E 241 16.04 13.38 -68.42
C ALA E 241 17.36 12.62 -68.54
N TRP E 242 18.29 13.17 -69.32
CA TRP E 242 19.62 12.60 -69.49
C TRP E 242 20.67 13.50 -68.83
N GLY E 243 21.72 12.87 -68.33
CA GLY E 243 22.80 13.61 -67.69
C GLY E 243 23.68 14.37 -68.67
N MET F 1 -18.55 -40.79 -20.56
CA MET F 1 -19.78 -40.03 -20.37
C MET F 1 -20.48 -40.47 -19.08
N ILE F 2 -20.74 -39.52 -18.19
CA ILE F 2 -21.42 -39.77 -16.93
C ILE F 2 -22.77 -39.09 -16.99
N GLN F 3 -23.83 -39.87 -16.81
CA GLN F 3 -25.20 -39.36 -16.83
C GLN F 3 -25.76 -39.34 -15.42
N ARG F 4 -26.58 -38.34 -15.14
CA ARG F 4 -27.17 -38.16 -13.81
C ARG F 4 -28.68 -38.12 -13.95
N THR F 5 -29.36 -39.00 -13.20
CA THR F 5 -30.80 -39.09 -13.30
C THR F 5 -31.45 -37.94 -12.53
N PRO F 6 -32.62 -37.48 -12.95
CA PRO F 6 -33.22 -36.31 -12.32
C PRO F 6 -33.76 -36.60 -10.92
N LYS F 7 -33.59 -35.62 -10.04
CA LYS F 7 -34.28 -35.61 -8.76
C LYS F 7 -35.62 -34.94 -8.96
N ILE F 8 -36.67 -35.52 -8.37
CA ILE F 8 -38.04 -35.08 -8.62
C ILE F 8 -38.70 -34.84 -7.27
N GLN F 9 -39.16 -33.60 -7.07
CA GLN F 9 -39.77 -33.21 -5.81
C GLN F 9 -41.10 -32.54 -6.11
N VAL F 10 -42.16 -33.04 -5.47
CA VAL F 10 -43.52 -32.57 -5.69
C VAL F 10 -44.07 -32.05 -4.37
N TYR F 11 -44.55 -30.80 -4.39
CA TYR F 11 -44.92 -30.13 -3.16
C TYR F 11 -45.82 -28.95 -3.52
N SER F 12 -46.57 -28.47 -2.53
CA SER F 12 -47.48 -27.36 -2.73
C SER F 12 -46.81 -26.03 -2.38
N ARG F 13 -47.32 -24.96 -3.00
CA ARG F 13 -46.77 -23.62 -2.74
C ARG F 13 -46.96 -23.22 -1.29
N HIS F 14 -48.16 -23.42 -0.77
CA HIS F 14 -48.53 -23.14 0.61
C HIS F 14 -48.85 -24.45 1.33
N PRO F 15 -48.81 -24.45 2.68
CA PRO F 15 -49.29 -25.63 3.42
C PRO F 15 -50.67 -26.07 2.97
N ALA F 16 -50.79 -27.32 2.55
CA ALA F 16 -52.00 -27.80 1.87
C ALA F 16 -53.13 -28.05 2.85
N GLU F 17 -54.34 -27.65 2.44
CA GLU F 17 -55.56 -27.96 3.18
C GLU F 17 -56.65 -28.24 2.16
N ASN F 18 -57.37 -29.35 2.35
CA ASN F 18 -58.38 -29.77 1.39
C ASN F 18 -59.44 -28.69 1.22
N GLY F 19 -59.78 -28.40 -0.03
CA GLY F 19 -60.80 -27.43 -0.34
C GLY F 19 -60.30 -26.01 -0.49
N LYS F 20 -59.02 -25.76 -0.26
CA LYS F 20 -58.43 -24.43 -0.36
C LYS F 20 -57.57 -24.36 -1.61
N SER F 21 -57.72 -23.28 -2.37
CA SER F 21 -56.94 -23.10 -3.59
C SER F 21 -55.45 -23.03 -3.26
N ASN F 22 -54.63 -23.60 -4.15
CA ASN F 22 -53.19 -23.75 -3.91
C ASN F 22 -52.50 -23.90 -5.26
N PHE F 23 -51.19 -24.12 -5.22
CA PHE F 23 -50.40 -24.41 -6.41
C PHE F 23 -49.56 -25.66 -6.15
N LEU F 24 -49.52 -26.55 -7.14
CA LEU F 24 -48.74 -27.78 -7.05
C LEU F 24 -47.47 -27.62 -7.88
N ASN F 25 -46.31 -27.83 -7.24
CA ASN F 25 -45.01 -27.66 -7.87
C ASN F 25 -44.36 -29.00 -8.11
N CYS F 26 -43.61 -29.10 -9.22
CA CYS F 26 -42.76 -30.25 -9.48
C CYS F 26 -41.38 -29.70 -9.85
N TYR F 27 -40.41 -29.91 -8.95
CA TYR F 27 -39.06 -29.39 -9.11
C TYR F 27 -38.16 -30.54 -9.56
N VAL F 28 -37.62 -30.45 -10.77
CA VAL F 28 -36.80 -31.49 -11.37
C VAL F 28 -35.40 -30.93 -11.50
N SER F 29 -34.42 -31.60 -10.90
CA SER F 29 -33.09 -31.00 -10.78
C SER F 29 -32.02 -32.07 -10.82
N GLY F 30 -30.78 -31.62 -10.97
CA GLY F 30 -29.63 -32.50 -10.86
C GLY F 30 -29.43 -33.47 -11.99
N PHE F 31 -30.06 -33.25 -13.14
CA PHE F 31 -29.96 -34.19 -14.24
C PHE F 31 -29.01 -33.69 -15.32
N HIS F 32 -28.46 -34.64 -16.07
CA HIS F 32 -27.58 -34.38 -17.20
C HIS F 32 -27.60 -35.60 -18.11
N PRO F 33 -27.75 -35.44 -19.43
CA PRO F 33 -27.86 -34.20 -20.20
C PRO F 33 -29.22 -33.49 -20.05
N SER F 34 -29.50 -32.55 -20.96
CA SER F 34 -30.56 -31.58 -20.76
C SER F 34 -31.92 -32.03 -21.27
N ASP F 35 -31.98 -32.95 -22.22
CA ASP F 35 -33.26 -33.36 -22.80
C ASP F 35 -34.13 -34.02 -21.73
N ILE F 36 -35.31 -33.46 -21.51
CA ILE F 36 -36.20 -33.96 -20.46
C ILE F 36 -37.65 -33.63 -20.83
N GLU F 37 -38.56 -34.48 -20.38
CA GLU F 37 -39.99 -34.27 -20.57
C GLU F 37 -40.68 -34.37 -19.21
N VAL F 38 -41.52 -33.39 -18.89
CA VAL F 38 -42.19 -33.32 -17.60
C VAL F 38 -43.67 -33.05 -17.83
N ASP F 39 -44.52 -33.79 -17.12
CA ASP F 39 -45.96 -33.56 -17.12
C ASP F 39 -46.49 -33.69 -15.71
N LEU F 40 -47.52 -32.91 -15.41
CA LEU F 40 -48.25 -33.01 -14.16
C LEU F 40 -49.57 -33.76 -14.40
N LEU F 41 -49.90 -34.67 -13.48
CA LEU F 41 -51.01 -35.58 -13.64
C LEU F 41 -52.03 -35.38 -12.52
N LYS F 42 -53.31 -35.50 -12.87
CA LYS F 42 -54.42 -35.45 -11.92
C LYS F 42 -55.22 -36.72 -12.09
N ASN F 43 -55.14 -37.62 -11.10
CA ASN F 43 -55.75 -38.94 -11.15
C ASN F 43 -55.27 -39.72 -12.38
N GLY F 44 -53.99 -39.57 -12.71
CA GLY F 44 -53.39 -40.27 -13.83
C GLY F 44 -53.45 -39.55 -15.16
N GLU F 45 -54.36 -38.60 -15.32
CA GLU F 45 -54.52 -37.91 -16.60
C GLU F 45 -53.67 -36.64 -16.62
N ARG F 46 -53.14 -36.33 -17.80
CA ARG F 46 -52.27 -35.17 -17.95
C ARG F 46 -53.06 -33.87 -17.77
N ILE F 47 -52.47 -32.95 -17.03
CA ILE F 47 -53.06 -31.63 -16.83
C ILE F 47 -52.60 -30.72 -17.96
N GLU F 48 -53.55 -30.00 -18.57
CA GLU F 48 -53.27 -29.21 -19.76
C GLU F 48 -52.69 -27.83 -19.44
N LYS F 49 -53.29 -27.12 -18.48
CA LYS F 49 -52.85 -25.77 -18.14
C LYS F 49 -51.76 -25.87 -17.07
N VAL F 50 -50.51 -26.03 -17.52
CA VAL F 50 -49.35 -26.08 -16.63
C VAL F 50 -48.35 -25.03 -17.09
N GLU F 51 -47.81 -24.28 -16.14
CA GLU F 51 -46.75 -23.32 -16.38
C GLU F 51 -45.42 -23.96 -15.99
N HIS F 52 -44.34 -23.50 -16.62
CA HIS F 52 -43.02 -24.01 -16.31
C HIS F 52 -41.97 -22.97 -16.65
N SER F 53 -40.88 -22.98 -15.88
CA SER F 53 -39.74 -22.12 -16.15
C SER F 53 -38.94 -22.68 -17.32
N ASP F 54 -37.98 -21.90 -17.78
CA ASP F 54 -37.06 -22.36 -18.79
C ASP F 54 -36.04 -23.31 -18.17
N LEU F 55 -35.34 -24.06 -19.05
CA LEU F 55 -34.23 -24.87 -18.58
C LEU F 55 -33.21 -23.99 -17.87
N SER F 56 -32.83 -24.38 -16.66
CA SER F 56 -31.96 -23.58 -15.82
C SER F 56 -30.66 -24.33 -15.53
N PHE F 57 -29.62 -23.57 -15.21
CA PHE F 57 -28.26 -24.10 -15.14
C PHE F 57 -27.74 -24.03 -13.71
N SER F 58 -27.16 -25.13 -13.26
CA SER F 58 -26.54 -25.22 -11.94
CA SER F 58 -26.54 -25.21 -11.94
C SER F 58 -25.02 -25.15 -12.06
N LYS F 59 -24.38 -24.77 -10.96
CA LYS F 59 -22.93 -24.63 -10.94
C LYS F 59 -22.22 -25.97 -11.14
N ASP F 60 -22.86 -27.07 -10.75
CA ASP F 60 -22.25 -28.39 -10.92
C ASP F 60 -22.47 -28.96 -12.32
N TRP F 61 -22.92 -28.14 -13.26
CA TRP F 61 -23.14 -28.42 -14.68
C TRP F 61 -24.42 -29.23 -14.93
N SER F 62 -25.23 -29.52 -13.92
CA SER F 62 -26.51 -30.16 -14.12
C SER F 62 -27.57 -29.09 -14.39
N PHE F 63 -28.81 -29.53 -14.62
CA PHE F 63 -29.89 -28.63 -14.98
C PHE F 63 -31.06 -28.81 -14.02
N TYR F 64 -31.95 -27.82 -14.02
CA TYR F 64 -33.14 -27.91 -13.18
C TYR F 64 -34.29 -27.15 -13.84
N LEU F 65 -35.51 -27.57 -13.48
CA LEU F 65 -36.75 -27.05 -14.05
C LEU F 65 -37.83 -27.03 -12.98
N LEU F 66 -38.75 -26.07 -13.09
CA LEU F 66 -39.91 -26.00 -12.22
C LEU F 66 -41.17 -26.03 -13.07
N TYR F 67 -42.03 -27.03 -12.82
CA TYR F 67 -43.37 -27.10 -13.39
C TYR F 67 -44.39 -26.90 -12.28
N TYR F 68 -45.44 -26.12 -12.57
CA TYR F 68 -46.46 -25.86 -11.56
C TYR F 68 -47.80 -25.58 -12.23
N THR F 69 -48.87 -25.85 -11.48
CA THR F 69 -50.22 -25.59 -11.93
C THR F 69 -51.10 -25.26 -10.73
N GLU F 70 -52.19 -24.55 -10.99
CA GLU F 70 -53.14 -24.20 -9.95
C GLU F 70 -54.09 -25.36 -9.71
N PHE F 71 -54.37 -25.65 -8.44
CA PHE F 71 -55.23 -26.77 -8.10
C PHE F 71 -55.85 -26.53 -6.73
N THR F 72 -56.88 -27.32 -6.44
CA THR F 72 -57.50 -27.35 -5.12
C THR F 72 -57.47 -28.78 -4.60
N PRO F 73 -56.68 -29.08 -3.56
CA PRO F 73 -56.57 -30.46 -3.12
C PRO F 73 -57.86 -30.98 -2.51
N THR F 74 -58.18 -32.23 -2.83
CA THR F 74 -59.28 -32.96 -2.21
C THR F 74 -58.76 -34.31 -1.73
N GLU F 75 -59.52 -34.95 -0.85
CA GLU F 75 -59.15 -36.27 -0.37
C GLU F 75 -59.15 -37.31 -1.49
N LYS F 76 -60.01 -37.12 -2.48
CA LYS F 76 -60.19 -38.10 -3.56
C LYS F 76 -59.15 -37.97 -4.66
N ASP F 77 -58.74 -36.75 -4.99
CA ASP F 77 -57.86 -36.54 -6.14
C ASP F 77 -56.42 -36.95 -5.82
N GLU F 78 -55.79 -37.61 -6.78
CA GLU F 78 -54.40 -38.03 -6.69
C GLU F 78 -53.59 -37.23 -7.71
N TYR F 79 -52.57 -36.52 -7.23
CA TYR F 79 -51.71 -35.73 -8.09
C TYR F 79 -50.31 -36.32 -8.14
N ALA F 80 -49.65 -36.15 -9.27
CA ALA F 80 -48.33 -36.72 -9.47
C ALA F 80 -47.58 -35.93 -10.54
N CYS F 81 -46.28 -36.20 -10.64
CA CYS F 81 -45.41 -35.60 -11.64
C CYS F 81 -44.73 -36.72 -12.42
N ARG F 82 -44.84 -36.67 -13.75
CA ARG F 82 -44.31 -37.69 -14.62
C ARG F 82 -43.12 -37.11 -15.41
N VAL F 83 -41.98 -37.79 -15.33
CA VAL F 83 -40.73 -37.30 -15.90
C VAL F 83 -40.07 -38.40 -16.72
N ASN F 84 -39.54 -38.03 -17.88
CA ASN F 84 -38.78 -38.96 -18.72
C ASN F 84 -37.42 -38.36 -19.03
N HIS F 85 -36.40 -39.23 -19.03
CA HIS F 85 -35.01 -38.81 -19.20
C HIS F 85 -34.24 -40.01 -19.73
N VAL F 86 -33.12 -39.71 -20.41
CA VAL F 86 -32.35 -40.78 -21.03
C VAL F 86 -31.88 -41.79 -20.00
N THR F 87 -31.72 -41.37 -18.74
CA THR F 87 -31.31 -42.30 -17.69
C THR F 87 -32.42 -43.25 -17.28
N LEU F 88 -33.67 -42.99 -17.66
CA LEU F 88 -34.81 -43.79 -17.26
C LEU F 88 -35.28 -44.66 -18.41
N SER F 89 -35.49 -45.95 -18.13
CA SER F 89 -35.99 -46.87 -19.15
C SER F 89 -37.42 -46.50 -19.55
N GLN F 90 -38.24 -46.10 -18.59
CA GLN F 90 -39.61 -45.70 -18.83
C GLN F 90 -39.89 -44.46 -17.99
N PRO F 91 -40.91 -43.68 -18.35
CA PRO F 91 -41.22 -42.47 -17.57
C PRO F 91 -41.51 -42.79 -16.11
N LYS F 92 -40.96 -41.96 -15.23
CA LYS F 92 -41.13 -42.12 -13.79
C LYS F 92 -42.26 -41.22 -13.30
N ILE F 93 -43.23 -41.83 -12.62
CA ILE F 93 -44.38 -41.12 -12.05
C ILE F 93 -44.14 -40.96 -10.55
N VAL F 94 -43.99 -39.71 -10.10
CA VAL F 94 -43.72 -39.40 -8.70
C VAL F 94 -44.98 -38.78 -8.10
N LYS F 95 -45.56 -39.44 -7.10
CA LYS F 95 -46.82 -39.01 -6.53
C LYS F 95 -46.60 -37.91 -5.49
N TRP F 96 -47.52 -36.96 -5.45
CA TRP F 96 -47.50 -35.93 -4.42
C TRP F 96 -47.85 -36.53 -3.07
N ASP F 97 -47.05 -36.22 -2.05
CA ASP F 97 -47.21 -36.80 -0.72
C ASP F 97 -48.27 -36.10 0.12
N ARG F 98 -49.02 -35.17 -0.48
CA ARG F 98 -50.13 -34.48 0.21
C ARG F 98 -49.61 -33.68 1.41
N ASP F 99 -48.44 -33.07 1.25
CA ASP F 99 -47.82 -32.24 2.29
C ASP F 99 -47.65 -33.02 3.60
N MET F 100 -47.39 -34.32 3.50
CA MET F 100 -47.21 -35.17 4.67
C MET F 100 -45.89 -34.88 5.36
N GLY G 2 31.84 -3.16 26.07
CA GLY G 2 30.81 -2.14 26.03
C GLY G 2 29.55 -2.54 26.77
N GLN G 3 28.43 -1.87 26.45
CA GLN G 3 27.16 -2.20 27.08
C GLN G 3 26.54 -3.41 26.39
N ASN G 4 26.21 -4.43 27.18
CA ASN G 4 25.73 -5.69 26.67
CA ASN G 4 25.70 -5.68 26.65
C ASN G 4 24.53 -6.16 27.49
N ILE G 5 23.58 -6.81 26.82
CA ILE G 5 22.44 -7.44 27.49
CA ILE G 5 22.43 -7.43 27.47
C ILE G 5 22.15 -8.76 26.78
N ASP G 6 22.00 -9.82 27.56
CA ASP G 6 21.85 -11.16 26.99
C ASP G 6 20.67 -11.90 27.61
N GLN G 7 19.90 -12.56 26.76
CA GLN G 7 18.82 -13.44 27.19
C GLN G 7 18.74 -14.59 26.20
N PRO G 8 18.24 -15.76 26.62
CA PRO G 8 18.18 -16.90 25.71
C PRO G 8 17.32 -16.58 24.49
N THR G 9 17.67 -17.20 23.38
CA THR G 9 16.95 -16.98 22.13
C THR G 9 15.54 -17.56 22.19
N GLU G 10 15.40 -18.75 22.75
CA GLU G 10 14.14 -19.46 22.71
C GLU G 10 14.03 -20.36 23.94
N MET G 11 12.81 -20.50 24.46
CA MET G 11 12.51 -21.44 25.53
C MET G 11 11.21 -22.16 25.25
N THR G 12 11.14 -23.42 25.63
CA THR G 12 9.94 -24.25 25.43
C THR G 12 9.56 -24.90 26.75
N ALA G 13 8.29 -24.73 27.14
CA ALA G 13 7.76 -25.33 28.36
C ALA G 13 6.36 -25.85 28.09
N THR G 14 5.85 -26.63 29.05
CA THR G 14 4.54 -27.26 28.92
C THR G 14 3.46 -26.39 29.57
N GLU G 15 2.28 -26.40 28.96
CA GLU G 15 1.12 -25.70 29.52
C GLU G 15 0.89 -26.10 30.98
N GLY G 16 0.65 -25.10 31.82
CA GLY G 16 0.44 -25.33 33.24
C GLY G 16 1.69 -25.34 34.09
N ALA G 17 2.87 -25.42 33.48
CA ALA G 17 4.11 -25.51 34.25
C ALA G 17 4.61 -24.11 34.59
N ILE G 18 5.87 -24.01 35.00
CA ILE G 18 6.49 -22.75 35.40
C ILE G 18 7.75 -22.56 34.56
N VAL G 19 7.97 -21.33 34.10
CA VAL G 19 9.15 -21.02 33.29
C VAL G 19 9.81 -19.77 33.86
N GLN G 20 11.14 -19.75 33.80
CA GLN G 20 11.94 -18.63 34.28
C GLN G 20 12.81 -18.14 33.14
N ILE G 21 12.58 -16.91 32.69
CA ILE G 21 13.31 -16.31 31.58
C ILE G 21 14.38 -15.40 32.14
N ASN G 22 15.65 -15.67 31.82
CA ASN G 22 16.79 -14.97 32.40
C ASN G 22 17.25 -13.80 31.53
N CYS G 23 17.80 -12.77 32.18
CA CYS G 23 18.35 -11.61 31.51
C CYS G 23 19.56 -11.14 32.32
N THR G 24 20.75 -11.16 31.72
CA THR G 24 21.93 -10.60 32.35
C THR G 24 22.38 -9.36 31.57
N TYR G 25 22.94 -8.38 32.29
CA TYR G 25 23.30 -7.11 31.66
C TYR G 25 24.64 -6.63 32.20
N GLN G 26 25.42 -6.01 31.30
CA GLN G 26 26.67 -5.34 31.65
C GLN G 26 26.56 -3.93 31.08
N THR G 27 26.26 -2.96 31.94
CA THR G 27 26.00 -1.60 31.50
C THR G 27 26.85 -0.61 32.26
N SER G 28 26.99 0.58 31.68
CA SER G 28 27.61 1.70 32.38
C SER G 28 26.50 2.41 33.14
N GLY G 29 26.40 2.11 34.42
CA GLY G 29 25.34 2.65 35.25
C GLY G 29 24.07 1.85 35.12
N PHE G 30 23.12 2.13 36.02
CA PHE G 30 21.88 1.38 36.07
C PHE G 30 20.80 2.27 36.66
N ASN G 31 19.70 2.41 35.91
CA ASN G 31 18.53 3.16 36.36
C ASN G 31 17.25 2.33 36.24
N GLY G 32 17.36 1.01 36.13
CA GLY G 32 16.18 0.18 36.13
C GLY G 32 16.16 -0.83 35.01
N LEU G 33 15.45 -1.94 35.21
CA LEU G 33 15.34 -3.00 34.22
C LEU G 33 13.87 -3.23 33.92
N PHE G 34 13.53 -3.28 32.64
CA PHE G 34 12.17 -3.45 32.18
C PHE G 34 12.00 -4.82 31.52
N TRP G 35 10.81 -5.39 31.66
CA TRP G 35 10.38 -6.54 30.88
C TRP G 35 9.18 -6.13 30.04
N TYR G 36 9.21 -6.52 28.76
CA TYR G 36 8.12 -6.27 27.82
C TYR G 36 7.67 -7.57 27.19
N GLN G 37 6.37 -7.67 26.92
CA GLN G 37 5.80 -8.82 26.21
C GLN G 37 5.48 -8.39 24.79
N GLN G 38 5.84 -9.21 23.83
CA GLN G 38 5.56 -8.93 22.41
C GLN G 38 4.98 -10.19 21.76
N HIS G 39 3.68 -10.18 21.52
CA HIS G 39 3.08 -11.25 20.73
C HIS G 39 3.49 -11.11 19.27
N ALA G 40 3.57 -12.25 18.58
CA ALA G 40 4.01 -12.27 17.19
C ALA G 40 3.16 -11.34 16.33
N GLY G 41 3.82 -10.47 15.58
CA GLY G 41 3.15 -9.50 14.75
C GLY G 41 2.46 -8.37 15.48
N GLU G 42 2.79 -8.14 16.76
CA GLU G 42 2.13 -7.10 17.54
C GLU G 42 3.18 -6.26 18.24
N ALA G 43 2.71 -5.21 18.93
CA ALA G 43 3.57 -4.26 19.61
C ALA G 43 4.01 -4.78 20.97
N PRO G 44 5.22 -4.44 21.41
CA PRO G 44 5.61 -4.74 22.80
C PRO G 44 4.70 -4.01 23.77
N THR G 45 4.40 -4.67 24.89
CA THR G 45 3.64 -4.06 25.97
C THR G 45 4.39 -4.24 27.28
N PHE G 46 4.37 -3.19 28.10
CA PHE G 46 5.10 -3.17 29.37
C PHE G 46 4.57 -4.25 30.32
N LEU G 47 5.50 -5.04 30.89
CA LEU G 47 5.18 -6.03 31.90
C LEU G 47 5.59 -5.61 33.31
N SER G 48 6.85 -5.22 33.52
CA SER G 48 7.34 -5.01 34.87
C SER G 48 8.57 -4.10 34.85
N TYR G 49 8.90 -3.57 36.04
CA TYR G 49 10.05 -2.72 36.24
C TYR G 49 10.68 -3.05 37.59
N ASN G 50 11.99 -3.25 37.61
CA ASN G 50 12.74 -3.42 38.87
C ASN G 50 13.94 -2.49 38.86
N VAL G 51 14.27 -1.95 40.02
CA VAL G 51 15.43 -1.05 40.14
C VAL G 51 16.19 -1.35 41.42
N LEU G 52 15.49 -1.81 42.46
CA LEU G 52 16.13 -2.32 43.66
C LEU G 52 16.09 -3.84 43.68
N ASP G 53 16.91 -4.43 44.54
CA ASP G 53 17.02 -5.87 44.61
C ASP G 53 15.75 -6.48 45.18
N GLY G 54 15.36 -7.65 44.67
CA GLY G 54 14.28 -8.40 45.25
C GLY G 54 13.31 -8.91 44.21
N LEU G 55 12.21 -9.48 44.70
CA LEU G 55 11.19 -10.09 43.88
C LEU G 55 9.92 -9.26 43.94
N GLU G 56 9.30 -9.03 42.79
CA GLU G 56 8.08 -8.24 42.70
C GLU G 56 7.02 -9.04 41.94
N GLU G 57 5.90 -9.32 42.59
CA GLU G 57 4.86 -10.15 42.01
C GLU G 57 3.78 -9.28 41.36
N LYS G 58 3.11 -9.86 40.36
CA LYS G 58 2.12 -9.14 39.58
C LYS G 58 1.22 -10.11 38.82
N GLY G 59 0.26 -10.72 39.50
CA GLY G 59 -0.54 -11.72 38.83
C GLY G 59 0.22 -13.03 38.77
N ARG G 60 0.09 -13.72 37.64
CA ARG G 60 0.86 -14.93 37.39
C ARG G 60 2.33 -14.65 37.11
N PHE G 61 2.71 -13.38 36.94
CA PHE G 61 4.05 -12.99 36.56
C PHE G 61 4.79 -12.40 37.75
N SER G 62 6.06 -12.73 37.87
CA SER G 62 6.94 -12.18 38.89
C SER G 62 8.25 -11.79 38.24
N SER G 63 8.85 -10.69 38.69
CA SER G 63 10.13 -10.24 38.17
C SER G 63 11.10 -10.06 39.33
N PHE G 64 12.32 -10.57 39.16
CA PHE G 64 13.35 -10.54 40.18
C PHE G 64 14.56 -9.75 39.67
N LEU G 65 15.27 -9.10 40.59
CA LEU G 65 16.45 -8.32 40.22
C LEU G 65 17.54 -8.48 41.27
N SER G 66 18.78 -8.67 40.79
CA SER G 66 19.97 -8.64 41.63
C SER G 66 20.95 -7.65 40.99
N ARG G 67 21.08 -6.48 41.59
CA ARG G 67 21.97 -5.45 41.03
C ARG G 67 23.43 -5.88 41.09
N SER G 68 23.84 -6.54 42.19
CA SER G 68 25.24 -6.91 42.32
C SER G 68 25.67 -7.93 41.28
N LYS G 69 24.76 -8.83 40.90
CA LYS G 69 25.03 -9.85 39.90
C LYS G 69 24.71 -9.39 38.48
N GLY G 70 24.04 -8.25 38.32
CA GLY G 70 23.63 -7.79 37.00
C GLY G 70 22.73 -8.79 36.32
N TYR G 71 21.68 -9.21 37.02
CA TYR G 71 20.89 -10.34 36.58
C TYR G 71 19.44 -10.15 36.98
N SER G 72 18.52 -10.57 36.10
CA SER G 72 17.10 -10.50 36.37
C SER G 72 16.42 -11.69 35.70
N TYR G 73 15.31 -12.12 36.28
CA TYR G 73 14.49 -13.12 35.61
C TYR G 73 13.02 -12.71 35.67
N LEU G 74 12.29 -13.16 34.65
CA LEU G 74 10.84 -13.04 34.59
C LEU G 74 10.26 -14.43 34.82
N LEU G 75 9.38 -14.54 35.82
CA LEU G 75 8.84 -15.82 36.25
C LEU G 75 7.38 -15.90 35.86
N LEU G 76 7.03 -16.89 35.05
CA LEU G 76 5.65 -17.11 34.61
C LEU G 76 5.14 -18.41 35.21
N LYS G 77 4.10 -18.32 36.04
CA LYS G 77 3.50 -19.48 36.67
C LYS G 77 2.20 -19.87 35.96
N GLU G 78 1.84 -21.15 36.08
CA GLU G 78 0.61 -21.69 35.51
C GLU G 78 0.47 -21.29 34.04
N LEU G 79 1.42 -21.75 33.23
CA LEU G 79 1.54 -21.32 31.85
C LEU G 79 0.27 -21.65 31.07
N GLN G 80 -0.19 -20.69 30.29
CA GLN G 80 -1.30 -20.87 29.35
C GLN G 80 -0.81 -20.60 27.94
N MET G 81 -1.58 -21.08 26.96
CA MET G 81 -1.18 -20.90 25.57
C MET G 81 -1.04 -19.42 25.20
N LYS G 82 -1.87 -18.55 25.79
CA LYS G 82 -1.79 -17.13 25.46
C LYS G 82 -0.46 -16.53 25.92
N ASP G 83 0.30 -17.21 26.76
CA ASP G 83 1.62 -16.72 27.17
C ASP G 83 2.67 -16.90 26.08
N SER G 84 2.35 -17.63 25.02
CA SER G 84 3.27 -17.76 23.89
C SER G 84 3.52 -16.39 23.30
N ALA G 85 4.77 -15.94 23.34
CA ALA G 85 5.14 -14.59 22.91
C ALA G 85 6.65 -14.47 23.05
N SER G 86 7.18 -13.37 22.55
CA SER G 86 8.54 -12.98 22.84
C SER G 86 8.58 -12.06 24.04
N TYR G 87 9.59 -12.24 24.88
CA TYR G 87 9.74 -11.44 26.09
C TYR G 87 11.06 -10.68 26.00
N LEU G 88 10.98 -9.36 26.06
CA LEU G 88 12.11 -8.47 25.85
C LEU G 88 12.52 -7.84 27.16
N CYS G 89 13.79 -7.94 27.50
CA CYS G 89 14.38 -7.30 28.66
CA CYS G 89 14.33 -7.26 28.67
C CYS G 89 15.15 -6.07 28.22
N ALA G 90 15.05 -4.97 28.97
CA ALA G 90 15.72 -3.72 28.64
C ALA G 90 16.19 -3.01 29.90
N VAL G 91 17.36 -2.38 29.82
CA VAL G 91 18.00 -1.73 30.96
C VAL G 91 18.25 -0.27 30.62
N LYS G 92 17.89 0.63 31.54
CA LYS G 92 18.24 2.05 31.44
C LYS G 92 19.64 2.26 32.02
N ASP G 93 20.52 2.84 31.23
CA ASP G 93 21.90 3.06 31.66
C ASP G 93 22.01 4.38 32.43
N SER G 94 23.24 4.84 32.70
CA SER G 94 23.42 6.05 33.49
CA SER G 94 23.42 6.05 33.49
C SER G 94 22.84 7.27 32.80
N ASN G 95 22.87 7.31 31.47
CA ASN G 95 22.34 8.43 30.72
C ASN G 95 20.90 8.21 30.28
N TYR G 96 20.19 7.29 30.95
CA TYR G 96 18.76 7.05 30.73
C TYR G 96 18.48 6.55 29.31
N GLN G 97 19.46 5.89 28.70
CA GLN G 97 19.30 5.31 27.38
C GLN G 97 18.98 3.83 27.53
N LEU G 98 17.96 3.36 26.81
CA LEU G 98 17.53 1.98 26.90
C LEU G 98 18.44 1.08 26.07
N ILE G 99 18.95 0.02 26.71
CA ILE G 99 19.66 -1.06 26.02
C ILE G 99 18.72 -2.24 25.97
N TRP G 100 18.46 -2.76 24.78
CA TRP G 100 17.45 -3.80 24.56
C TRP G 100 18.10 -5.16 24.34
N GLY G 101 17.65 -6.16 25.09
CA GLY G 101 17.99 -7.53 24.77
C GLY G 101 17.28 -8.00 23.50
N ALA G 102 17.83 -9.07 22.91
CA ALA G 102 17.31 -9.56 21.64
C ALA G 102 15.96 -10.26 21.80
N GLY G 103 15.55 -10.56 23.01
CA GLY G 103 14.24 -11.15 23.23
C GLY G 103 14.31 -12.66 23.35
N THR G 104 13.39 -13.21 24.14
CA THR G 104 13.27 -14.65 24.29
C THR G 104 11.90 -15.07 23.77
N LYS G 105 11.90 -16.00 22.82
CA LYS G 105 10.64 -16.52 22.28
C LYS G 105 10.19 -17.68 23.16
N LEU G 106 9.04 -17.51 23.83
CA LEU G 106 8.52 -18.56 24.70
C LEU G 106 7.50 -19.40 23.93
N ILE G 107 7.80 -20.68 23.74
CA ILE G 107 6.90 -21.63 23.09
C ILE G 107 6.25 -22.49 24.17
N ILE G 108 4.94 -22.68 24.06
CA ILE G 108 4.17 -23.42 25.05
C ILE G 108 3.59 -24.67 24.40
N LYS G 109 3.87 -25.83 24.99
CA LYS G 109 3.32 -27.09 24.50
CA LYS G 109 3.32 -27.09 24.50
C LYS G 109 1.96 -27.35 25.15
N PRO G 110 0.90 -27.52 24.39
CA PRO G 110 -0.41 -27.78 25.00
C PRO G 110 -0.45 -29.16 25.63
N ASP G 111 -1.28 -29.31 26.65
CA ASP G 111 -1.50 -30.61 27.28
C ASP G 111 -2.61 -31.32 26.50
N ILE G 112 -2.23 -32.34 25.74
CA ILE G 112 -3.18 -33.11 24.93
C ILE G 112 -3.63 -34.31 25.76
N GLN G 113 -4.89 -34.29 26.21
CA GLN G 113 -5.34 -35.32 27.15
CA GLN G 113 -5.34 -35.32 27.15
C GLN G 113 -5.68 -36.63 26.45
N ASN G 114 -6.27 -36.55 25.25
CA ASN G 114 -6.68 -37.72 24.50
C ASN G 114 -6.03 -37.67 23.12
N PRO G 115 -4.75 -38.05 23.03
CA PRO G 115 -4.09 -38.06 21.72
C PRO G 115 -4.70 -39.09 20.77
N ASP G 116 -4.81 -38.69 19.51
CA ASP G 116 -5.43 -39.52 18.48
C ASP G 116 -4.73 -39.25 17.16
N PRO G 117 -3.43 -39.52 17.09
CA PRO G 117 -2.64 -39.13 15.92
C PRO G 117 -3.16 -39.80 14.65
N ALA G 118 -3.24 -39.01 13.59
CA ALA G 118 -3.78 -39.49 12.32
C ALA G 118 -3.30 -38.58 11.21
N VAL G 119 -3.18 -39.14 10.01
CA VAL G 119 -2.87 -38.40 8.80
C VAL G 119 -4.04 -38.54 7.86
N TYR G 120 -4.72 -37.43 7.58
CA TYR G 120 -5.90 -37.41 6.74
C TYR G 120 -5.61 -36.77 5.39
N GLN G 121 -6.25 -37.31 4.36
CA GLN G 121 -6.22 -36.73 3.02
C GLN G 121 -7.40 -35.79 2.88
N LEU G 122 -7.12 -34.50 2.68
CA LEU G 122 -8.21 -33.56 2.46
C LEU G 122 -8.73 -33.67 1.02
N ARG G 123 -9.93 -33.15 0.81
CA ARG G 123 -10.53 -33.21 -0.52
C ARG G 123 -9.84 -32.22 -1.45
N ASP G 124 -9.57 -32.66 -2.66
CA ASP G 124 -9.01 -31.78 -3.67
C ASP G 124 -9.94 -30.58 -3.91
N SER G 125 -9.34 -29.45 -4.23
CA SER G 125 -10.09 -28.29 -4.72
C SER G 125 -10.10 -28.30 -6.23
N LYS G 126 -11.23 -27.89 -6.82
CA LYS G 126 -11.36 -27.82 -8.28
CA LYS G 126 -11.29 -27.87 -8.28
C LYS G 126 -10.45 -26.75 -8.88
N SER G 127 -10.03 -25.76 -8.08
CA SER G 127 -9.23 -24.65 -8.56
C SER G 127 -7.75 -24.80 -8.23
N SER G 128 -7.30 -25.98 -7.80
CA SER G 128 -5.91 -26.16 -7.44
C SER G 128 -5.45 -27.55 -7.84
N ASP G 129 -4.21 -27.65 -8.28
CA ASP G 129 -3.57 -28.92 -8.59
C ASP G 129 -2.92 -29.58 -7.40
N LYS G 130 -3.01 -28.99 -6.21
CA LYS G 130 -2.33 -29.51 -5.03
C LYS G 130 -3.14 -30.62 -4.38
N SER G 131 -2.43 -31.61 -3.85
CA SER G 131 -2.99 -32.58 -2.93
C SER G 131 -2.50 -32.25 -1.52
N VAL G 132 -3.41 -32.24 -0.56
CA VAL G 132 -3.15 -31.74 0.79
C VAL G 132 -3.37 -32.83 1.82
N CYS G 133 -2.46 -32.94 2.77
CA CYS G 133 -2.52 -33.92 3.84
C CYS G 133 -2.44 -33.21 5.19
N LEU G 134 -3.19 -33.72 6.16
CA LEU G 134 -3.26 -33.13 7.49
C LEU G 134 -2.84 -34.17 8.52
N PHE G 135 -1.70 -33.91 9.18
CA PHE G 135 -1.27 -34.67 10.34
C PHE G 135 -1.78 -33.94 11.58
N THR G 136 -2.64 -34.61 12.37
CA THR G 136 -3.37 -33.91 13.41
C THR G 136 -3.56 -34.80 14.64
N ASP G 137 -3.91 -34.15 15.75
CA ASP G 137 -4.30 -34.77 17.01
C ASP G 137 -3.18 -35.55 17.68
N PHE G 138 -1.92 -35.23 17.38
CA PHE G 138 -0.80 -35.91 18.01
C PHE G 138 -0.37 -35.21 19.29
N ASP G 139 0.37 -35.95 20.12
CA ASP G 139 0.86 -35.42 21.38
C ASP G 139 1.91 -34.34 21.15
N SER G 140 1.99 -33.41 22.11
CA SER G 140 2.90 -32.28 21.97
C SER G 140 4.38 -32.66 21.96
N GLN G 141 4.71 -33.90 22.31
CA GLN G 141 6.10 -34.35 22.24
C GLN G 141 6.55 -34.65 20.82
N THR G 142 5.63 -34.79 19.88
CA THR G 142 5.97 -35.07 18.49
C THR G 142 6.50 -33.81 17.81
N ASN G 143 7.60 -33.97 17.07
CA ASN G 143 8.17 -32.90 16.25
C ASN G 143 7.92 -33.18 14.79
N VAL G 144 7.64 -32.13 14.02
CA VAL G 144 7.37 -32.23 12.59
C VAL G 144 8.58 -31.70 11.82
N SER G 145 9.23 -32.57 11.06
CA SER G 145 10.41 -32.18 10.29
C SER G 145 9.99 -31.58 8.95
N GLN G 146 10.86 -30.72 8.41
CA GLN G 146 10.67 -30.20 7.07
C GLN G 146 10.85 -31.33 6.05
N SER G 147 10.35 -31.10 4.84
CA SER G 147 10.41 -32.11 3.79
CA SER G 147 10.42 -32.11 3.80
C SER G 147 11.81 -32.15 3.17
N LYS G 148 12.21 -33.36 2.76
CA LYS G 148 13.44 -33.55 2.03
C LYS G 148 13.23 -33.55 0.52
N ASP G 149 11.98 -33.50 0.07
CA ASP G 149 11.65 -33.33 -1.33
C ASP G 149 11.41 -31.84 -1.61
N SER G 150 12.07 -31.32 -2.64
CA SER G 150 11.95 -29.89 -2.93
C SER G 150 10.56 -29.52 -3.46
N ASP G 151 9.78 -30.48 -3.92
CA ASP G 151 8.43 -30.22 -4.41
C ASP G 151 7.36 -30.66 -3.43
N VAL G 152 7.73 -30.96 -2.19
CA VAL G 152 6.79 -31.23 -1.11
C VAL G 152 6.98 -30.16 -0.04
N TYR G 153 5.88 -29.54 0.37
CA TYR G 153 5.90 -28.44 1.32
C TYR G 153 5.21 -28.88 2.60
N ILE G 154 5.90 -28.69 3.73
CA ILE G 154 5.41 -29.13 5.03
C ILE G 154 5.56 -27.99 6.02
N THR G 155 4.46 -27.62 6.66
CA THR G 155 4.49 -26.56 7.65
C THR G 155 4.71 -27.14 9.05
N ASP G 156 5.18 -26.28 9.96
CA ASP G 156 5.39 -26.70 11.33
C ASP G 156 4.04 -26.86 12.03
N LYS G 157 4.08 -27.44 13.24
CA LYS G 157 2.85 -27.69 13.98
C LYS G 157 2.23 -26.40 14.50
N CYS G 158 0.90 -26.42 14.56
CA CYS G 158 0.07 -25.29 14.93
CA CYS G 158 0.07 -25.30 14.93
C CYS G 158 -0.95 -25.75 15.96
N VAL G 159 -1.16 -24.96 17.01
CA VAL G 159 -2.06 -25.33 18.09
C VAL G 159 -3.37 -24.58 17.89
N LEU G 160 -4.47 -25.32 17.69
CA LEU G 160 -5.79 -24.72 17.52
CA LEU G 160 -5.80 -24.78 17.48
C LEU G 160 -6.66 -25.04 18.71
N ASP G 161 -7.54 -24.09 19.04
CA ASP G 161 -8.39 -24.17 20.22
C ASP G 161 -9.84 -24.03 19.77
N MET G 162 -10.63 -25.10 19.93
CA MET G 162 -12.07 -25.03 19.72
C MET G 162 -12.70 -24.59 21.05
N ARG G 163 -13.03 -23.30 21.15
CA ARG G 163 -13.45 -22.74 22.43
C ARG G 163 -14.71 -23.40 22.96
N SER G 164 -15.69 -23.65 22.08
CA SER G 164 -16.97 -24.20 22.53
C SER G 164 -16.80 -25.55 23.21
N MET G 165 -15.84 -26.36 22.78
CA MET G 165 -15.62 -27.69 23.34
C MET G 165 -14.46 -27.76 24.31
N ASP G 166 -13.77 -26.65 24.56
CA ASP G 166 -12.59 -26.63 25.43
C ASP G 166 -11.59 -27.69 24.98
N PHE G 167 -11.27 -27.66 23.69
CA PHE G 167 -10.52 -28.71 23.02
C PHE G 167 -9.36 -28.10 22.25
N LYS G 168 -8.17 -28.65 22.43
CA LYS G 168 -6.97 -28.21 21.72
C LYS G 168 -6.38 -29.38 20.95
N SER G 169 -5.76 -29.07 19.81
CA SER G 169 -5.12 -30.12 19.02
C SER G 169 -3.98 -29.52 18.20
N ASN G 170 -2.91 -30.30 18.06
CA ASN G 170 -1.81 -29.96 17.17
C ASN G 170 -2.10 -30.45 15.76
N SER G 171 -1.58 -29.73 14.77
CA SER G 171 -1.71 -30.19 13.40
C SER G 171 -0.60 -29.57 12.56
N ALA G 172 -0.21 -30.30 11.52
CA ALA G 172 0.73 -29.83 10.52
C ALA G 172 0.18 -30.21 9.15
N VAL G 173 0.52 -29.42 8.14
CA VAL G 173 -0.02 -29.58 6.79
C VAL G 173 1.12 -29.90 5.83
N ALA G 174 0.85 -30.81 4.89
CA ALA G 174 1.78 -31.11 3.81
C ALA G 174 1.01 -31.10 2.50
N TRP G 175 1.64 -30.57 1.46
CA TRP G 175 0.99 -30.53 0.15
C TRP G 175 2.03 -30.60 -0.95
N SER G 176 1.57 -30.98 -2.13
CA SER G 176 2.41 -31.15 -3.31
C SER G 176 1.51 -31.39 -4.51
N ASN G 177 2.01 -31.06 -5.70
CA ASN G 177 1.32 -31.39 -6.94
C ASN G 177 1.98 -32.52 -7.70
N LYS G 178 2.99 -33.17 -7.10
CA LYS G 178 3.67 -34.27 -7.74
C LYS G 178 2.74 -35.47 -7.89
N SER G 179 3.00 -36.28 -8.92
CA SER G 179 2.14 -37.42 -9.19
C SER G 179 2.27 -38.51 -8.12
N ASP G 180 3.49 -38.69 -7.58
CA ASP G 180 3.72 -39.74 -6.61
C ASP G 180 3.32 -39.36 -5.19
N PHE G 181 2.95 -38.10 -4.96
CA PHE G 181 2.67 -37.64 -3.60
C PHE G 181 1.46 -38.34 -3.01
N ALA G 182 1.65 -38.95 -1.84
CA ALA G 182 0.59 -39.63 -1.13
C ALA G 182 0.69 -39.31 0.35
N CYS G 183 -0.46 -39.24 1.03
N CYS G 183 -0.47 -39.24 1.01
CA CYS G 183 -0.44 -38.91 2.44
CA CYS G 183 -0.52 -38.96 2.44
C CYS G 183 0.14 -40.03 3.29
C CYS G 183 0.21 -40.02 3.26
N ALA G 184 0.25 -41.26 2.75
CA ALA G 184 0.91 -42.33 3.49
C ALA G 184 2.41 -42.10 3.60
N ASN G 185 2.99 -41.31 2.70
CA ASN G 185 4.42 -41.02 2.72
CA ASN G 185 4.42 -41.02 2.73
C ASN G 185 4.73 -39.55 2.94
N ALA G 186 3.72 -38.71 3.15
CA ALA G 186 3.95 -37.27 3.26
C ALA G 186 4.90 -36.92 4.40
N PHE G 187 4.68 -37.52 5.57
CA PHE G 187 5.48 -37.21 6.75
C PHE G 187 6.52 -38.29 7.07
N ASN G 188 7.07 -38.93 6.03
CA ASN G 188 8.05 -39.99 6.25
C ASN G 188 9.35 -39.48 6.84
N ASN G 189 9.66 -38.19 6.68
CA ASN G 189 10.87 -37.64 7.25
C ASN G 189 10.70 -37.23 8.71
N SER G 190 9.51 -37.37 9.27
CA SER G 190 9.25 -37.05 10.66
C SER G 190 9.12 -38.31 11.49
N ILE G 191 9.46 -38.20 12.77
CA ILE G 191 9.28 -39.28 13.73
C ILE G 191 7.86 -39.12 14.28
N ILE G 192 6.94 -39.94 13.77
CA ILE G 192 5.52 -39.82 14.12
C ILE G 192 5.15 -40.97 15.07
N PRO G 193 4.07 -40.85 15.84
CA PRO G 193 3.74 -41.93 16.78
C PRO G 193 3.51 -43.26 16.06
N GLU G 194 3.82 -44.35 16.77
CA GLU G 194 3.68 -45.68 16.21
C GLU G 194 2.23 -45.97 15.84
N ASP G 195 1.28 -45.46 16.62
CA ASP G 195 -0.13 -45.78 16.46
C ASP G 195 -0.86 -44.75 15.59
N THR G 196 -0.14 -44.01 14.76
CA THR G 196 -0.76 -43.02 13.88
C THR G 196 -1.74 -43.70 12.95
N PHE G 197 -2.96 -43.16 12.87
CA PHE G 197 -4.03 -43.73 12.06
C PHE G 197 -3.90 -43.23 10.62
N PHE G 198 -3.76 -44.16 9.68
CA PHE G 198 -3.70 -43.88 8.24
C PHE G 198 -4.92 -44.50 7.58
N PRO G 199 -6.02 -43.75 7.42
CA PRO G 199 -7.21 -44.32 6.79
C PRO G 199 -6.94 -44.72 5.35
N SER G 200 -7.70 -45.71 4.88
CA SER G 200 -7.46 -46.29 3.56
C SER G 200 -7.82 -45.29 2.47
N PRO G 201 -7.06 -45.28 1.36
CA PRO G 201 -7.34 -44.48 0.16
C PRO G 201 -8.26 -45.23 -0.80
N ASN H 2 -8.79 8.25 23.00
CA ASN H 2 -8.08 7.25 23.79
C ASN H 2 -7.62 6.08 22.90
N ALA H 3 -6.91 6.42 21.81
CA ALA H 3 -6.42 5.41 20.88
C ALA H 3 -5.00 4.94 21.17
N GLY H 4 -4.26 5.66 22.02
CA GLY H 4 -2.89 5.26 22.31
C GLY H 4 -1.94 5.79 21.26
N VAL H 5 -1.15 4.90 20.67
CA VAL H 5 -0.17 5.26 19.66
C VAL H 5 -0.64 4.70 18.32
N THR H 6 -0.80 5.58 17.33
CA THR H 6 -1.32 5.21 16.01
C THR H 6 -0.26 5.53 14.96
N GLN H 7 0.31 4.50 14.35
CA GLN H 7 1.29 4.69 13.30
C GLN H 7 0.80 4.03 12.01
N THR H 8 1.18 4.63 10.88
CA THR H 8 0.78 4.19 9.56
C THR H 8 1.94 4.37 8.61
N PRO H 9 2.04 3.55 7.56
CA PRO H 9 1.14 2.43 7.23
C PRO H 9 1.56 1.13 7.91
N LYS H 10 0.71 0.10 7.82
CA LYS H 10 1.03 -1.18 8.43
C LYS H 10 2.04 -1.96 7.61
N PHE H 11 1.96 -1.85 6.28
CA PHE H 11 2.86 -2.55 5.37
C PHE H 11 3.25 -1.59 4.25
N GLN H 12 4.43 -1.84 3.68
CA GLN H 12 4.86 -1.07 2.52
C GLN H 12 6.02 -1.73 1.79
N VAL H 13 5.89 -1.90 0.47
CA VAL H 13 6.98 -2.33 -0.38
C VAL H 13 7.55 -1.10 -1.07
N LEU H 14 8.88 -1.06 -1.19
CA LEU H 14 9.56 0.09 -1.75
C LEU H 14 10.66 -0.37 -2.69
N LYS H 15 10.91 0.43 -3.71
CA LYS H 15 12.03 0.22 -4.60
CA LYS H 15 12.04 0.23 -4.61
C LYS H 15 13.22 1.04 -4.11
N THR H 16 14.42 0.49 -4.29
CA THR H 16 15.65 1.18 -3.88
C THR H 16 15.68 2.59 -4.46
N GLY H 17 15.87 3.58 -3.58
CA GLY H 17 15.92 4.96 -3.98
C GLY H 17 14.63 5.72 -3.79
N GLN H 18 13.57 5.06 -3.36
CA GLN H 18 12.25 5.67 -3.23
C GLN H 18 12.10 6.31 -1.85
N SER H 19 11.37 7.42 -1.82
CA SER H 19 11.12 8.15 -0.58
C SER H 19 9.91 7.56 0.15
N MET H 20 9.90 7.72 1.47
CA MET H 20 8.81 7.19 2.28
CA MET H 20 8.79 7.23 2.26
C MET H 20 8.76 7.95 3.60
N THR H 21 7.53 8.16 4.09
CA THR H 21 7.31 8.82 5.38
C THR H 21 6.37 7.95 6.20
N LEU H 22 6.81 7.55 7.39
CA LEU H 22 5.95 6.89 8.36
C LEU H 22 5.37 7.92 9.30
N GLN H 23 4.07 7.81 9.56
CA GLN H 23 3.37 8.71 10.46
C GLN H 23 3.20 8.06 11.83
N CYS H 24 3.17 8.89 12.88
CA CYS H 24 2.94 8.41 14.22
C CYS H 24 2.26 9.51 15.03
N ALA H 25 1.20 9.16 15.74
CA ALA H 25 0.48 10.11 16.59
C ALA H 25 0.14 9.43 17.90
N GLN H 26 0.16 10.20 18.98
CA GLN H 26 -0.24 9.71 20.29
C GLN H 26 -1.22 10.70 20.91
N ASP H 27 -2.31 10.18 21.46
CA ASP H 27 -3.34 11.01 22.09
C ASP H 27 -3.31 10.88 23.61
N MET H 28 -2.16 10.51 24.18
CA MET H 28 -2.01 10.34 25.61
CA MET H 28 -2.03 10.34 25.61
C MET H 28 -1.38 11.54 26.29
N ASN H 29 -1.20 12.65 25.56
CA ASN H 29 -0.58 13.86 26.08
C ASN H 29 0.83 13.59 26.59
N HIS H 30 1.54 12.69 25.91
CA HIS H 30 2.92 12.38 26.22
C HIS H 30 3.85 13.45 25.64
N ASN H 31 5.02 13.58 26.27
CA ASN H 31 6.03 14.54 25.82
C ASN H 31 7.14 13.91 25.00
N SER H 32 7.46 12.64 25.25
CA SER H 32 8.58 11.99 24.60
C SER H 32 8.09 10.99 23.57
N MET H 33 8.74 10.98 22.40
CA MET H 33 8.40 10.06 21.32
C MET H 33 9.66 9.51 20.70
N TYR H 34 9.54 8.31 20.13
CA TYR H 34 10.69 7.53 19.69
C TYR H 34 10.35 6.79 18.40
N TRP H 35 11.39 6.46 17.66
CA TRP H 35 11.27 5.60 16.47
C TRP H 35 12.32 4.51 16.56
N TYR H 36 11.87 3.27 16.53
CA TYR H 36 12.73 2.10 16.64
C TYR H 36 12.64 1.27 15.37
N ARG H 37 13.68 0.48 15.12
CA ARG H 37 13.57 -0.60 14.14
C ARG H 37 13.90 -1.91 14.83
N GLN H 38 13.18 -2.96 14.44
CA GLN H 38 13.33 -4.29 15.00
C GLN H 38 13.75 -5.24 13.89
N ASP H 39 14.86 -5.93 14.09
CA ASP H 39 15.41 -6.86 13.11
C ASP H 39 15.69 -8.20 13.79
N PRO H 40 15.63 -9.29 13.04
CA PRO H 40 15.83 -10.61 13.65
C PRO H 40 17.21 -10.75 14.26
N GLY H 41 17.25 -11.38 15.44
CA GLY H 41 18.50 -11.69 16.10
C GLY H 41 19.12 -10.57 16.90
N MET H 42 18.47 -9.41 17.03
CA MET H 42 19.04 -8.31 17.77
C MET H 42 17.92 -7.51 18.44
N GLY H 43 18.31 -6.73 19.46
CA GLY H 43 17.35 -5.93 20.18
C GLY H 43 16.92 -4.69 19.40
N LEU H 44 15.81 -4.11 19.84
CA LEU H 44 15.35 -2.84 19.28
C LEU H 44 16.50 -1.84 19.24
N ARG H 45 16.63 -1.15 18.13
CA ARG H 45 17.64 -0.11 17.97
C ARG H 45 16.94 1.22 17.72
N LEU H 46 17.32 2.24 18.49
CA LEU H 46 16.74 3.56 18.36
C LEU H 46 17.28 4.28 17.13
N ILE H 47 16.39 4.87 16.35
CA ILE H 47 16.76 5.61 15.15
C ILE H 47 16.87 7.09 15.47
N TYR H 48 15.76 7.68 15.90
CA TYR H 48 15.69 9.06 16.36
C TYR H 48 14.70 9.12 17.52
N TYR H 49 14.83 10.15 18.35
CA TYR H 49 13.89 10.36 19.44
C TYR H 49 13.64 11.85 19.62
N SER H 50 12.62 12.15 20.41
CA SER H 50 12.19 13.53 20.66
C SER H 50 11.85 13.62 22.14
N ALA H 51 12.79 14.14 22.93
CA ALA H 51 12.62 14.17 24.38
C ALA H 51 11.41 15.02 24.77
N SER H 52 11.09 16.03 23.99
CA SER H 52 9.98 16.93 24.27
CA SER H 52 9.95 16.89 24.27
C SER H 52 9.62 17.64 22.99
N GLU H 53 8.47 18.32 23.00
CA GLU H 53 8.05 19.08 21.83
C GLU H 53 9.06 20.19 21.54
N GLY H 54 9.49 20.25 20.28
CA GLY H 54 10.44 21.27 19.87
C GLY H 54 11.90 20.86 19.90
N THR H 55 12.21 19.59 20.13
CA THR H 55 13.59 19.13 20.05
C THR H 55 13.62 17.66 19.63
N THR H 56 14.62 17.32 18.81
CA THR H 56 14.85 15.95 18.38
C THR H 56 16.35 15.69 18.36
N ASP H 57 16.72 14.40 18.39
CA ASP H 57 18.13 14.04 18.32
C ASP H 57 18.25 12.64 17.77
N LYS H 58 19.46 12.32 17.30
CA LYS H 58 19.74 11.02 16.71
CA LYS H 58 19.74 11.02 16.71
C LYS H 58 19.81 9.94 17.79
N GLY H 59 19.49 8.72 17.39
CA GLY H 59 19.60 7.55 18.24
C GLY H 59 20.86 6.77 17.95
N GLU H 60 20.71 5.44 17.89
CA GLU H 60 21.86 4.60 17.59
C GLU H 60 22.07 4.44 16.09
N VAL H 61 21.00 4.41 15.29
CA VAL H 61 21.15 4.18 13.85
C VAL H 61 20.43 5.26 13.04
N PRO H 62 20.92 6.51 13.07
CA PRO H 62 20.21 7.59 12.37
C PRO H 62 20.50 7.67 10.88
N ASN H 63 21.54 7.02 10.38
CA ASN H 63 21.95 7.20 8.99
C ASN H 63 20.91 6.62 8.04
N GLY H 64 20.49 7.44 7.08
CA GLY H 64 19.44 7.05 6.17
C GLY H 64 18.05 7.50 6.58
N TYR H 65 17.91 8.21 7.70
CA TYR H 65 16.61 8.61 8.20
C TYR H 65 16.64 10.06 8.66
N ASN H 66 15.45 10.64 8.75
CA ASN H 66 15.26 11.91 9.44
CA ASN H 66 15.23 11.95 9.36
C ASN H 66 13.86 11.95 10.01
N VAL H 67 13.68 12.82 10.99
CA VAL H 67 12.41 12.90 11.71
C VAL H 67 11.96 14.34 11.81
N SER H 68 10.67 14.50 12.13
CA SER H 68 10.10 15.83 12.35
CA SER H 68 10.10 15.82 12.35
C SER H 68 9.07 15.71 13.47
N ARG H 69 9.33 16.42 14.57
CA ARG H 69 8.37 16.49 15.67
C ARG H 69 7.42 17.64 15.33
N LEU H 70 6.41 17.31 14.51
CA LEU H 70 5.50 18.32 13.97
C LEU H 70 4.81 19.09 15.08
N ASN H 71 4.36 18.39 16.11
CA ASN H 71 3.72 19.01 17.27
C ASN H 71 3.86 18.05 18.44
N LYS H 72 3.09 18.27 19.50
CA LYS H 72 3.22 17.42 20.68
C LYS H 72 2.75 16.00 20.39
N ARG H 73 1.80 15.83 19.49
CA ARG H 73 1.21 14.52 19.25
C ARG H 73 1.93 13.71 18.17
N GLU H 74 2.55 14.36 17.20
CA GLU H 74 2.97 13.69 15.97
C GLU H 74 4.48 13.69 15.82
N PHE H 75 5.01 12.57 15.34
CA PHE H 75 6.45 12.35 15.20
C PHE H 75 6.66 11.46 13.99
N SER H 76 6.99 12.05 12.85
CA SER H 76 7.08 11.32 11.60
C SER H 76 8.52 10.91 11.31
N LEU H 77 8.66 9.75 10.68
CA LEU H 77 9.95 9.20 10.28
C LEU H 77 10.04 9.20 8.76
N ARG H 78 11.15 9.74 8.25
CA ARG H 78 11.31 9.97 6.82
C ARG H 78 12.47 9.12 6.31
N LEU H 79 12.20 8.31 5.29
CA LEU H 79 13.23 7.60 4.54
C LEU H 79 13.35 8.32 3.19
N GLU H 80 14.48 8.98 2.96
CA GLU H 80 14.59 9.80 1.76
C GLU H 80 14.95 8.96 0.55
N SER H 81 15.97 8.10 0.67
CA SER H 81 16.41 7.21 -0.41
C SER H 81 16.47 5.80 0.16
N ALA H 82 15.38 5.04 0.00
CA ALA H 82 15.27 3.73 0.63
C ALA H 82 16.36 2.80 0.14
N ALA H 83 16.88 1.98 1.06
CA ALA H 83 17.93 1.02 0.78
C ALA H 83 17.51 -0.35 1.28
N PRO H 84 18.00 -1.41 0.63
CA PRO H 84 17.63 -2.78 1.06
C PRO H 84 17.90 -3.05 2.53
N SER H 85 18.94 -2.45 3.11
CA SER H 85 19.23 -2.68 4.52
C SER H 85 18.18 -2.07 5.44
N GLN H 86 17.37 -1.15 4.94
CA GLN H 86 16.27 -0.57 5.71
C GLN H 86 15.01 -1.44 5.68
N THR H 87 15.08 -2.64 5.12
CA THR H 87 13.99 -3.60 5.25
C THR H 87 13.92 -4.06 6.71
N SER H 88 12.82 -3.73 7.38
CA SER H 88 12.73 -3.94 8.83
C SER H 88 11.29 -3.72 9.25
N VAL H 89 11.02 -3.92 10.53
CA VAL H 89 9.75 -3.56 11.15
C VAL H 89 10.01 -2.35 12.03
N TYR H 90 9.31 -1.26 11.76
CA TYR H 90 9.53 0.01 12.43
C TYR H 90 8.45 0.23 13.47
N PHE H 91 8.87 0.61 14.68
CA PHE H 91 7.95 0.83 15.79
C PHE H 91 8.14 2.25 16.31
N CYS H 92 7.05 2.98 16.43
CA CYS H 92 7.03 4.27 17.10
CA CYS H 92 7.08 4.26 17.13
C CYS H 92 6.52 4.08 18.53
N ALA H 93 7.12 4.79 19.48
CA ALA H 93 6.74 4.67 20.87
C ALA H 93 6.68 6.06 21.51
N SER H 94 6.08 6.12 22.69
CA SER H 94 6.01 7.37 23.43
C SER H 94 6.03 7.07 24.92
N SER H 95 6.49 8.06 25.69
CA SER H 95 6.48 8.00 27.14
C SER H 95 6.09 9.37 27.68
N VAL H 96 5.61 9.39 28.93
CA VAL H 96 5.18 10.64 29.54
C VAL H 96 6.32 11.66 29.52
N TRP H 97 7.50 11.25 29.99
CA TRP H 97 8.69 12.09 29.96
C TRP H 97 9.90 11.23 29.62
N THR H 98 11.05 11.88 29.49
CA THR H 98 12.31 11.19 29.36
CA THR H 98 12.34 11.23 29.32
C THR H 98 13.21 11.57 30.52
N GLY H 99 14.00 10.61 30.97
CA GLY H 99 14.82 10.81 32.15
C GLY H 99 14.12 10.52 33.46
N GLU H 100 12.81 10.30 33.44
CA GLU H 100 12.14 9.69 34.59
C GLU H 100 12.41 8.20 34.54
N GLY H 101 12.86 7.64 35.66
CA GLY H 101 13.49 6.33 35.61
C GLY H 101 12.52 5.19 35.38
N SER H 102 11.33 5.26 35.99
CA SER H 102 10.40 4.14 35.94
C SER H 102 9.37 4.27 34.83
N GLY H 103 9.43 5.32 34.02
CA GLY H 103 8.42 5.51 32.99
C GLY H 103 8.59 4.52 31.86
N GLU H 104 7.52 3.79 31.55
CA GLU H 104 7.58 2.78 30.49
C GLU H 104 7.21 3.39 29.14
N LEU H 105 7.52 2.64 28.09
CA LEU H 105 7.19 3.04 26.73
C LEU H 105 5.85 2.44 26.33
N PHE H 106 5.13 3.18 25.48
CA PHE H 106 3.89 2.73 24.85
C PHE H 106 4.13 2.69 23.35
N PHE H 107 3.94 1.51 22.76
CA PHE H 107 4.33 1.26 21.38
C PHE H 107 3.14 1.32 20.42
N GLY H 108 3.42 1.75 19.18
CA GLY H 108 2.46 1.64 18.10
C GLY H 108 2.49 0.25 17.48
N GLU H 109 1.53 0.02 16.56
CA GLU H 109 1.33 -1.33 16.03
C GLU H 109 2.51 -1.83 15.21
N GLY H 110 3.35 -0.94 14.70
CA GLY H 110 4.48 -1.36 13.90
C GLY H 110 4.21 -1.20 12.40
N SER H 111 5.28 -0.92 11.65
CA SER H 111 5.22 -0.76 10.20
C SER H 111 6.26 -1.67 9.57
N ARG H 112 5.82 -2.58 8.72
CA ARG H 112 6.73 -3.52 8.06
C ARG H 112 7.11 -2.99 6.69
N LEU H 113 8.40 -2.73 6.50
CA LEU H 113 8.92 -2.21 5.25
C LEU H 113 9.81 -3.25 4.59
N THR H 114 9.63 -3.43 3.28
CA THR H 114 10.51 -4.26 2.48
C THR H 114 10.99 -3.42 1.31
N VAL H 115 12.30 -3.21 1.22
CA VAL H 115 12.91 -2.44 0.15
C VAL H 115 13.56 -3.40 -0.82
N LEU H 116 13.20 -3.29 -2.10
CA LEU H 116 13.66 -4.21 -3.13
C LEU H 116 14.35 -3.47 -4.26
N GLU H 117 15.38 -4.11 -4.84
CA GLU H 117 16.07 -3.52 -5.99
C GLU H 117 15.12 -3.36 -7.17
N ASP H 118 14.29 -4.37 -7.43
CA ASP H 118 13.32 -4.34 -8.52
CA ASP H 118 13.29 -4.26 -8.47
C ASP H 118 12.01 -4.95 -8.02
N LEU H 119 10.90 -4.47 -8.55
CA LEU H 119 9.59 -4.97 -8.14
C LEU H 119 9.14 -6.18 -8.93
N LYS H 120 10.00 -6.76 -9.76
CA LYS H 120 9.59 -7.85 -10.64
C LYS H 120 9.42 -9.18 -9.91
N ASN H 121 9.72 -9.26 -8.61
CA ASN H 121 9.52 -10.47 -7.86
CA ASN H 121 9.54 -10.46 -7.83
C ASN H 121 8.38 -10.35 -6.85
N VAL H 122 7.57 -9.30 -6.95
CA VAL H 122 6.41 -9.11 -6.09
C VAL H 122 5.25 -9.89 -6.68
N PHE H 123 4.65 -10.79 -5.89
CA PHE H 123 3.54 -11.61 -6.33
C PHE H 123 2.44 -11.63 -5.27
N PRO H 124 1.18 -11.55 -5.68
CA PRO H 124 0.08 -11.81 -4.74
C PRO H 124 -0.02 -13.29 -4.46
N PRO H 125 -0.70 -13.69 -3.39
CA PRO H 125 -0.86 -15.11 -3.11
C PRO H 125 -1.92 -15.73 -4.00
N GLU H 126 -1.70 -17.00 -4.33
CA GLU H 126 -2.76 -17.87 -4.81
C GLU H 126 -3.38 -18.54 -3.60
N VAL H 127 -4.71 -18.56 -3.54
CA VAL H 127 -5.44 -19.00 -2.36
C VAL H 127 -6.38 -20.13 -2.74
N ALA H 128 -6.38 -21.20 -1.96
CA ALA H 128 -7.23 -22.37 -2.19
C ALA H 128 -7.71 -22.94 -0.86
N VAL H 129 -8.96 -23.44 -0.85
CA VAL H 129 -9.55 -24.11 0.30
C VAL H 129 -9.68 -25.59 -0.01
N PHE H 130 -9.42 -26.43 1.00
CA PHE H 130 -9.53 -27.87 0.87
C PHE H 130 -10.49 -28.37 1.94
N GLU H 131 -11.52 -29.11 1.51
CA GLU H 131 -12.60 -29.52 2.37
C GLU H 131 -12.20 -30.69 3.27
N PRO H 132 -12.88 -30.88 4.39
CA PRO H 132 -12.46 -31.89 5.37
C PRO H 132 -12.47 -33.31 4.83
N SER H 133 -11.59 -34.13 5.42
CA SER H 133 -11.55 -35.55 5.13
C SER H 133 -12.75 -36.26 5.77
N GLU H 134 -13.44 -37.09 4.97
CA GLU H 134 -14.54 -37.87 5.51
C GLU H 134 -14.05 -38.83 6.59
N ALA H 135 -12.84 -39.36 6.44
CA ALA H 135 -12.29 -40.23 7.47
C ALA H 135 -12.15 -39.51 8.80
N GLU H 136 -11.75 -38.23 8.77
CA GLU H 136 -11.65 -37.45 10.02
C GLU H 136 -13.02 -37.25 10.64
N ILE H 137 -14.03 -36.94 9.82
CA ILE H 137 -15.38 -36.71 10.34
C ILE H 137 -15.88 -37.93 11.09
N SER H 138 -15.72 -39.11 10.49
CA SER H 138 -16.23 -40.32 11.13
C SER H 138 -15.37 -40.76 12.30
N HIS H 139 -14.07 -40.48 12.26
CA HIS H 139 -13.18 -40.92 13.33
C HIS H 139 -13.24 -40.00 14.55
N THR H 140 -13.35 -38.69 14.34
CA THR H 140 -13.25 -37.72 15.41
C THR H 140 -14.49 -36.88 15.63
N GLN H 141 -15.50 -36.97 14.77
CA GLN H 141 -16.68 -36.11 14.81
C GLN H 141 -16.31 -34.64 14.71
N LYS H 142 -15.17 -34.36 14.08
CA LYS H 142 -14.73 -33.00 13.81
C LYS H 142 -14.32 -32.90 12.34
N ALA H 143 -14.29 -31.67 11.83
CA ALA H 143 -13.98 -31.43 10.42
C ALA H 143 -13.02 -30.26 10.31
N THR H 144 -11.86 -30.50 9.69
CA THR H 144 -10.81 -29.49 9.55
C THR H 144 -10.71 -29.05 8.11
N LEU H 145 -11.00 -27.78 7.85
CA LEU H 145 -10.72 -27.16 6.56
C LEU H 145 -9.32 -26.57 6.57
N VAL H 146 -8.64 -26.64 5.44
CA VAL H 146 -7.29 -26.11 5.30
C VAL H 146 -7.27 -25.09 4.17
N CYS H 147 -6.51 -24.02 4.38
CA CYS H 147 -6.36 -22.94 3.40
CA CYS H 147 -6.35 -23.01 3.35
C CYS H 147 -4.88 -22.71 3.14
N LEU H 148 -4.49 -22.68 1.87
CA LEU H 148 -3.12 -22.49 1.44
C LEU H 148 -3.04 -21.20 0.63
N ALA H 149 -2.19 -20.29 1.10
CA ALA H 149 -1.82 -19.09 0.36
C ALA H 149 -0.37 -19.28 -0.06
N THR H 150 -0.11 -19.37 -1.36
CA THR H 150 1.17 -19.82 -1.88
C THR H 150 1.69 -18.85 -2.94
N GLY H 151 3.02 -18.77 -3.02
CA GLY H 151 3.68 -18.02 -4.07
C GLY H 151 3.69 -16.52 -3.92
N PHE H 152 3.44 -15.99 -2.73
CA PHE H 152 3.37 -14.55 -2.56
C PHE H 152 4.71 -14.00 -2.10
N TYR H 153 4.95 -12.73 -2.42
CA TYR H 153 6.17 -12.04 -2.05
C TYR H 153 5.95 -10.53 -2.17
N PRO H 154 6.37 -9.74 -1.17
CA PRO H 154 7.00 -10.17 0.08
C PRO H 154 5.97 -10.68 1.09
N ASP H 155 6.40 -10.93 2.32
CA ASP H 155 5.52 -11.48 3.35
C ASP H 155 4.71 -10.36 4.00
N HIS H 156 3.81 -9.79 3.20
CA HIS H 156 2.87 -8.76 3.65
C HIS H 156 1.45 -9.27 3.43
N VAL H 157 1.00 -10.18 4.28
CA VAL H 157 -0.31 -10.79 4.12
C VAL H 157 -1.05 -10.82 5.46
N GLU H 158 -2.38 -10.81 5.37
CA GLU H 158 -3.26 -11.01 6.51
C GLU H 158 -4.32 -12.01 6.09
N LEU H 159 -4.32 -13.18 6.72
CA LEU H 159 -5.29 -14.23 6.41
C LEU H 159 -6.39 -14.23 7.47
N SER H 160 -7.63 -14.42 7.01
CA SER H 160 -8.75 -14.47 7.93
C SER H 160 -9.77 -15.47 7.39
N TRP H 161 -10.54 -16.06 8.32
CA TRP H 161 -11.62 -16.98 7.99
C TRP H 161 -12.96 -16.29 8.18
N TRP H 162 -13.91 -16.63 7.31
CA TRP H 162 -15.23 -16.03 7.32
C TRP H 162 -16.27 -17.14 7.24
N VAL H 163 -17.04 -17.31 8.31
CA VAL H 163 -18.09 -18.32 8.38
C VAL H 163 -19.43 -17.59 8.33
N ASN H 164 -20.20 -17.86 7.28
CA ASN H 164 -21.52 -17.25 7.10
C ASN H 164 -21.45 -15.73 7.13
N GLY H 165 -20.43 -15.18 6.48
CA GLY H 165 -20.27 -13.74 6.37
C GLY H 165 -19.63 -13.06 7.55
N LYS H 166 -19.39 -13.76 8.64
CA LYS H 166 -18.77 -13.19 9.83
C LYS H 166 -17.37 -13.76 10.02
N GLU H 167 -16.42 -12.91 10.35
CA GLU H 167 -15.07 -13.38 10.63
C GLU H 167 -15.04 -14.15 11.94
N VAL H 168 -14.31 -15.25 11.96
CA VAL H 168 -14.22 -16.09 13.14
C VAL H 168 -12.75 -16.29 13.51
N HIS H 169 -12.51 -16.52 14.80
CA HIS H 169 -11.18 -16.85 15.31
CA HIS H 169 -11.18 -16.86 15.29
C HIS H 169 -11.15 -18.13 16.14
N SER H 170 -12.26 -18.54 16.74
CA SER H 170 -12.28 -19.80 17.47
C SER H 170 -12.17 -20.98 16.50
N GLY H 171 -11.36 -21.97 16.86
CA GLY H 171 -11.07 -23.11 16.01
C GLY H 171 -10.15 -22.82 14.84
N VAL H 172 -9.47 -21.68 14.84
CA VAL H 172 -8.61 -21.24 13.74
C VAL H 172 -7.18 -21.21 14.25
N CYS H 173 -6.25 -21.71 13.42
CA CYS H 173 -4.81 -21.62 13.67
CA CYS H 173 -4.83 -21.56 13.68
C CYS H 173 -4.12 -21.40 12.34
N THR H 174 -3.35 -20.32 12.23
CA THR H 174 -2.57 -19.94 11.07
C THR H 174 -1.10 -20.03 11.46
N ASP H 175 -0.25 -20.52 10.56
CA ASP H 175 1.18 -20.55 10.80
C ASP H 175 1.67 -19.18 11.24
N PRO H 176 2.36 -19.07 12.39
CA PRO H 176 2.89 -17.77 12.81
C PRO H 176 3.95 -17.21 11.87
N GLN H 177 4.67 -18.09 11.19
CA GLN H 177 5.71 -17.67 10.24
C GLN H 177 5.45 -18.31 8.89
N PRO H 178 5.65 -17.57 7.80
CA PRO H 178 5.47 -18.16 6.47
C PRO H 178 6.56 -19.17 6.17
N LEU H 179 6.37 -19.88 5.06
CA LEU H 179 7.26 -20.95 4.63
C LEU H 179 7.95 -20.51 3.34
N LYS H 180 9.28 -20.55 3.33
CA LYS H 180 10.02 -20.28 2.11
C LYS H 180 9.88 -21.46 1.15
N GLU H 181 9.29 -21.21 -0.02
CA GLU H 181 9.10 -22.28 -1.00
C GLU H 181 10.43 -22.79 -1.53
N GLN H 182 11.43 -21.92 -1.66
CA GLN H 182 12.79 -22.30 -2.05
C GLN H 182 13.73 -21.74 -0.98
N PRO H 183 14.01 -22.50 0.07
CA PRO H 183 14.76 -21.96 1.21
C PRO H 183 16.16 -21.45 0.85
N ALA H 184 16.76 -21.97 -0.22
CA ALA H 184 18.11 -21.56 -0.57
C ALA H 184 18.15 -20.15 -1.13
N LEU H 185 17.20 -19.82 -2.01
CA LEU H 185 17.21 -18.51 -2.67
C LEU H 185 16.85 -17.41 -1.67
N ASN H 186 17.45 -16.23 -1.89
CA ASN H 186 17.27 -15.13 -0.96
C ASN H 186 15.94 -14.41 -1.16
N ASP H 187 15.45 -14.33 -2.40
CA ASP H 187 14.17 -13.69 -2.71
C ASP H 187 13.07 -14.72 -2.95
N SER H 188 13.03 -15.77 -2.13
CA SER H 188 12.07 -16.85 -2.33
C SER H 188 10.65 -16.39 -2.03
N ARG H 189 9.71 -16.83 -2.86
CA ARG H 189 8.30 -16.60 -2.57
C ARG H 189 7.86 -17.46 -1.40
N TYR H 190 6.76 -17.07 -0.77
CA TYR H 190 6.35 -17.65 0.49
C TYR H 190 5.06 -18.46 0.35
N ALA H 191 4.85 -19.36 1.33
CA ALA H 191 3.61 -20.11 1.47
C ALA H 191 3.14 -20.00 2.91
N LEU H 192 1.83 -19.97 3.09
CA LEU H 192 1.22 -19.85 4.40
C LEU H 192 0.01 -20.77 4.45
N SER H 193 -0.15 -21.50 5.55
CA SER H 193 -1.25 -22.42 5.72
C SER H 193 -2.06 -22.03 6.95
N SER H 194 -3.37 -22.32 6.90
CA SER H 194 -4.27 -22.09 8.02
C SER H 194 -5.31 -23.19 8.05
N ARG H 195 -5.79 -23.51 9.25
CA ARG H 195 -6.83 -24.49 9.46
C ARG H 195 -7.98 -23.88 10.25
N LEU H 196 -9.20 -24.29 9.90
CA LEU H 196 -10.40 -24.02 10.67
C LEU H 196 -11.04 -25.36 10.98
N ARG H 197 -11.24 -25.65 12.27
CA ARG H 197 -11.83 -26.91 12.69
C ARG H 197 -13.19 -26.63 13.32
N VAL H 198 -14.22 -27.30 12.81
CA VAL H 198 -15.57 -27.18 13.36
C VAL H 198 -16.05 -28.58 13.72
N SER H 199 -17.20 -28.63 14.37
CA SER H 199 -17.84 -29.91 14.62
C SER H 199 -18.33 -30.51 13.31
N ALA H 200 -18.49 -31.84 13.30
CA ALA H 200 -19.03 -32.52 12.13
C ALA H 200 -20.44 -32.03 11.83
N THR H 201 -21.24 -31.78 12.86
CA THR H 201 -22.62 -31.34 12.63
C THR H 201 -22.67 -29.95 12.01
N PHE H 202 -21.75 -29.07 12.40
CA PHE H 202 -21.70 -27.75 11.77
C PHE H 202 -21.26 -27.86 10.32
N TRP H 203 -20.30 -28.73 10.03
CA TRP H 203 -19.87 -28.91 8.64
C TRP H 203 -20.95 -29.56 7.80
N GLN H 204 -21.76 -30.44 8.40
CA GLN H 204 -22.75 -31.20 7.65
C GLN H 204 -24.05 -30.42 7.41
N ASN H 205 -24.15 -29.19 7.87
CA ASN H 205 -25.26 -28.30 7.52
C ASN H 205 -24.97 -27.70 6.15
N PRO H 206 -25.78 -28.04 5.13
CA PRO H 206 -25.43 -27.65 3.76
C PRO H 206 -25.54 -26.16 3.49
N ARG H 207 -26.09 -25.38 4.41
CA ARG H 207 -26.24 -23.94 4.21
CA ARG H 207 -26.25 -23.95 4.22
C ARG H 207 -25.19 -23.13 4.95
N ASN H 208 -24.20 -23.79 5.56
CA ASN H 208 -23.10 -23.07 6.19
C ASN H 208 -22.02 -22.75 5.17
N HIS H 209 -21.57 -21.50 5.16
CA HIS H 209 -20.62 -21.01 4.17
C HIS H 209 -19.28 -20.70 4.84
N PHE H 210 -18.20 -21.16 4.20
CA PHE H 210 -16.85 -20.98 4.72
C PHE H 210 -16.01 -20.25 3.66
N ARG H 211 -15.24 -19.26 4.09
CA ARG H 211 -14.40 -18.50 3.16
CA ARG H 211 -14.40 -18.50 3.17
C ARG H 211 -13.08 -18.14 3.83
N CYS H 212 -11.99 -18.39 3.13
CA CYS H 212 -10.66 -17.95 3.49
CA CYS H 212 -10.70 -17.89 3.55
C CYS H 212 -10.34 -16.67 2.73
N GLN H 213 -9.72 -15.71 3.39
CA GLN H 213 -9.46 -14.41 2.78
C GLN H 213 -8.06 -13.95 3.14
N VAL H 214 -7.26 -13.61 2.12
CA VAL H 214 -5.90 -13.15 2.32
C VAL H 214 -5.80 -11.74 1.75
N GLN H 215 -5.56 -10.76 2.62
CA GLN H 215 -5.25 -9.41 2.20
C GLN H 215 -3.77 -9.32 1.88
N PHE H 216 -3.44 -8.95 0.65
CA PHE H 216 -2.06 -8.77 0.21
C PHE H 216 -1.77 -7.29 0.09
N TYR H 217 -0.62 -6.86 0.60
CA TYR H 217 -0.18 -5.48 0.49
C TYR H 217 0.96 -5.43 -0.52
N GLY H 218 0.72 -4.73 -1.63
CA GLY H 218 1.67 -4.71 -2.72
C GLY H 218 1.84 -3.33 -3.33
N LEU H 219 1.84 -3.27 -4.67
CA LEU H 219 2.08 -2.01 -5.34
C LEU H 219 0.83 -1.14 -5.33
N SER H 220 1.03 0.14 -5.65
CA SER H 220 -0.03 1.11 -5.77
C SER H 220 0.05 1.77 -7.14
N GLU H 221 -0.79 2.80 -7.34
CA GLU H 221 -0.91 3.43 -8.65
C GLU H 221 0.40 4.05 -9.11
N ASN H 222 1.15 4.67 -8.20
CA ASN H 222 2.36 5.39 -8.57
C ASN H 222 3.56 4.48 -8.83
N ASP H 223 3.48 3.20 -8.45
CA ASP H 223 4.59 2.29 -8.70
C ASP H 223 4.65 1.92 -10.17
N GLU H 224 5.86 1.96 -10.75
CA GLU H 224 6.04 1.65 -12.15
C GLU H 224 6.03 0.14 -12.37
N TRP H 225 5.30 -0.32 -13.38
CA TRP H 225 5.23 -1.73 -13.70
C TRP H 225 5.54 -1.92 -15.17
N THR H 226 6.44 -2.85 -15.48
CA THR H 226 6.87 -3.10 -16.86
C THR H 226 6.88 -4.57 -17.22
N GLN H 227 6.37 -5.44 -16.35
CA GLN H 227 6.40 -6.88 -16.65
C GLN H 227 5.19 -7.27 -17.49
N ASP H 228 5.27 -8.46 -18.08
CA ASP H 228 4.17 -8.94 -18.92
C ASP H 228 3.01 -9.46 -18.09
N ARG H 229 3.26 -9.92 -16.87
CA ARG H 229 2.17 -10.38 -16.02
C ARG H 229 1.43 -9.18 -15.43
N ALA H 230 0.37 -9.47 -14.68
CA ALA H 230 -0.46 -8.41 -14.10
C ALA H 230 0.29 -7.70 -12.99
N LYS H 231 0.00 -6.41 -12.84
CA LYS H 231 0.63 -5.60 -11.80
C LYS H 231 0.20 -6.07 -10.43
N PRO H 232 1.12 -6.47 -9.54
CA PRO H 232 0.75 -7.05 -8.23
C PRO H 232 0.37 -5.98 -7.20
N VAL H 233 -0.78 -5.35 -7.44
CA VAL H 233 -1.28 -4.28 -6.58
C VAL H 233 -1.81 -4.85 -5.28
N THR H 234 -1.98 -4.00 -4.27
CA THR H 234 -2.68 -4.39 -3.06
C THR H 234 -4.07 -4.92 -3.40
N GLN H 235 -4.42 -6.08 -2.85
CA GLN H 235 -5.65 -6.76 -3.27
C GLN H 235 -6.02 -7.82 -2.25
N ILE H 236 -7.27 -8.27 -2.35
CA ILE H 236 -7.82 -9.33 -1.53
C ILE H 236 -8.07 -10.55 -2.42
N VAL H 237 -7.48 -11.68 -2.06
CA VAL H 237 -7.66 -12.94 -2.77
C VAL H 237 -8.32 -13.92 -1.81
N SER H 238 -9.38 -14.58 -2.27
CA SER H 238 -10.16 -15.43 -1.38
C SER H 238 -10.57 -16.71 -2.10
N ALA H 239 -10.95 -17.71 -1.30
CA ALA H 239 -11.56 -18.92 -1.80
C ALA H 239 -12.57 -19.41 -0.77
N GLU H 240 -13.58 -20.14 -1.23
CA GLU H 240 -14.72 -20.47 -0.39
C GLU H 240 -15.04 -21.97 -0.46
N ALA H 241 -15.94 -22.38 0.44
CA ALA H 241 -16.46 -23.74 0.47
C ALA H 241 -17.78 -23.74 1.22
N TRP H 242 -18.67 -24.63 0.82
CA TRP H 242 -19.97 -24.79 1.47
C TRP H 242 -20.00 -26.09 2.25
N GLY H 243 -20.79 -26.10 3.33
CA GLY H 243 -21.01 -27.33 4.06
C GLY H 243 -21.59 -28.41 3.19
N ARG H 244 -21.27 -29.66 3.51
CA ARG H 244 -21.65 -30.80 2.69
C ARG H 244 -22.49 -31.75 3.54
N ALA H 245 -23.73 -31.97 3.12
CA ALA H 245 -24.60 -32.90 3.82
C ALA H 245 -24.16 -34.34 3.61
N ASP H 246 -24.04 -34.75 2.36
CA ASP H 246 -23.60 -36.11 2.02
C ASP H 246 -22.81 -36.12 0.73
#